data_2L7P
#
_entry.id   2L7P
#
loop_
_entity.id
_entity.type
_entity.pdbx_description
1 polymer 'Histone-lysine N-methyltransferase ASHH2'
2 non-polymer 'ZINC ION'
#
_entity_poly.entity_id   1
_entity_poly.type   'polypeptide(L)'
_entity_poly.pdbx_seq_one_letter_code
;GSRRASVGSEFMVVDVTIEDSYSTESAWVRCDDCFKWRRIPASVVGSIDESSRWICMNNSDKRFADCSKSQEMSNEEINE
ELGIGQDEADAYDCDAAKRG
;
_entity_poly.pdbx_strand_id   A
#
loop_
_chem_comp.id
_chem_comp.type
_chem_comp.name
_chem_comp.formula
ZN non-polymer 'ZINC ION' 'Zn 2'
#
# COMPACT_ATOMS: atom_id res chain seq x y z
N GLY A 1 12.42 -18.08 43.41
CA GLY A 1 11.89 -17.68 42.12
C GLY A 1 12.80 -18.03 40.98
N SER A 2 12.30 -18.86 40.06
CA SER A 2 13.09 -19.29 38.90
C SER A 2 12.77 -18.43 37.68
N ARG A 3 13.03 -17.13 37.79
CA ARG A 3 12.77 -16.20 36.70
C ARG A 3 13.52 -16.64 35.44
N ARG A 4 12.81 -16.61 34.31
CA ARG A 4 13.39 -17.00 33.03
C ARG A 4 12.82 -16.17 31.89
N ALA A 5 13.69 -15.70 31.01
CA ALA A 5 13.28 -14.89 29.86
C ALA A 5 13.94 -15.36 28.58
N SER A 6 13.54 -14.78 27.46
CA SER A 6 14.09 -15.15 26.16
C SER A 6 13.55 -14.24 25.06
N VAL A 7 13.99 -14.48 23.84
CA VAL A 7 13.56 -13.68 22.69
C VAL A 7 13.51 -14.52 21.42
N GLY A 8 13.04 -13.91 20.33
CA GLY A 8 12.95 -14.61 19.07
C GLY A 8 14.21 -14.47 18.23
N SER A 9 14.07 -14.63 16.92
CA SER A 9 15.21 -14.52 16.02
C SER A 9 14.81 -13.81 14.73
N GLU A 10 15.71 -13.82 13.75
CA GLU A 10 15.45 -13.17 12.48
C GLU A 10 15.54 -14.17 11.33
N PHE A 11 14.45 -14.32 10.59
CA PHE A 11 14.40 -15.24 9.47
C PHE A 11 13.19 -14.97 8.58
N MET A 12 13.37 -15.12 7.28
CA MET A 12 12.29 -14.88 6.33
C MET A 12 12.62 -15.49 4.97
N VAL A 13 11.68 -15.40 4.04
CA VAL A 13 11.87 -15.94 2.70
C VAL A 13 12.52 -14.92 1.78
N VAL A 14 12.88 -15.35 0.57
CA VAL A 14 13.52 -14.46 -0.40
C VAL A 14 12.85 -14.58 -1.77
N ASP A 15 12.42 -13.45 -2.31
CA ASP A 15 11.78 -13.43 -3.61
C ASP A 15 12.81 -13.39 -4.74
N VAL A 16 12.35 -13.15 -5.96
CA VAL A 16 13.23 -13.07 -7.11
C VAL A 16 12.72 -12.06 -8.13
N THR A 17 11.93 -11.10 -7.66
CA THR A 17 11.37 -10.07 -8.53
C THR A 17 11.34 -8.72 -7.82
N ILE A 18 11.02 -7.67 -8.56
CA ILE A 18 10.95 -6.32 -8.02
C ILE A 18 9.60 -6.07 -7.36
N GLU A 19 9.55 -5.07 -6.48
CA GLU A 19 8.32 -4.73 -5.78
C GLU A 19 7.31 -4.09 -6.73
N ASP A 20 6.59 -4.92 -7.47
CA ASP A 20 5.59 -4.45 -8.42
C ASP A 20 4.55 -5.51 -8.69
N SER A 21 4.40 -6.45 -7.76
CA SER A 21 3.44 -7.54 -7.91
C SER A 21 3.45 -8.45 -6.69
N TYR A 22 2.76 -8.02 -5.64
CA TYR A 22 2.69 -8.79 -4.40
C TYR A 22 1.48 -9.71 -4.40
N SER A 23 1.33 -10.50 -3.34
CA SER A 23 0.22 -11.43 -3.22
C SER A 23 0.16 -12.37 -4.42
N THR A 24 -0.87 -13.22 -4.46
CA THR A 24 -1.04 -14.16 -5.56
C THR A 24 -2.04 -13.64 -6.58
N GLU A 25 -3.33 -13.69 -6.21
CA GLU A 25 -4.38 -13.22 -7.10
C GLU A 25 -4.63 -11.72 -6.92
N SER A 26 -5.28 -11.36 -5.83
CA SER A 26 -5.58 -9.97 -5.54
C SER A 26 -4.29 -9.15 -5.42
N ALA A 27 -4.37 -7.87 -5.79
CA ALA A 27 -3.22 -6.98 -5.73
C ALA A 27 -3.53 -5.75 -4.88
N TRP A 28 -2.49 -5.01 -4.52
CA TRP A 28 -2.65 -3.80 -3.72
C TRP A 28 -2.43 -2.55 -4.57
N VAL A 29 -3.32 -1.57 -4.39
CA VAL A 29 -3.22 -0.31 -5.14
C VAL A 29 -3.39 0.88 -4.22
N ARG A 30 -2.60 1.93 -4.47
CA ARG A 30 -2.65 3.14 -3.66
C ARG A 30 -3.35 4.27 -4.42
N CYS A 31 -4.12 5.07 -3.71
CA CYS A 31 -4.84 6.19 -4.31
C CYS A 31 -3.89 7.35 -4.60
N ASP A 32 -4.04 7.96 -5.78
CA ASP A 32 -3.20 9.08 -6.17
C ASP A 32 -3.88 10.41 -5.86
N ASP A 33 -4.63 10.44 -4.76
CA ASP A 33 -5.32 11.65 -4.34
C ASP A 33 -5.29 11.81 -2.83
N CYS A 34 -5.51 10.71 -2.12
CA CYS A 34 -5.50 10.73 -0.66
C CYS A 34 -4.43 9.79 -0.11
N PHE A 35 -3.83 9.00 -0.99
CA PHE A 35 -2.79 8.07 -0.59
C PHE A 35 -3.33 7.03 0.39
N LYS A 36 -4.22 6.17 -0.11
CA LYS A 36 -4.81 5.12 0.72
C LYS A 36 -4.72 3.77 0.04
N TRP A 37 -4.40 2.73 0.81
CA TRP A 37 -4.29 1.38 0.28
C TRP A 37 -5.66 0.81 -0.08
N ARG A 38 -5.72 0.06 -1.17
CA ARG A 38 -6.97 -0.54 -1.61
C ARG A 38 -6.72 -1.90 -2.25
N ARG A 39 -7.40 -2.93 -1.73
CA ARG A 39 -7.25 -4.28 -2.25
C ARG A 39 -8.19 -4.51 -3.44
N ILE A 40 -7.61 -4.90 -4.57
CA ILE A 40 -8.38 -5.16 -5.77
C ILE A 40 -8.07 -6.54 -6.35
N PRO A 41 -9.04 -7.12 -7.06
CA PRO A 41 -8.89 -8.44 -7.68
C PRO A 41 -7.91 -8.42 -8.86
N ALA A 42 -7.35 -9.58 -9.17
CA ALA A 42 -6.40 -9.69 -10.27
C ALA A 42 -7.07 -9.46 -11.61
N SER A 43 -8.41 -9.45 -11.60
CA SER A 43 -9.18 -9.25 -12.82
C SER A 43 -9.17 -7.77 -13.22
N VAL A 44 -9.25 -6.90 -12.22
CA VAL A 44 -9.25 -5.46 -12.47
C VAL A 44 -7.84 -4.89 -12.42
N VAL A 45 -6.98 -5.51 -11.63
CA VAL A 45 -5.60 -5.07 -11.50
C VAL A 45 -4.91 -4.99 -12.86
N GLY A 46 -5.41 -5.79 -13.81
CA GLY A 46 -4.83 -5.79 -15.14
C GLY A 46 -5.63 -4.97 -16.12
N SER A 47 -6.42 -4.03 -15.61
CA SER A 47 -7.24 -3.17 -16.45
C SER A 47 -7.14 -1.72 -16.00
N ILE A 48 -7.13 -1.50 -14.69
CA ILE A 48 -7.03 -0.15 -14.14
C ILE A 48 -5.65 0.45 -14.40
N ASP A 49 -4.66 -0.41 -14.61
CA ASP A 49 -3.30 0.03 -14.86
C ASP A 49 -3.13 0.44 -16.32
N GLU A 50 -3.94 1.40 -16.76
CA GLU A 50 -3.88 1.87 -18.14
C GLU A 50 -3.16 3.23 -18.22
N SER A 51 -3.05 3.89 -17.07
CA SER A 51 -2.39 5.20 -17.01
C SER A 51 -1.44 5.26 -15.82
N SER A 52 -1.23 4.12 -15.16
CA SER A 52 -0.34 4.05 -14.01
C SER A 52 -0.89 4.89 -12.86
N ARG A 53 -2.19 5.12 -12.87
CA ARG A 53 -2.84 5.92 -11.82
C ARG A 53 -4.15 5.27 -11.39
N TRP A 54 -4.37 5.21 -10.08
CA TRP A 54 -5.59 4.62 -9.53
C TRP A 54 -6.11 5.45 -8.37
N ILE A 55 -7.44 5.52 -8.24
CA ILE A 55 -8.07 6.27 -7.17
C ILE A 55 -9.23 5.50 -6.56
N CYS A 56 -9.69 5.95 -5.40
CA CYS A 56 -10.79 5.29 -4.70
C CYS A 56 -12.03 5.23 -5.60
N MET A 57 -12.41 6.38 -6.15
CA MET A 57 -13.57 6.47 -7.04
C MET A 57 -13.41 5.54 -8.23
N ASN A 58 -12.18 5.16 -8.52
CA ASN A 58 -11.89 4.27 -9.65
C ASN A 58 -12.04 2.82 -9.25
N ASN A 59 -12.20 2.58 -7.94
CA ASN A 59 -12.36 1.22 -7.42
C ASN A 59 -13.53 0.52 -8.09
N SER A 60 -13.50 -0.81 -8.09
CA SER A 60 -14.56 -1.60 -8.70
C SER A 60 -15.78 -1.66 -7.79
N ASP A 61 -15.54 -1.52 -6.49
CA ASP A 61 -16.63 -1.57 -5.51
C ASP A 61 -17.54 -0.36 -5.66
N LYS A 62 -18.48 -0.22 -4.73
CA LYS A 62 -19.42 0.90 -4.76
C LYS A 62 -19.45 1.62 -3.41
N ARG A 63 -19.35 0.86 -2.34
CA ARG A 63 -19.36 1.42 -0.99
C ARG A 63 -17.96 1.86 -0.57
N PHE A 64 -16.95 1.28 -1.22
CA PHE A 64 -15.57 1.61 -0.92
C PHE A 64 -14.87 2.22 -2.13
N ALA A 65 -15.66 2.79 -3.04
CA ALA A 65 -15.12 3.41 -4.24
C ALA A 65 -15.26 4.92 -4.18
N ASP A 66 -14.51 5.55 -3.29
CA ASP A 66 -14.55 6.99 -3.14
C ASP A 66 -13.54 7.46 -2.09
N CYS A 67 -12.92 8.61 -2.34
CA CYS A 67 -11.93 9.17 -1.43
C CYS A 67 -12.56 9.51 -0.09
N SER A 68 -13.87 9.77 -0.10
CA SER A 68 -14.60 10.11 1.11
C SER A 68 -14.77 8.88 2.01
N LYS A 69 -14.77 7.71 1.41
CA LYS A 69 -14.92 6.46 2.15
C LYS A 69 -13.73 6.23 3.06
N SER A 70 -13.72 5.08 3.74
CA SER A 70 -12.65 4.74 4.65
C SER A 70 -11.74 3.67 4.06
N GLN A 71 -10.69 3.30 4.80
CA GLN A 71 -9.76 2.28 4.33
C GLN A 71 -10.37 0.89 4.46
N GLU A 72 -9.76 -0.07 3.76
CA GLU A 72 -10.24 -1.45 3.79
C GLU A 72 -9.57 -2.24 4.91
N MET A 73 -8.28 -2.01 5.10
CA MET A 73 -7.52 -2.69 6.14
C MET A 73 -6.59 -1.72 6.87
N SER A 74 -6.05 -2.17 8.00
CA SER A 74 -5.15 -1.34 8.79
C SER A 74 -3.73 -1.39 8.24
N ASN A 75 -2.97 -0.32 8.44
CA ASN A 75 -1.60 -0.25 7.97
C ASN A 75 -0.81 -1.49 8.38
N GLU A 76 -1.00 -1.91 9.62
CA GLU A 76 -0.31 -3.08 10.15
C GLU A 76 -0.63 -4.32 9.32
N GLU A 77 -1.92 -4.53 9.05
CA GLU A 77 -2.35 -5.68 8.27
C GLU A 77 -1.75 -5.65 6.87
N ILE A 78 -1.77 -4.48 6.24
CA ILE A 78 -1.22 -4.32 4.91
C ILE A 78 0.28 -4.53 4.90
N ASN A 79 0.97 -3.93 5.88
CA ASN A 79 2.41 -4.06 5.99
C ASN A 79 2.83 -5.51 6.13
N GLU A 80 2.09 -6.26 6.95
CA GLU A 80 2.38 -7.67 7.17
C GLU A 80 1.93 -8.51 5.99
N GLU A 81 0.91 -8.04 5.29
CA GLU A 81 0.36 -8.75 4.14
C GLU A 81 1.40 -8.80 3.00
N LEU A 82 1.92 -7.63 2.64
CA LEU A 82 2.90 -7.53 1.57
C LEU A 82 4.30 -7.86 2.10
N GLY A 83 4.53 -7.57 3.37
CA GLY A 83 5.82 -7.83 3.98
C GLY A 83 6.78 -6.67 3.83
N ILE A 84 6.24 -5.46 3.85
CA ILE A 84 7.07 -4.27 3.71
C ILE A 84 7.25 -3.55 5.05
N GLY A 85 7.90 -2.40 5.02
CA GLY A 85 8.13 -1.65 6.24
C GLY A 85 7.43 -0.30 6.23
N GLN A 86 6.11 -0.32 6.41
CA GLN A 86 5.33 0.90 6.42
C GLN A 86 5.68 1.77 7.63
N ASP A 87 5.29 3.04 7.56
CA ASP A 87 5.57 3.97 8.65
C ASP A 87 7.07 4.05 8.93
N GLU A 88 7.75 4.92 8.19
CA GLU A 88 9.19 5.10 8.35
C GLU A 88 9.52 5.56 9.77
N ALA A 89 8.94 6.69 10.16
CA ALA A 89 9.18 7.26 11.49
C ALA A 89 10.67 7.44 11.75
N ASP A 90 11.01 7.77 12.99
CA ASP A 90 12.40 7.97 13.37
C ASP A 90 13.25 6.76 13.01
N ALA A 91 12.71 5.58 13.21
CA ALA A 91 13.42 4.34 12.90
C ALA A 91 14.67 4.19 13.76
N TYR A 92 14.75 4.97 14.83
CA TYR A 92 15.89 4.93 15.72
C TYR A 92 15.89 3.66 16.55
N ASP A 93 16.97 2.89 16.44
CA ASP A 93 17.09 1.63 17.17
C ASP A 93 18.56 1.22 17.29
N CYS A 94 18.81 0.12 18.00
CA CYS A 94 20.16 -0.38 18.18
C CYS A 94 20.69 -1.00 16.89
N ASP A 95 22.00 -0.89 16.68
CA ASP A 95 22.64 -1.44 15.49
C ASP A 95 24.15 -1.42 15.63
N ALA A 96 24.63 -1.62 16.86
CA ALA A 96 26.07 -1.62 17.13
C ALA A 96 26.78 -2.65 16.25
N ALA A 97 26.10 -3.75 15.96
CA ALA A 97 26.66 -4.80 15.13
C ALA A 97 26.99 -4.30 13.73
N LYS A 98 26.20 -3.35 13.26
CA LYS A 98 26.41 -2.77 11.93
C LYS A 98 26.40 -3.86 10.85
N ARG A 99 26.59 -3.45 9.61
CA ARG A 99 26.62 -4.39 8.50
C ARG A 99 27.76 -5.38 8.64
N GLY A 100 28.99 -4.90 8.44
CA GLY A 100 30.16 -5.75 8.54
C GLY A 100 31.10 -5.61 7.37
ZN ZN B . -8.60 8.26 -2.41
N GLY A 1 34.65 -36.05 8.99
CA GLY A 1 33.37 -35.75 8.37
C GLY A 1 33.52 -35.30 6.93
N SER A 2 32.82 -34.24 6.57
CA SER A 2 32.87 -33.70 5.22
C SER A 2 32.16 -32.36 5.13
N ARG A 3 32.11 -31.79 3.93
CA ARG A 3 31.47 -30.50 3.71
C ARG A 3 31.02 -30.36 2.26
N ARG A 4 29.94 -29.61 2.05
CA ARG A 4 29.41 -29.40 0.71
C ARG A 4 28.61 -28.09 0.65
N ALA A 5 28.26 -27.68 -0.57
CA ALA A 5 27.49 -26.46 -0.76
C ALA A 5 26.00 -26.74 -0.76
N SER A 6 25.20 -25.68 -0.93
CA SER A 6 23.75 -25.81 -0.95
C SER A 6 23.11 -24.70 -1.77
N VAL A 7 22.18 -25.07 -2.64
CA VAL A 7 21.49 -24.11 -3.50
C VAL A 7 20.07 -24.57 -3.81
N GLY A 8 19.37 -23.78 -4.61
CA GLY A 8 18.00 -24.13 -4.98
C GLY A 8 17.94 -25.05 -6.17
N SER A 9 17.33 -24.58 -7.25
CA SER A 9 17.19 -25.38 -8.47
C SER A 9 16.45 -24.61 -9.55
N GLU A 10 15.49 -23.79 -9.14
CA GLU A 10 14.70 -22.99 -10.07
C GLU A 10 13.90 -23.89 -11.02
N PHE A 11 12.90 -23.31 -11.67
CA PHE A 11 12.06 -24.05 -12.60
C PHE A 11 11.32 -23.11 -13.53
N MET A 12 11.57 -23.26 -14.83
CA MET A 12 10.92 -22.43 -15.84
C MET A 12 11.24 -20.95 -15.60
N VAL A 13 10.71 -20.09 -16.46
CA VAL A 13 10.94 -18.65 -16.34
C VAL A 13 9.69 -17.86 -16.75
N VAL A 14 9.53 -16.68 -16.15
CA VAL A 14 8.38 -15.83 -16.45
C VAL A 14 8.81 -14.63 -17.28
N ASP A 15 7.86 -13.71 -17.49
CA ASP A 15 8.13 -12.50 -18.26
C ASP A 15 9.18 -11.63 -17.56
N VAL A 16 9.36 -10.42 -18.08
CA VAL A 16 10.33 -9.49 -17.50
C VAL A 16 9.66 -8.56 -16.50
N THR A 17 8.51 -8.97 -16.00
CA THR A 17 7.76 -8.17 -15.02
C THR A 17 7.93 -8.72 -13.61
N ILE A 18 8.36 -7.86 -12.70
CA ILE A 18 8.57 -8.26 -11.32
C ILE A 18 7.75 -7.39 -10.37
N GLU A 19 7.45 -7.93 -9.19
CA GLU A 19 6.68 -7.20 -8.19
C GLU A 19 5.40 -6.62 -8.81
N ASP A 20 4.77 -7.39 -9.68
CA ASP A 20 3.55 -6.96 -10.34
C ASP A 20 2.36 -7.83 -9.94
N SER A 21 2.45 -8.40 -8.74
CA SER A 21 1.39 -9.27 -8.23
C SER A 21 1.73 -9.78 -6.82
N TYR A 22 1.07 -9.19 -5.83
CA TYR A 22 1.30 -9.57 -4.44
C TYR A 22 0.33 -10.67 -4.01
N SER A 23 0.74 -11.48 -3.05
CA SER A 23 -0.10 -12.57 -2.55
C SER A 23 -0.26 -13.66 -3.61
N THR A 24 -1.10 -13.39 -4.61
CA THR A 24 -1.35 -14.34 -5.67
C THR A 24 -2.29 -13.76 -6.72
N GLU A 25 -3.57 -13.69 -6.36
CA GLU A 25 -4.59 -13.15 -7.27
C GLU A 25 -4.77 -11.65 -7.04
N SER A 26 -5.45 -11.30 -5.96
CA SER A 26 -5.71 -9.91 -5.63
C SER A 26 -4.41 -9.13 -5.47
N ALA A 27 -4.44 -7.84 -5.76
CA ALA A 27 -3.26 -7.00 -5.63
C ALA A 27 -3.57 -5.75 -4.81
N TRP A 28 -2.51 -5.06 -4.38
CA TRP A 28 -2.67 -3.84 -3.59
C TRP A 28 -2.43 -2.61 -4.43
N VAL A 29 -3.32 -1.62 -4.30
CA VAL A 29 -3.19 -0.37 -5.05
C VAL A 29 -3.36 0.84 -4.14
N ARG A 30 -2.62 1.90 -4.44
CA ARG A 30 -2.69 3.12 -3.64
C ARG A 30 -3.36 4.24 -4.43
N CYS A 31 -4.15 5.06 -3.73
CA CYS A 31 -4.86 6.16 -4.36
C CYS A 31 -3.91 7.33 -4.64
N ASP A 32 -4.08 7.95 -5.79
CA ASP A 32 -3.24 9.08 -6.18
C ASP A 32 -3.93 10.40 -5.87
N ASP A 33 -4.68 10.43 -4.77
CA ASP A 33 -5.39 11.64 -4.36
C ASP A 33 -5.38 11.78 -2.84
N CYS A 34 -5.60 10.67 -2.14
CA CYS A 34 -5.61 10.67 -0.68
C CYS A 34 -4.51 9.78 -0.13
N PHE A 35 -3.90 8.99 -1.00
CA PHE A 35 -2.83 8.08 -0.59
C PHE A 35 -3.34 7.05 0.41
N LYS A 36 -4.14 6.10 -0.07
CA LYS A 36 -4.70 5.06 0.79
C LYS A 36 -4.63 3.70 0.10
N TRP A 37 -4.31 2.67 0.87
CA TRP A 37 -4.21 1.32 0.33
C TRP A 37 -5.60 0.76 0.01
N ARG A 38 -5.68 0.00 -1.08
CA ARG A 38 -6.96 -0.59 -1.49
C ARG A 38 -6.73 -1.95 -2.15
N ARG A 39 -7.42 -2.96 -1.65
CA ARG A 39 -7.29 -4.31 -2.18
C ARG A 39 -8.23 -4.51 -3.37
N ILE A 40 -7.64 -4.83 -4.53
CA ILE A 40 -8.42 -5.06 -5.74
C ILE A 40 -8.10 -6.41 -6.36
N PRO A 41 -9.07 -6.96 -7.09
CA PRO A 41 -8.92 -8.26 -7.75
C PRO A 41 -7.94 -8.21 -8.92
N ALA A 42 -7.36 -9.36 -9.27
CA ALA A 42 -6.41 -9.44 -10.36
C ALA A 42 -7.08 -9.17 -11.70
N SER A 43 -8.41 -9.17 -11.69
CA SER A 43 -9.18 -8.93 -12.92
C SER A 43 -9.18 -7.44 -13.27
N VAL A 44 -9.25 -6.59 -12.25
CA VAL A 44 -9.24 -5.15 -12.45
C VAL A 44 -7.83 -4.58 -12.39
N VAL A 45 -6.98 -5.22 -11.60
CA VAL A 45 -5.60 -4.79 -11.46
C VAL A 45 -4.90 -4.68 -12.81
N GLY A 46 -5.40 -5.46 -13.78
CA GLY A 46 -4.81 -5.44 -15.10
C GLY A 46 -5.59 -4.56 -16.07
N SER A 47 -6.35 -3.63 -15.53
CA SER A 47 -7.16 -2.72 -16.34
C SER A 47 -7.04 -1.28 -15.84
N ILE A 48 -7.07 -1.13 -14.52
CA ILE A 48 -6.97 0.19 -13.91
C ILE A 48 -5.54 0.73 -13.99
N ASP A 49 -4.59 -0.15 -14.30
CA ASP A 49 -3.20 0.23 -14.42
C ASP A 49 -2.86 0.60 -15.86
N GLU A 50 -3.88 0.90 -16.65
CA GLU A 50 -3.68 1.27 -18.05
C GLU A 50 -3.29 2.75 -18.17
N SER A 51 -3.69 3.54 -17.18
CA SER A 51 -3.38 4.97 -17.18
C SER A 51 -2.22 5.28 -16.25
N SER A 52 -1.61 4.23 -15.69
CA SER A 52 -0.48 4.39 -14.79
C SER A 52 -0.91 5.13 -13.52
N ARG A 53 -2.07 4.77 -12.99
CA ARG A 53 -2.59 5.39 -11.79
C ARG A 53 -3.87 4.70 -11.32
N TRP A 54 -4.36 5.10 -10.15
CA TRP A 54 -5.57 4.51 -9.60
C TRP A 54 -6.10 5.35 -8.43
N ILE A 55 -7.42 5.39 -8.30
CA ILE A 55 -8.05 6.16 -7.22
C ILE A 55 -9.19 5.38 -6.60
N CYS A 56 -9.67 5.86 -5.46
CA CYS A 56 -10.77 5.22 -4.74
C CYS A 56 -12.01 5.12 -5.63
N MET A 57 -12.40 6.25 -6.22
CA MET A 57 -13.56 6.30 -7.08
C MET A 57 -13.39 5.35 -8.27
N ASN A 58 -12.15 4.99 -8.56
CA ASN A 58 -11.85 4.09 -9.67
C ASN A 58 -11.96 2.63 -9.22
N ASN A 59 -12.09 2.42 -7.92
CA ASN A 59 -12.20 1.08 -7.37
C ASN A 59 -13.37 0.32 -8.00
N SER A 60 -13.19 -0.99 -8.19
CA SER A 60 -14.23 -1.81 -8.79
C SER A 60 -15.45 -1.89 -7.88
N ASP A 61 -15.23 -1.72 -6.58
CA ASP A 61 -16.31 -1.77 -5.60
C ASP A 61 -17.23 -0.55 -5.74
N LYS A 62 -18.12 -0.38 -4.77
CA LYS A 62 -19.04 0.74 -4.78
C LYS A 62 -19.06 1.45 -3.43
N ARG A 63 -19.28 0.68 -2.37
CA ARG A 63 -19.31 1.23 -1.02
C ARG A 63 -17.93 1.70 -0.59
N PHE A 64 -16.90 1.15 -1.23
CA PHE A 64 -15.52 1.50 -0.90
C PHE A 64 -14.82 2.11 -2.11
N ALA A 65 -15.61 2.65 -3.04
CA ALA A 65 -15.06 3.26 -4.25
C ALA A 65 -15.22 4.78 -4.21
N ASP A 66 -14.49 5.44 -3.32
CA ASP A 66 -14.56 6.88 -3.19
C ASP A 66 -13.54 7.38 -2.16
N CYS A 67 -12.96 8.53 -2.43
CA CYS A 67 -11.97 9.13 -1.53
C CYS A 67 -12.61 9.48 -0.19
N SER A 68 -13.92 9.72 -0.21
CA SER A 68 -14.64 10.07 1.00
C SER A 68 -14.76 8.87 1.94
N LYS A 69 -14.73 7.67 1.36
CA LYS A 69 -14.83 6.45 2.15
C LYS A 69 -13.56 6.21 2.96
N SER A 70 -13.64 5.32 3.94
CA SER A 70 -12.50 5.01 4.79
C SER A 70 -11.66 3.89 4.18
N GLN A 71 -10.61 3.51 4.89
CA GLN A 71 -9.71 2.45 4.41
C GLN A 71 -10.36 1.08 4.55
N GLU A 72 -9.80 0.09 3.87
CA GLU A 72 -10.32 -1.27 3.93
C GLU A 72 -9.64 -2.07 5.02
N MET A 73 -8.33 -1.88 5.16
CA MET A 73 -7.56 -2.59 6.19
C MET A 73 -6.61 -1.64 6.91
N SER A 74 -6.06 -2.09 8.03
CA SER A 74 -5.14 -1.27 8.81
C SER A 74 -3.74 -1.34 8.24
N ASN A 75 -2.98 -0.24 8.41
CA ASN A 75 -1.61 -0.18 7.91
C ASN A 75 -0.81 -1.40 8.34
N GLU A 76 -1.01 -1.83 9.58
CA GLU A 76 -0.30 -2.99 10.12
C GLU A 76 -0.63 -4.25 9.31
N GLU A 77 -1.93 -4.46 9.07
CA GLU A 77 -2.37 -5.62 8.32
C GLU A 77 -1.78 -5.62 6.92
N ILE A 78 -1.79 -4.45 6.27
CA ILE A 78 -1.26 -4.32 4.92
C ILE A 78 0.26 -4.54 4.90
N ASN A 79 0.95 -3.92 5.85
CA ASN A 79 2.40 -4.05 5.95
C ASN A 79 2.80 -5.51 6.11
N GLU A 80 2.08 -6.24 6.95
CA GLU A 80 2.36 -7.64 7.20
C GLU A 80 1.88 -8.51 6.03
N GLU A 81 0.84 -8.04 5.35
CA GLU A 81 0.29 -8.77 4.21
C GLU A 81 1.30 -8.84 3.07
N LEU A 82 1.83 -7.69 2.67
CA LEU A 82 2.80 -7.63 1.59
C LEU A 82 4.20 -7.97 2.10
N GLY A 83 4.44 -7.67 3.37
CA GLY A 83 5.74 -7.96 3.96
C GLY A 83 6.71 -6.80 3.82
N ILE A 84 6.18 -5.58 3.85
CA ILE A 84 7.00 -4.38 3.72
C ILE A 84 7.18 -3.68 5.06
N GLY A 85 7.84 -2.53 5.05
CA GLY A 85 8.05 -1.79 6.27
C GLY A 85 7.37 -0.43 6.26
N GLN A 86 6.07 -0.42 6.53
CA GLN A 86 5.31 0.82 6.54
C GLN A 86 5.63 1.65 7.78
N ASP A 87 5.26 2.92 7.74
CA ASP A 87 5.52 3.82 8.86
C ASP A 87 7.00 3.87 9.18
N GLU A 88 7.74 4.66 8.41
CA GLU A 88 9.18 4.79 8.62
C GLU A 88 9.49 5.20 10.06
N ALA A 89 8.97 6.34 10.47
CA ALA A 89 9.18 6.84 11.83
C ALA A 89 10.65 7.13 12.07
N ASP A 90 10.94 7.75 13.22
CA ASP A 90 12.32 8.09 13.57
C ASP A 90 13.11 6.83 13.95
N ALA A 91 12.39 5.77 14.28
CA ALA A 91 13.03 4.51 14.65
C ALA A 91 13.35 3.67 13.42
N TYR A 92 13.12 4.24 12.24
CA TYR A 92 13.38 3.53 10.99
C TYR A 92 14.78 2.96 10.97
N ASP A 93 15.06 2.10 9.99
CA ASP A 93 16.37 1.48 9.86
C ASP A 93 16.80 0.84 11.17
N CYS A 94 16.05 -0.16 11.62
CA CYS A 94 16.36 -0.85 12.86
C CYS A 94 15.93 -2.32 12.78
N ASP A 95 16.49 -3.06 11.84
CA ASP A 95 16.17 -4.46 11.67
C ASP A 95 14.70 -4.64 11.28
N ALA A 96 14.13 -3.60 10.66
CA ALA A 96 12.73 -3.64 10.24
C ALA A 96 12.54 -4.58 9.05
N ALA A 97 13.59 -4.73 8.25
CA ALA A 97 13.54 -5.60 7.08
C ALA A 97 13.05 -6.99 7.45
N LYS A 98 13.32 -7.40 8.69
CA LYS A 98 12.90 -8.71 9.17
C LYS A 98 12.49 -8.65 10.63
N ARG A 99 11.67 -7.66 10.97
CA ARG A 99 11.20 -7.49 12.34
C ARG A 99 10.29 -8.65 12.75
N GLY A 100 9.44 -9.09 11.82
CA GLY A 100 8.53 -10.19 12.11
C GLY A 100 8.53 -11.23 11.01
ZN ZN B . -8.61 8.26 -2.51
N GLY A 1 30.93 -22.26 39.07
CA GLY A 1 30.19 -23.38 38.50
C GLY A 1 28.95 -23.70 39.31
N SER A 2 28.06 -24.52 38.73
CA SER A 2 26.83 -24.90 39.40
C SER A 2 26.46 -26.35 39.05
N ARG A 3 26.23 -27.15 40.09
CA ARG A 3 25.87 -28.55 39.90
C ARG A 3 24.35 -28.73 39.88
N ARG A 4 23.77 -28.69 38.69
CA ARG A 4 22.32 -28.84 38.54
C ARG A 4 21.94 -29.08 37.08
N ALA A 5 20.64 -29.11 36.81
CA ALA A 5 20.16 -29.32 35.45
C ALA A 5 20.59 -28.20 34.52
N SER A 6 20.45 -28.43 33.22
CA SER A 6 20.82 -27.43 32.23
C SER A 6 19.89 -27.47 31.02
N VAL A 7 20.12 -26.59 30.06
CA VAL A 7 19.31 -26.54 28.85
C VAL A 7 20.03 -25.80 27.72
N GLY A 8 19.85 -26.28 26.50
CA GLY A 8 20.49 -25.66 25.36
C GLY A 8 19.78 -24.41 24.90
N SER A 9 18.65 -24.58 24.23
CA SER A 9 17.88 -23.44 23.73
C SER A 9 16.40 -23.77 23.67
N GLU A 10 15.58 -22.78 23.34
CA GLU A 10 14.14 -22.97 23.24
C GLU A 10 13.68 -22.98 21.79
N PHE A 11 12.37 -22.98 21.58
CA PHE A 11 11.80 -22.98 20.24
C PHE A 11 10.36 -22.47 20.26
N MET A 12 10.09 -21.50 19.40
CA MET A 12 8.75 -20.92 19.31
C MET A 12 8.20 -21.02 17.88
N VAL A 13 7.02 -20.47 17.67
CA VAL A 13 6.38 -20.50 16.36
C VAL A 13 7.22 -19.73 15.33
N VAL A 14 6.73 -19.67 14.10
CA VAL A 14 7.43 -18.98 13.03
C VAL A 14 6.45 -18.21 12.14
N ASP A 15 6.98 -17.59 11.09
CA ASP A 15 6.15 -16.82 10.16
C ASP A 15 5.48 -17.73 9.15
N VAL A 16 4.21 -17.46 8.85
CA VAL A 16 3.46 -18.25 7.90
C VAL A 16 2.33 -17.44 7.28
N THR A 17 2.49 -16.12 7.28
CA THR A 17 1.48 -15.23 6.71
C THR A 17 1.45 -15.33 5.19
N ILE A 18 0.34 -14.92 4.60
CA ILE A 18 0.19 -14.96 3.15
C ILE A 18 0.79 -13.72 2.50
N GLU A 19 1.17 -13.85 1.23
CA GLU A 19 1.76 -12.75 0.49
C GLU A 19 1.97 -13.11 -0.98
N ASP A 20 1.23 -12.44 -1.86
CA ASP A 20 1.34 -12.70 -3.30
C ASP A 20 1.35 -11.39 -4.07
N SER A 21 2.29 -11.28 -5.01
CA SER A 21 2.42 -10.08 -5.82
C SER A 21 1.88 -10.32 -7.23
N TYR A 22 2.12 -9.36 -8.11
CA TYR A 22 1.66 -9.47 -9.49
C TYR A 22 0.14 -9.66 -9.55
N SER A 23 -0.38 -9.93 -10.75
CA SER A 23 -1.80 -10.13 -10.94
C SER A 23 -2.15 -11.62 -10.95
N THR A 24 -2.91 -12.05 -9.96
CA THR A 24 -3.31 -13.45 -9.86
C THR A 24 -4.72 -13.58 -9.26
N GLU A 25 -4.92 -12.94 -8.11
CA GLU A 25 -6.21 -13.00 -7.43
C GLU A 25 -6.57 -11.63 -6.86
N SER A 26 -5.58 -10.96 -6.27
CA SER A 26 -5.79 -9.65 -5.67
C SER A 26 -4.47 -8.90 -5.52
N ALA A 27 -4.50 -7.61 -5.79
CA ALA A 27 -3.30 -6.78 -5.67
C ALA A 27 -3.58 -5.52 -4.85
N TRP A 28 -2.52 -4.90 -4.35
CA TRP A 28 -2.65 -3.69 -3.55
C TRP A 28 -2.40 -2.45 -4.39
N VAL A 29 -3.32 -1.48 -4.31
CA VAL A 29 -3.19 -0.24 -5.07
C VAL A 29 -3.35 0.97 -4.16
N ARG A 30 -2.61 2.03 -4.45
CA ARG A 30 -2.66 3.25 -3.66
C ARG A 30 -3.40 4.36 -4.42
N CYS A 31 -4.17 5.16 -3.70
CA CYS A 31 -4.93 6.25 -4.30
C CYS A 31 -4.01 7.43 -4.61
N ASP A 32 -4.25 8.07 -5.75
CA ASP A 32 -3.45 9.22 -6.16
C ASP A 32 -4.17 10.52 -5.83
N ASP A 33 -4.90 10.54 -4.73
CA ASP A 33 -5.64 11.72 -4.30
C ASP A 33 -5.60 11.87 -2.79
N CYS A 34 -5.77 10.76 -2.08
CA CYS A 34 -5.76 10.77 -0.62
C CYS A 34 -4.60 9.94 -0.08
N PHE A 35 -3.96 9.18 -0.97
CA PHE A 35 -2.83 8.33 -0.58
C PHE A 35 -3.27 7.30 0.45
N LYS A 36 -4.07 6.33 0.01
CA LYS A 36 -4.55 5.27 0.89
C LYS A 36 -4.51 3.92 0.19
N TRP A 37 -4.18 2.87 0.95
CA TRP A 37 -4.11 1.53 0.40
C TRP A 37 -5.50 0.99 0.10
N ARG A 38 -5.61 0.24 -0.99
CA ARG A 38 -6.89 -0.34 -1.40
C ARG A 38 -6.68 -1.71 -2.05
N ARG A 39 -7.36 -2.71 -1.51
CA ARG A 39 -7.25 -4.07 -2.03
C ARG A 39 -8.22 -4.28 -3.20
N ILE A 40 -7.67 -4.68 -4.34
CA ILE A 40 -8.48 -4.93 -5.52
C ILE A 40 -8.20 -6.30 -6.12
N PRO A 41 -9.20 -6.86 -6.82
CA PRO A 41 -9.09 -8.18 -7.44
C PRO A 41 -8.13 -8.18 -8.63
N ALA A 42 -7.57 -9.35 -8.93
CA ALA A 42 -6.64 -9.49 -10.04
C ALA A 42 -7.33 -9.25 -11.37
N SER A 43 -8.66 -9.23 -11.35
CA SER A 43 -9.45 -9.01 -12.56
C SER A 43 -9.43 -7.55 -12.96
N VAL A 44 -9.48 -6.67 -11.97
CA VAL A 44 -9.48 -5.23 -12.21
C VAL A 44 -8.06 -4.67 -12.19
N VAL A 45 -7.19 -5.29 -11.41
CA VAL A 45 -5.80 -4.86 -11.31
C VAL A 45 -5.13 -4.83 -12.68
N GLY A 46 -5.65 -5.64 -13.60
CA GLY A 46 -5.09 -5.69 -14.94
C GLY A 46 -5.90 -4.88 -15.94
N SER A 47 -6.68 -3.94 -15.43
CA SER A 47 -7.52 -3.10 -16.29
C SER A 47 -7.40 -1.63 -15.87
N ILE A 48 -7.40 -1.40 -14.56
CA ILE A 48 -7.30 -0.04 -14.04
C ILE A 48 -5.91 0.55 -14.29
N ASP A 49 -4.92 -0.32 -14.43
CA ASP A 49 -3.55 0.11 -14.68
C ASP A 49 -3.37 0.52 -16.13
N GLU A 50 -4.13 1.53 -16.56
CA GLU A 50 -4.05 2.02 -17.93
C GLU A 50 -2.74 2.76 -18.17
N SER A 51 -2.18 3.32 -17.09
CA SER A 51 -0.93 4.05 -17.19
C SER A 51 -0.06 3.80 -15.96
N SER A 52 -0.44 4.43 -14.84
CA SER A 52 0.31 4.28 -13.59
C SER A 52 -0.36 5.08 -12.48
N ARG A 53 -1.68 5.15 -12.51
CA ARG A 53 -2.43 5.89 -11.51
C ARG A 53 -3.74 5.17 -11.17
N TRP A 54 -4.30 5.48 -10.00
CA TRP A 54 -5.55 4.87 -9.58
C TRP A 54 -6.13 5.62 -8.38
N ILE A 55 -7.47 5.72 -8.34
CA ILE A 55 -8.14 6.40 -7.25
C ILE A 55 -9.26 5.54 -6.67
N CYS A 56 -9.74 5.93 -5.49
CA CYS A 56 -10.81 5.20 -4.83
C CYS A 56 -12.04 5.08 -5.72
N MET A 57 -12.48 6.22 -6.26
CA MET A 57 -13.64 6.26 -7.13
C MET A 57 -13.43 5.37 -8.36
N ASN A 58 -12.17 5.07 -8.65
CA ASN A 58 -11.83 4.24 -9.79
C ASN A 58 -11.88 2.76 -9.44
N ASN A 59 -12.05 2.48 -8.15
CA ASN A 59 -12.12 1.11 -7.65
C ASN A 59 -13.25 0.35 -8.33
N SER A 60 -13.14 -0.97 -8.37
CA SER A 60 -14.16 -1.81 -9.00
C SER A 60 -15.38 -1.95 -8.09
N ASP A 61 -15.16 -1.78 -6.80
CA ASP A 61 -16.24 -1.89 -5.81
C ASP A 61 -17.24 -0.76 -5.99
N LYS A 62 -18.35 -0.84 -5.25
CA LYS A 62 -19.39 0.18 -5.32
C LYS A 62 -19.63 0.80 -3.94
N ARG A 63 -19.10 0.16 -2.91
CA ARG A 63 -19.26 0.65 -1.54
C ARG A 63 -17.94 1.21 -1.01
N PHE A 64 -16.83 0.75 -1.59
CA PHE A 64 -15.52 1.20 -1.17
C PHE A 64 -14.80 1.93 -2.31
N ALA A 65 -15.57 2.37 -3.29
CA ALA A 65 -15.01 3.07 -4.44
C ALA A 65 -15.25 4.57 -4.33
N ASP A 66 -14.54 5.21 -3.40
CA ASP A 66 -14.67 6.66 -3.19
C ASP A 66 -13.67 7.14 -2.15
N CYS A 67 -13.13 8.33 -2.37
CA CYS A 67 -12.15 8.90 -1.45
C CYS A 67 -12.79 9.21 -0.10
N SER A 68 -14.11 9.39 -0.10
CA SER A 68 -14.85 9.68 1.12
C SER A 68 -14.88 8.48 2.05
N LYS A 69 -14.84 7.29 1.46
CA LYS A 69 -14.86 6.04 2.22
C LYS A 69 -13.53 5.83 2.93
N SER A 70 -13.61 5.29 4.15
CA SER A 70 -12.41 5.03 4.94
C SER A 70 -11.56 3.94 4.31
N GLN A 71 -10.49 3.55 4.99
CA GLN A 71 -9.60 2.52 4.49
C GLN A 71 -10.21 1.13 4.65
N GLU A 72 -9.66 0.16 3.94
CA GLU A 72 -10.17 -1.21 4.00
C GLU A 72 -9.47 -2.00 5.10
N MET A 73 -8.16 -1.79 5.23
CA MET A 73 -7.39 -2.48 6.25
C MET A 73 -6.41 -1.53 6.94
N SER A 74 -5.85 -1.97 8.05
CA SER A 74 -4.91 -1.14 8.82
C SER A 74 -3.51 -1.24 8.21
N ASN A 75 -2.74 -0.17 8.38
CA ASN A 75 -1.37 -0.13 7.86
C ASN A 75 -0.58 -1.37 8.28
N GLU A 76 -0.76 -1.77 9.53
CA GLU A 76 -0.07 -2.95 10.05
C GLU A 76 -0.43 -4.20 9.26
N GLU A 77 -1.73 -4.39 9.03
CA GLU A 77 -2.20 -5.54 8.28
C GLU A 77 -1.64 -5.54 6.86
N ILE A 78 -1.63 -4.38 6.23
CA ILE A 78 -1.12 -4.24 4.87
C ILE A 78 0.38 -4.49 4.82
N ASN A 79 1.10 -3.87 5.76
CA ASN A 79 2.55 -4.03 5.83
C ASN A 79 2.94 -5.49 5.99
N GLU A 80 2.21 -6.20 6.86
CA GLU A 80 2.48 -7.61 7.11
C GLU A 80 1.96 -8.47 5.95
N GLU A 81 0.92 -7.99 5.28
CA GLU A 81 0.33 -8.72 4.16
C GLU A 81 1.33 -8.82 3.01
N LEU A 82 1.86 -7.68 2.59
CA LEU A 82 2.82 -7.63 1.48
C LEU A 82 4.21 -8.00 1.97
N GLY A 83 4.49 -7.70 3.24
CA GLY A 83 5.79 -8.02 3.81
C GLY A 83 6.78 -6.87 3.66
N ILE A 84 6.25 -5.65 3.71
CA ILE A 84 7.10 -4.46 3.58
C ILE A 84 7.29 -3.79 4.93
N GLY A 85 7.96 -2.64 4.92
CA GLY A 85 8.20 -1.90 6.15
C GLY A 85 7.55 -0.53 6.15
N GLN A 86 6.24 -0.50 6.38
CA GLN A 86 5.50 0.76 6.40
C GLN A 86 5.87 1.59 7.64
N ASP A 87 6.05 2.89 7.44
CA ASP A 87 6.40 3.79 8.53
C ASP A 87 5.17 4.15 9.35
N GLU A 88 4.74 3.23 10.21
CA GLU A 88 3.57 3.46 11.05
C GLU A 88 3.91 4.38 12.21
N ALA A 89 5.13 4.26 12.72
CA ALA A 89 5.57 5.09 13.83
C ALA A 89 4.64 4.96 15.03
N ASP A 90 4.90 3.95 15.87
CA ASP A 90 4.08 3.73 17.05
C ASP A 90 4.70 4.38 18.29
N ALA A 91 5.91 3.95 18.63
CA ALA A 91 6.61 4.50 19.78
C ALA A 91 8.12 4.40 19.60
N TYR A 92 8.55 4.26 18.36
CA TYR A 92 9.98 4.15 18.05
C TYR A 92 10.44 5.33 17.19
N ASP A 93 11.75 5.55 17.15
CA ASP A 93 12.32 6.63 16.37
C ASP A 93 13.68 6.24 15.82
N CYS A 94 13.81 4.99 15.39
CA CYS A 94 15.08 4.49 14.84
C CYS A 94 15.00 4.39 13.32
N ASP A 95 16.04 3.83 12.72
CA ASP A 95 16.10 3.67 11.27
C ASP A 95 16.05 5.01 10.57
N ALA A 96 16.79 5.99 11.10
CA ALA A 96 16.83 7.32 10.52
C ALA A 96 17.39 7.29 9.11
N ALA A 97 18.21 6.28 8.82
CA ALA A 97 18.82 6.13 7.51
C ALA A 97 17.79 5.68 6.48
N LYS A 98 16.75 5.00 6.94
CA LYS A 98 15.70 4.52 6.06
C LYS A 98 14.82 5.66 5.57
N ARG A 99 14.75 5.84 4.26
CA ARG A 99 13.95 6.90 3.66
C ARG A 99 13.81 6.70 2.16
N GLY A 100 14.87 6.97 1.42
CA GLY A 100 14.84 6.81 -0.03
C GLY A 100 13.78 7.68 -0.68
ZN ZN B . -8.75 8.15 -2.37
N GLY A 1 46.01 38.51 -8.58
CA GLY A 1 45.19 38.05 -7.47
C GLY A 1 45.14 36.54 -7.37
N SER A 2 43.97 36.02 -7.04
CA SER A 2 43.79 34.57 -6.91
C SER A 2 42.34 34.17 -7.19
N ARG A 3 42.14 33.53 -8.33
CA ARG A 3 40.80 33.10 -8.73
C ARG A 3 40.69 31.57 -8.71
N ARG A 4 39.54 31.07 -8.29
CA ARG A 4 39.32 29.62 -8.22
C ARG A 4 37.85 29.30 -8.48
N ALA A 5 37.52 28.01 -8.40
CA ALA A 5 36.15 27.56 -8.62
C ALA A 5 35.82 26.37 -7.74
N SER A 6 34.54 25.99 -7.71
CA SER A 6 34.10 24.86 -6.91
C SER A 6 32.73 24.36 -7.38
N VAL A 7 32.74 23.33 -8.21
CA VAL A 7 31.52 22.75 -8.73
C VAL A 7 31.68 21.27 -9.03
N GLY A 8 30.59 20.61 -9.39
CA GLY A 8 30.63 19.19 -9.69
C GLY A 8 29.37 18.46 -9.26
N SER A 9 29.32 17.17 -9.52
CA SER A 9 28.17 16.35 -9.15
C SER A 9 28.47 14.87 -9.32
N GLU A 10 27.48 14.03 -9.03
CA GLU A 10 27.64 12.59 -9.16
C GLU A 10 26.76 12.04 -10.28
N PHE A 11 26.77 10.72 -10.44
CA PHE A 11 25.98 10.06 -11.47
C PHE A 11 25.74 8.60 -11.13
N MET A 12 24.47 8.21 -11.06
CA MET A 12 24.10 6.84 -10.74
C MET A 12 23.59 6.11 -11.98
N VAL A 13 23.24 4.84 -11.81
CA VAL A 13 22.74 4.04 -12.92
C VAL A 13 21.46 4.64 -13.49
N VAL A 14 20.88 3.96 -14.48
CA VAL A 14 19.66 4.42 -15.12
C VAL A 14 18.63 3.30 -15.22
N ASP A 15 18.46 2.57 -14.13
CA ASP A 15 17.51 1.46 -14.09
C ASP A 15 16.14 1.94 -13.61
N VAL A 16 15.13 1.77 -14.46
CA VAL A 16 13.76 2.19 -14.13
C VAL A 16 12.75 1.24 -14.73
N THR A 17 12.72 0.01 -14.24
CA THR A 17 11.79 -1.00 -14.72
C THR A 17 10.63 -1.21 -13.75
N ILE A 18 9.71 -2.10 -14.10
CA ILE A 18 8.56 -2.39 -13.25
C ILE A 18 8.79 -3.66 -12.44
N GLU A 19 8.09 -3.76 -11.31
CA GLU A 19 8.21 -4.92 -10.44
C GLU A 19 7.29 -4.81 -9.24
N ASP A 20 6.02 -5.10 -9.44
CA ASP A 20 5.03 -5.03 -8.38
C ASP A 20 3.90 -6.04 -8.60
N SER A 21 3.86 -7.07 -7.77
CA SER A 21 2.83 -8.11 -7.88
C SER A 21 2.85 -9.02 -6.66
N TYR A 22 2.18 -8.58 -5.59
CA TYR A 22 2.12 -9.36 -4.36
C TYR A 22 0.91 -10.29 -4.35
N SER A 23 0.85 -11.16 -3.36
CA SER A 23 -0.26 -12.11 -3.25
C SER A 23 -0.31 -13.02 -4.47
N THR A 24 -1.34 -13.87 -4.51
CA THR A 24 -1.51 -14.80 -5.62
C THR A 24 -2.39 -14.21 -6.71
N GLU A 25 -3.49 -13.58 -6.30
CA GLU A 25 -4.42 -12.97 -7.24
C GLU A 25 -4.64 -11.50 -6.90
N SER A 26 -5.31 -11.24 -5.78
CA SER A 26 -5.60 -9.88 -5.35
C SER A 26 -4.31 -9.05 -5.28
N ALA A 27 -4.39 -7.82 -5.74
CA ALA A 27 -3.24 -6.92 -5.72
C ALA A 27 -3.52 -5.68 -4.87
N TRP A 28 -2.45 -4.97 -4.52
CA TRP A 28 -2.58 -3.77 -3.70
C TRP A 28 -2.39 -2.52 -4.55
N VAL A 29 -3.30 -1.56 -4.39
CA VAL A 29 -3.23 -0.30 -5.14
C VAL A 29 -3.40 0.90 -4.21
N ARG A 30 -2.63 1.96 -4.48
CA ARG A 30 -2.69 3.17 -3.68
C ARG A 30 -3.38 4.29 -4.45
N CYS A 31 -4.17 5.08 -3.74
CA CYS A 31 -4.88 6.21 -4.36
C CYS A 31 -3.94 7.37 -4.61
N ASP A 32 -4.10 8.02 -5.76
CA ASP A 32 -3.27 9.16 -6.12
C ASP A 32 -3.97 10.48 -5.79
N ASP A 33 -4.75 10.47 -4.71
CA ASP A 33 -5.48 11.66 -4.29
C ASP A 33 -5.45 11.79 -2.77
N CYS A 34 -5.65 10.68 -2.08
CA CYS A 34 -5.66 10.68 -0.62
C CYS A 34 -4.55 9.79 -0.07
N PHE A 35 -3.94 9.00 -0.96
CA PHE A 35 -2.86 8.10 -0.57
C PHE A 35 -3.36 7.06 0.43
N LYS A 36 -4.18 6.13 -0.05
CA LYS A 36 -4.73 5.08 0.80
C LYS A 36 -4.64 3.72 0.11
N TRP A 37 -4.32 2.69 0.86
CA TRP A 37 -4.22 1.34 0.32
C TRP A 37 -5.59 0.77 -0.01
N ARG A 38 -5.66 0.04 -1.12
CA ARG A 38 -6.93 -0.55 -1.55
C ARG A 38 -6.68 -1.91 -2.20
N ARG A 39 -7.36 -2.94 -1.69
CA ARG A 39 -7.22 -4.29 -2.22
C ARG A 39 -8.17 -4.51 -3.39
N ILE A 40 -7.60 -4.90 -4.53
CA ILE A 40 -8.40 -5.14 -5.73
C ILE A 40 -8.09 -6.51 -6.33
N PRO A 41 -9.06 -7.09 -7.03
CA PRO A 41 -8.91 -8.41 -7.67
C PRO A 41 -7.95 -8.36 -8.85
N ALA A 42 -7.38 -9.51 -9.18
CA ALA A 42 -6.44 -9.61 -10.30
C ALA A 42 -7.14 -9.36 -11.63
N SER A 43 -8.47 -9.38 -11.60
CA SER A 43 -9.26 -9.16 -12.81
C SER A 43 -9.27 -7.68 -13.18
N VAL A 44 -9.34 -6.82 -12.18
CA VAL A 44 -9.37 -5.38 -12.41
C VAL A 44 -7.96 -4.79 -12.37
N VAL A 45 -7.08 -5.42 -11.60
CA VAL A 45 -5.70 -4.97 -11.47
C VAL A 45 -5.04 -4.85 -12.84
N GLY A 46 -5.54 -5.63 -13.80
CA GLY A 46 -4.97 -5.60 -15.14
C GLY A 46 -5.79 -4.74 -16.09
N SER A 47 -6.58 -3.83 -15.54
CA SER A 47 -7.42 -2.95 -16.34
C SER A 47 -7.32 -1.50 -15.86
N ILE A 48 -7.30 -1.33 -14.54
CA ILE A 48 -7.20 0.00 -13.94
C ILE A 48 -5.83 0.61 -14.19
N ASP A 49 -4.86 -0.23 -14.53
CA ASP A 49 -3.50 0.23 -14.80
C ASP A 49 -3.33 0.58 -16.26
N GLU A 50 -4.27 1.34 -16.81
CA GLU A 50 -4.22 1.75 -18.21
C GLU A 50 -3.77 3.20 -18.34
N SER A 51 -3.56 3.85 -17.20
CA SER A 51 -3.13 5.24 -17.18
C SER A 51 -1.99 5.46 -16.19
N SER A 52 -1.49 4.35 -15.64
CA SER A 52 -0.40 4.42 -14.66
C SER A 52 -0.84 5.15 -13.40
N ARG A 53 -2.00 4.79 -12.89
CA ARG A 53 -2.54 5.42 -11.69
C ARG A 53 -3.82 4.72 -11.22
N TRP A 54 -4.33 5.13 -10.07
CA TRP A 54 -5.55 4.54 -9.52
C TRP A 54 -6.10 5.39 -8.38
N ILE A 55 -7.41 5.43 -8.27
CA ILE A 55 -8.07 6.22 -7.23
C ILE A 55 -9.23 5.45 -6.61
N CYS A 56 -9.71 5.91 -5.47
CA CYS A 56 -10.82 5.27 -4.78
C CYS A 56 -12.05 5.18 -5.68
N MET A 57 -12.42 6.32 -6.28
CA MET A 57 -13.57 6.37 -7.17
C MET A 57 -13.38 5.41 -8.35
N ASN A 58 -12.14 5.04 -8.62
CA ASN A 58 -11.83 4.12 -9.72
C ASN A 58 -11.96 2.67 -9.27
N ASN A 59 -12.12 2.48 -7.96
CA ASN A 59 -12.26 1.14 -7.41
C ASN A 59 -13.44 0.40 -8.03
N SER A 60 -13.26 -0.90 -8.29
CA SER A 60 -14.30 -1.71 -8.89
C SER A 60 -15.53 -1.78 -7.99
N ASP A 61 -15.31 -1.62 -6.69
CA ASP A 61 -16.39 -1.65 -5.71
C ASP A 61 -17.30 -0.43 -5.86
N LYS A 62 -18.20 -0.26 -4.90
CA LYS A 62 -19.13 0.88 -4.92
C LYS A 62 -19.14 1.58 -3.57
N ARG A 63 -19.40 0.82 -2.51
CA ARG A 63 -19.45 1.38 -1.16
C ARG A 63 -18.07 1.82 -0.71
N PHE A 64 -17.04 1.28 -1.34
CA PHE A 64 -15.66 1.63 -1.00
C PHE A 64 -14.94 2.22 -2.21
N ALA A 65 -15.70 2.76 -3.15
CA ALA A 65 -15.14 3.35 -4.35
C ALA A 65 -15.29 4.87 -4.33
N ASP A 66 -14.55 5.52 -3.43
CA ASP A 66 -14.61 6.97 -3.31
C ASP A 66 -13.62 7.47 -2.25
N CYS A 67 -13.01 8.61 -2.51
CA CYS A 67 -12.05 9.19 -1.59
C CYS A 67 -12.71 9.55 -0.25
N SER A 68 -14.02 9.79 -0.30
CA SER A 68 -14.77 10.15 0.89
C SER A 68 -14.88 8.97 1.84
N LYS A 69 -14.79 7.76 1.28
CA LYS A 69 -14.87 6.54 2.09
C LYS A 69 -13.64 6.40 2.98
N SER A 70 -13.50 5.22 3.59
CA SER A 70 -12.37 4.96 4.48
C SER A 70 -11.51 3.83 3.92
N GLN A 71 -10.48 3.45 4.68
CA GLN A 71 -9.59 2.38 4.26
C GLN A 71 -10.24 1.01 4.42
N GLU A 72 -9.65 0.01 3.80
CA GLU A 72 -10.19 -1.35 3.87
C GLU A 72 -9.51 -2.16 4.97
N MET A 73 -8.21 -1.92 5.16
CA MET A 73 -7.44 -2.61 6.18
C MET A 73 -6.50 -1.66 6.90
N SER A 74 -5.98 -2.09 8.03
CA SER A 74 -5.06 -1.27 8.82
C SER A 74 -3.64 -1.36 8.27
N ASN A 75 -2.84 -0.33 8.53
CA ASN A 75 -1.46 -0.30 8.05
C ASN A 75 -0.72 -1.58 8.46
N GLU A 76 -0.94 -2.01 9.70
CA GLU A 76 -0.29 -3.21 10.20
C GLU A 76 -0.62 -4.41 9.33
N GLU A 77 -1.89 -4.58 9.01
CA GLU A 77 -2.33 -5.71 8.18
C GLU A 77 -1.66 -5.66 6.81
N ILE A 78 -1.64 -4.47 6.20
CA ILE A 78 -1.03 -4.30 4.89
C ILE A 78 0.47 -4.53 4.95
N ASN A 79 1.11 -4.04 6.02
CA ASN A 79 2.54 -4.20 6.19
C ASN A 79 2.92 -5.68 6.29
N GLU A 80 2.12 -6.44 7.04
CA GLU A 80 2.37 -7.87 7.20
C GLU A 80 1.97 -8.64 5.95
N GLU A 81 0.99 -8.11 5.23
CA GLU A 81 0.51 -8.76 4.01
C GLU A 81 1.58 -8.73 2.92
N LEU A 82 2.11 -7.55 2.65
CA LEU A 82 3.14 -7.39 1.63
C LEU A 82 4.51 -7.81 2.16
N GLY A 83 4.69 -7.66 3.47
CA GLY A 83 5.96 -8.04 4.09
C GLY A 83 6.95 -6.89 4.13
N ILE A 84 6.42 -5.67 4.21
CA ILE A 84 7.28 -4.48 4.26
C ILE A 84 7.33 -3.90 5.67
N GLY A 85 7.97 -2.75 5.80
CA GLY A 85 8.08 -2.10 7.10
C GLY A 85 7.43 -0.74 7.12
N GLN A 86 6.13 -0.69 6.84
CA GLN A 86 5.40 0.56 6.83
C GLN A 86 5.61 1.33 8.13
N ASP A 87 5.18 2.59 8.15
CA ASP A 87 5.33 3.43 9.33
C ASP A 87 4.14 3.26 10.26
N GLU A 88 4.22 2.29 11.16
CA GLU A 88 3.16 2.02 12.10
C GLU A 88 3.12 3.09 13.21
N ALA A 89 4.22 3.18 13.96
CA ALA A 89 4.32 4.15 15.04
C ALA A 89 4.76 5.52 14.50
N ASP A 90 4.07 6.01 13.48
CA ASP A 90 4.40 7.30 12.89
C ASP A 90 4.18 8.43 13.89
N ALA A 91 3.28 8.21 14.84
CA ALA A 91 2.99 9.20 15.86
C ALA A 91 1.93 8.70 16.84
N TYR A 92 1.01 7.87 16.34
CA TYR A 92 -0.06 7.33 17.16
C TYR A 92 -0.85 8.43 17.85
N ASP A 93 -1.73 8.05 18.76
CA ASP A 93 -2.55 9.01 19.49
C ASP A 93 -2.81 8.53 20.92
N CYS A 94 -3.66 9.26 21.64
CA CYS A 94 -3.98 8.91 23.01
C CYS A 94 -4.43 7.46 23.12
N ASP A 95 -4.38 6.92 24.33
CA ASP A 95 -4.78 5.53 24.57
C ASP A 95 -5.11 5.31 26.03
N ALA A 96 -5.54 6.37 26.71
CA ALA A 96 -5.89 6.29 28.12
C ALA A 96 -6.98 5.25 28.36
N ALA A 97 -7.86 5.10 27.38
CA ALA A 97 -8.95 4.13 27.47
C ALA A 97 -8.42 2.73 27.77
N LYS A 98 -7.19 2.47 27.34
CA LYS A 98 -6.57 1.17 27.56
C LYS A 98 -7.37 0.06 26.90
N ARG A 99 -6.95 -0.34 25.70
CA ARG A 99 -7.64 -1.39 24.96
C ARG A 99 -6.70 -2.06 23.95
N GLY A 100 -5.94 -1.23 23.23
CA GLY A 100 -5.02 -1.75 22.24
C GLY A 100 -5.16 -1.06 20.89
ZN ZN B . -8.65 8.28 -2.52
N GLY A 1 9.99 -22.54 48.53
CA GLY A 1 10.10 -21.27 47.84
C GLY A 1 10.98 -21.35 46.60
N SER A 2 12.26 -21.00 46.77
CA SER A 2 13.21 -21.03 45.66
C SER A 2 12.72 -20.15 44.50
N ARG A 3 13.14 -18.89 44.53
CA ARG A 3 12.76 -17.94 43.48
C ARG A 3 13.67 -18.07 42.27
N ARG A 4 13.08 -18.18 41.09
CA ARG A 4 13.83 -18.31 39.85
C ARG A 4 12.92 -18.26 38.64
N ALA A 5 12.78 -17.07 38.06
CA ALA A 5 11.93 -16.89 36.88
C ALA A 5 12.71 -17.10 35.59
N SER A 6 12.03 -16.95 34.46
CA SER A 6 12.67 -17.13 33.16
C SER A 6 12.03 -16.22 32.11
N VAL A 7 12.53 -16.31 30.89
CA VAL A 7 12.01 -15.49 29.79
C VAL A 7 12.12 -16.23 28.46
N GLY A 8 11.11 -16.07 27.62
CA GLY A 8 11.11 -16.73 26.33
C GLY A 8 10.32 -15.95 25.28
N SER A 9 10.90 -15.80 24.10
CA SER A 9 10.25 -15.07 23.02
C SER A 9 10.63 -15.66 21.66
N GLU A 10 9.94 -15.21 20.62
CA GLU A 10 10.21 -15.69 19.26
C GLU A 10 10.33 -14.53 18.29
N PHE A 11 10.61 -14.84 17.03
CA PHE A 11 10.77 -13.83 16.00
C PHE A 11 10.53 -14.42 14.61
N MET A 12 9.83 -13.66 13.76
CA MET A 12 9.54 -14.12 12.41
C MET A 12 10.63 -13.66 11.44
N VAL A 13 10.73 -14.34 10.30
CA VAL A 13 11.72 -14.01 9.29
C VAL A 13 11.50 -12.59 8.74
N VAL A 14 12.42 -12.14 7.91
CA VAL A 14 12.33 -10.81 7.31
C VAL A 14 12.61 -10.86 5.81
N ASP A 15 11.81 -10.12 5.04
CA ASP A 15 11.97 -10.08 3.59
C ASP A 15 13.26 -9.34 3.22
N VAL A 16 13.51 -9.25 1.91
CA VAL A 16 14.71 -8.57 1.42
C VAL A 16 14.45 -7.93 0.06
N THR A 17 13.18 -7.64 -0.22
CA THR A 17 12.80 -7.02 -1.48
C THR A 17 11.70 -5.98 -1.28
N ILE A 18 11.84 -4.85 -1.96
CA ILE A 18 10.86 -3.77 -1.85
C ILE A 18 10.09 -3.60 -3.16
N GLU A 19 8.89 -3.04 -3.07
CA GLU A 19 8.05 -2.81 -4.25
C GLU A 19 7.96 -4.08 -5.09
N ASP A 20 7.10 -5.01 -4.66
CA ASP A 20 6.91 -6.26 -5.38
C ASP A 20 5.43 -6.62 -5.45
N SER A 21 5.13 -7.74 -6.10
CA SER A 21 3.76 -8.20 -6.25
C SER A 21 3.49 -9.40 -5.34
N TYR A 22 2.87 -9.13 -4.19
CA TYR A 22 2.56 -10.18 -3.24
C TYR A 22 1.20 -10.81 -3.54
N SER A 23 0.72 -11.64 -2.62
CA SER A 23 -0.57 -12.31 -2.79
C SER A 23 -0.54 -13.25 -3.99
N THR A 24 -1.66 -13.90 -4.25
CA THR A 24 -1.77 -14.82 -5.37
C THR A 24 -2.62 -14.23 -6.49
N GLU A 25 -3.74 -13.63 -6.12
CA GLU A 25 -4.64 -13.02 -7.09
C GLU A 25 -4.84 -11.54 -6.80
N SER A 26 -5.52 -11.24 -5.69
CA SER A 26 -5.78 -9.87 -5.30
C SER A 26 -4.49 -9.06 -5.23
N ALA A 27 -4.55 -7.81 -5.66
CA ALA A 27 -3.39 -6.93 -5.66
C ALA A 27 -3.65 -5.68 -4.82
N TRP A 28 -2.57 -5.04 -4.38
CA TRP A 28 -2.69 -3.83 -3.57
C TRP A 28 -2.46 -2.58 -4.42
N VAL A 29 -3.35 -1.60 -4.29
CA VAL A 29 -3.25 -0.36 -5.04
C VAL A 29 -3.38 0.85 -4.13
N ARG A 30 -2.64 1.91 -4.43
CA ARG A 30 -2.68 3.13 -3.63
C ARG A 30 -3.38 4.25 -4.40
N CYS A 31 -4.17 5.05 -3.68
CA CYS A 31 -4.89 6.16 -4.28
C CYS A 31 -3.95 7.33 -4.55
N ASP A 32 -4.16 8.00 -5.68
CA ASP A 32 -3.35 9.14 -6.06
C ASP A 32 -4.06 10.45 -5.72
N ASP A 33 -4.81 10.44 -4.64
CA ASP A 33 -5.54 11.64 -4.20
C ASP A 33 -5.51 11.77 -2.68
N CYS A 34 -5.70 10.65 -1.99
CA CYS A 34 -5.69 10.65 -0.53
C CYS A 34 -4.55 9.78 0.00
N PHE A 35 -3.92 9.02 -0.89
CA PHE A 35 -2.82 8.15 -0.51
C PHE A 35 -3.27 7.10 0.51
N LYS A 36 -4.11 6.17 0.06
CA LYS A 36 -4.62 5.12 0.93
C LYS A 36 -4.57 3.76 0.22
N TRP A 37 -4.26 2.72 0.98
CA TRP A 37 -4.19 1.38 0.43
C TRP A 37 -5.57 0.85 0.10
N ARG A 38 -5.66 0.09 -0.99
CA ARG A 38 -6.95 -0.48 -1.42
C ARG A 38 -6.73 -1.86 -2.05
N ARG A 39 -7.42 -2.85 -1.52
CA ARG A 39 -7.32 -4.22 -2.03
C ARG A 39 -8.27 -4.44 -3.20
N ILE A 40 -7.73 -4.79 -4.35
CA ILE A 40 -8.54 -5.02 -5.54
C ILE A 40 -8.22 -6.39 -6.15
N PRO A 41 -9.21 -6.96 -6.85
CA PRO A 41 -9.08 -8.27 -7.50
C PRO A 41 -8.12 -8.23 -8.69
N ALA A 42 -7.55 -9.37 -9.03
CA ALA A 42 -6.62 -9.47 -10.15
C ALA A 42 -7.34 -9.22 -11.48
N SER A 43 -8.67 -9.24 -11.44
CA SER A 43 -9.47 -9.02 -12.64
C SER A 43 -9.50 -7.55 -13.01
N VAL A 44 -9.55 -6.68 -12.00
CA VAL A 44 -9.59 -5.24 -12.21
C VAL A 44 -8.18 -4.65 -12.20
N VAL A 45 -7.29 -5.28 -11.43
CA VAL A 45 -5.91 -4.81 -11.34
C VAL A 45 -5.26 -4.73 -12.72
N GLY A 46 -5.76 -5.52 -13.65
CA GLY A 46 -5.22 -5.51 -15.00
C GLY A 46 -6.07 -4.71 -15.96
N SER A 47 -6.87 -3.80 -15.43
CA SER A 47 -7.74 -2.96 -16.25
C SER A 47 -7.67 -1.50 -15.80
N ILE A 48 -7.64 -1.29 -14.49
CA ILE A 48 -7.57 0.05 -13.93
C ILE A 48 -6.22 0.70 -14.22
N ASP A 49 -5.18 -0.12 -14.26
CA ASP A 49 -3.82 0.36 -14.52
C ASP A 49 -3.63 0.64 -16.01
N GLU A 50 -4.43 1.53 -16.55
CA GLU A 50 -4.35 1.89 -17.96
C GLU A 50 -3.11 2.73 -18.23
N SER A 51 -2.87 3.71 -17.37
CA SER A 51 -1.72 4.60 -17.52
C SER A 51 -0.65 4.28 -16.48
N SER A 52 -0.88 4.72 -15.25
CA SER A 52 0.07 4.49 -14.17
C SER A 52 -0.42 5.12 -12.87
N ARG A 53 -1.73 5.12 -12.67
CA ARG A 53 -2.33 5.70 -11.48
C ARG A 53 -3.67 5.05 -11.15
N TRP A 54 -4.21 5.36 -9.98
CA TRP A 54 -5.49 4.80 -9.55
C TRP A 54 -6.07 5.58 -8.39
N ILE A 55 -7.40 5.64 -8.33
CA ILE A 55 -8.08 6.38 -7.26
C ILE A 55 -9.23 5.55 -6.68
N CYS A 56 -9.71 5.95 -5.52
CA CYS A 56 -10.80 5.25 -4.86
C CYS A 56 -12.02 5.17 -5.77
N MET A 57 -12.41 6.31 -6.33
CA MET A 57 -13.56 6.36 -7.24
C MET A 57 -13.35 5.44 -8.44
N ASN A 58 -12.10 5.11 -8.72
CA ASN A 58 -11.77 4.24 -9.83
C ASN A 58 -11.82 2.78 -9.42
N ASN A 59 -11.96 2.53 -8.12
CA ASN A 59 -12.03 1.18 -7.60
C ASN A 59 -13.11 0.37 -8.30
N SER A 60 -12.87 -0.93 -8.46
CA SER A 60 -13.83 -1.81 -9.12
C SER A 60 -15.10 -1.94 -8.29
N ASP A 61 -14.98 -1.75 -6.98
CA ASP A 61 -16.13 -1.84 -6.09
C ASP A 61 -17.05 -0.64 -6.25
N LYS A 62 -18.01 -0.51 -5.34
CA LYS A 62 -18.95 0.60 -5.38
C LYS A 62 -19.06 1.26 -4.01
N ARG A 63 -19.32 0.46 -2.99
CA ARG A 63 -19.45 0.97 -1.63
C ARG A 63 -18.11 1.46 -1.09
N PHE A 64 -17.02 0.97 -1.70
CA PHE A 64 -15.68 1.36 -1.29
C PHE A 64 -14.94 2.04 -2.43
N ALA A 65 -15.69 2.57 -3.39
CA ALA A 65 -15.10 3.24 -4.54
C ALA A 65 -15.28 4.75 -4.44
N ASP A 66 -14.57 5.37 -3.50
CA ASP A 66 -14.66 6.82 -3.31
C ASP A 66 -13.66 7.28 -2.25
N CYS A 67 -13.08 8.45 -2.47
CA CYS A 67 -12.12 9.00 -1.53
C CYS A 67 -12.77 9.33 -0.19
N SER A 68 -14.08 9.55 -0.22
CA SER A 68 -14.83 9.87 0.99
C SER A 68 -14.85 8.68 1.95
N LYS A 69 -14.78 7.48 1.39
CA LYS A 69 -14.79 6.26 2.19
C LYS A 69 -13.47 6.09 2.94
N SER A 70 -13.50 5.32 4.02
CA SER A 70 -12.30 5.08 4.82
C SER A 70 -11.47 3.94 4.23
N GLN A 71 -10.41 3.56 4.93
CA GLN A 71 -9.53 2.49 4.47
C GLN A 71 -10.21 1.13 4.62
N GLU A 72 -9.67 0.13 3.95
CA GLU A 72 -10.22 -1.22 4.00
C GLU A 72 -9.55 -2.05 5.08
N MET A 73 -8.22 -1.90 5.19
CA MET A 73 -7.46 -2.64 6.18
C MET A 73 -6.51 -1.70 6.93
N SER A 74 -5.97 -2.19 8.05
CA SER A 74 -5.04 -1.40 8.86
C SER A 74 -3.63 -1.46 8.29
N ASN A 75 -2.88 -0.38 8.49
CA ASN A 75 -1.50 -0.32 7.99
C ASN A 75 -0.71 -1.55 8.42
N GLU A 76 -0.97 -2.01 9.64
CA GLU A 76 -0.28 -3.18 10.17
C GLU A 76 -0.59 -4.42 9.34
N GLU A 77 -1.87 -4.64 9.06
CA GLU A 77 -2.30 -5.78 8.27
C GLU A 77 -1.68 -5.75 6.87
N ILE A 78 -1.71 -4.57 6.27
CA ILE A 78 -1.16 -4.40 4.92
C ILE A 78 0.35 -4.59 4.92
N ASN A 79 1.02 -4.02 5.90
CA ASN A 79 2.48 -4.12 6.02
C ASN A 79 2.89 -5.58 6.16
N GLU A 80 2.16 -6.33 6.98
CA GLU A 80 2.46 -7.74 7.20
C GLU A 80 2.02 -8.58 6.01
N GLU A 81 0.98 -8.12 5.31
CA GLU A 81 0.46 -8.83 4.15
C GLU A 81 1.49 -8.86 3.03
N LEU A 82 1.98 -7.69 2.66
CA LEU A 82 2.97 -7.58 1.59
C LEU A 82 4.38 -7.86 2.12
N GLY A 83 4.60 -7.56 3.40
CA GLY A 83 5.89 -7.79 4.01
C GLY A 83 6.86 -6.66 3.75
N ILE A 84 6.35 -5.43 3.77
CA ILE A 84 7.16 -4.25 3.55
C ILE A 84 7.44 -3.52 4.85
N GLY A 85 8.11 -2.36 4.75
CA GLY A 85 8.43 -1.59 5.93
C GLY A 85 7.69 -0.25 5.96
N GLN A 86 6.37 -0.32 6.07
CA GLN A 86 5.56 0.89 6.10
C GLN A 86 5.99 1.80 7.24
N ASP A 87 5.34 2.97 7.33
CA ASP A 87 5.65 3.93 8.38
C ASP A 87 5.07 3.49 9.72
N GLU A 88 5.76 2.59 10.40
CA GLU A 88 5.30 2.08 11.69
C GLU A 88 4.99 3.24 12.64
N ALA A 89 5.80 4.29 12.58
CA ALA A 89 5.62 5.45 13.44
C ALA A 89 5.79 5.08 14.91
N ASP A 90 5.45 6.02 15.78
CA ASP A 90 5.56 5.80 17.22
C ASP A 90 4.62 4.69 17.67
N ALA A 91 3.44 4.63 17.06
CA ALA A 91 2.45 3.62 17.40
C ALA A 91 1.97 3.78 18.84
N TYR A 92 2.25 4.94 19.43
CA TYR A 92 1.85 5.22 20.80
C TYR A 92 0.34 5.06 20.97
N ASP A 93 -0.39 5.22 19.87
CA ASP A 93 -1.84 5.11 19.89
C ASP A 93 -2.27 3.80 20.53
N CYS A 94 -3.52 3.74 20.99
CA CYS A 94 -4.05 2.55 21.63
C CYS A 94 -4.45 1.51 20.59
N ASP A 95 -4.70 1.97 19.36
CA ASP A 95 -5.09 1.08 18.28
C ASP A 95 -3.97 0.11 17.93
N ALA A 96 -2.73 0.52 18.22
CA ALA A 96 -1.57 -0.31 17.94
C ALA A 96 -1.63 -1.62 18.71
N ALA A 97 -2.32 -1.59 19.85
CA ALA A 97 -2.45 -2.78 20.69
C ALA A 97 -3.04 -3.94 19.91
N LYS A 98 -3.92 -3.63 18.96
CA LYS A 98 -4.57 -4.64 18.14
C LYS A 98 -3.63 -5.13 17.04
N ARG A 99 -2.52 -5.74 17.43
CA ARG A 99 -1.54 -6.24 16.48
C ARG A 99 -2.21 -7.10 15.41
N GLY A 100 -2.93 -8.14 15.86
CA GLY A 100 -3.61 -9.02 14.93
C GLY A 100 -2.69 -9.55 13.85
ZN ZN B . -8.69 8.15 -2.37
N GLY A 1 37.63 19.84 35.93
CA GLY A 1 36.97 19.53 37.20
C GLY A 1 36.55 18.07 37.28
N SER A 2 35.36 17.77 36.78
CA SER A 2 34.85 16.41 36.81
C SER A 2 33.54 16.30 36.02
N ARG A 3 33.67 16.18 34.70
CA ARG A 3 32.50 16.07 33.83
C ARG A 3 32.83 15.24 32.60
N ARG A 4 31.98 14.26 32.31
CA ARG A 4 32.19 13.38 31.15
C ARG A 4 30.85 12.85 30.65
N ALA A 5 30.82 12.47 29.37
CA ALA A 5 29.61 11.93 28.76
C ALA A 5 29.73 10.44 28.52
N SER A 6 28.68 9.84 27.96
CA SER A 6 28.68 8.41 27.67
C SER A 6 27.62 8.07 26.61
N VAL A 7 27.80 6.93 25.96
CA VAL A 7 26.87 6.49 24.92
C VAL A 7 26.81 4.96 24.85
N GLY A 8 25.96 4.46 23.97
CA GLY A 8 25.82 3.02 23.81
C GLY A 8 24.49 2.63 23.21
N SER A 9 24.48 1.51 22.49
CA SER A 9 23.26 1.02 21.85
C SER A 9 23.49 -0.33 21.20
N GLU A 10 22.45 -0.86 20.57
CA GLU A 10 22.54 -2.17 19.91
C GLU A 10 21.54 -2.26 18.75
N PHE A 11 21.67 -3.32 17.95
CA PHE A 11 20.78 -3.52 16.82
C PHE A 11 20.75 -4.99 16.41
N MET A 12 19.92 -5.30 15.42
CA MET A 12 19.79 -6.68 14.94
C MET A 12 19.28 -6.71 13.51
N VAL A 13 18.93 -7.90 13.04
CA VAL A 13 18.42 -8.06 11.67
C VAL A 13 17.37 -9.17 11.61
N VAL A 14 16.75 -9.32 10.44
CA VAL A 14 15.73 -10.33 10.25
C VAL A 14 15.68 -10.78 8.79
N ASP A 15 15.14 -11.98 8.57
CA ASP A 15 15.02 -12.53 7.22
C ASP A 15 13.77 -13.39 7.09
N VAL A 16 13.00 -13.17 6.03
CA VAL A 16 11.78 -13.92 5.80
C VAL A 16 11.57 -14.15 4.30
N THR A 17 12.60 -14.63 3.62
CA THR A 17 12.52 -14.89 2.19
C THR A 17 12.00 -13.67 1.44
N ILE A 18 11.70 -13.86 0.15
CA ILE A 18 11.19 -12.78 -0.67
C ILE A 18 9.77 -13.06 -1.13
N GLU A 19 9.02 -12.01 -1.44
CA GLU A 19 7.65 -12.14 -1.88
C GLU A 19 7.04 -10.78 -2.21
N ASP A 20 7.03 -10.44 -3.49
CA ASP A 20 6.49 -9.16 -3.94
C ASP A 20 5.44 -9.37 -5.04
N SER A 21 4.18 -9.29 -4.67
CA SER A 21 3.09 -9.48 -5.62
C SER A 21 3.13 -10.88 -6.22
N TYR A 22 3.78 -11.80 -5.52
CA TYR A 22 3.89 -13.18 -5.99
C TYR A 22 2.60 -13.95 -5.71
N SER A 23 2.38 -14.31 -4.46
CA SER A 23 1.19 -15.05 -4.07
C SER A 23 -0.02 -14.13 -3.95
N THR A 24 -1.19 -14.72 -3.82
CA THR A 24 -2.43 -13.95 -3.70
C THR A 24 -2.72 -13.19 -4.98
N GLU A 25 -3.63 -13.73 -5.79
CA GLU A 25 -4.01 -13.10 -7.06
C GLU A 25 -4.35 -11.62 -6.84
N SER A 26 -4.95 -11.32 -5.69
CA SER A 26 -5.34 -9.95 -5.37
C SER A 26 -4.11 -9.04 -5.28
N ALA A 27 -4.22 -7.86 -5.86
CA ALA A 27 -3.12 -6.90 -5.83
C ALA A 27 -3.46 -5.69 -4.96
N TRP A 28 -2.43 -4.97 -4.53
CA TRP A 28 -2.62 -3.80 -3.68
C TRP A 28 -2.49 -2.53 -4.50
N VAL A 29 -3.43 -1.61 -4.29
CA VAL A 29 -3.43 -0.33 -5.02
C VAL A 29 -3.56 0.84 -4.05
N ARG A 30 -2.72 1.85 -4.24
CA ARG A 30 -2.73 3.03 -3.39
C ARG A 30 -3.33 4.22 -4.13
N CYS A 31 -4.08 5.04 -3.41
CA CYS A 31 -4.71 6.22 -3.99
C CYS A 31 -3.69 7.33 -4.20
N ASP A 32 -3.74 7.96 -5.37
CA ASP A 32 -2.81 9.04 -5.70
C ASP A 32 -3.45 10.41 -5.40
N ASP A 33 -4.23 10.46 -4.32
CA ASP A 33 -4.89 11.70 -3.93
C ASP A 33 -4.99 11.80 -2.42
N CYS A 34 -5.34 10.68 -1.77
CA CYS A 34 -5.48 10.65 -0.32
C CYS A 34 -4.51 9.64 0.28
N PHE A 35 -3.84 8.88 -0.57
CA PHE A 35 -2.89 7.87 -0.12
C PHE A 35 -3.57 6.82 0.76
N LYS A 36 -4.36 5.97 0.12
CA LYS A 36 -5.08 4.92 0.84
C LYS A 36 -4.90 3.56 0.14
N TRP A 37 -4.60 2.53 0.93
CA TRP A 37 -4.42 1.20 0.39
C TRP A 37 -5.74 0.53 0.09
N ARG A 38 -5.82 -0.18 -1.02
CA ARG A 38 -7.04 -0.88 -1.42
C ARG A 38 -6.72 -2.23 -2.06
N ARG A 39 -7.29 -3.29 -1.49
CA ARG A 39 -7.07 -4.64 -2.00
C ARG A 39 -8.07 -4.97 -3.12
N ILE A 40 -7.55 -5.13 -4.33
CA ILE A 40 -8.39 -5.45 -5.49
C ILE A 40 -8.02 -6.80 -6.08
N PRO A 41 -8.99 -7.45 -6.71
CA PRO A 41 -8.79 -8.76 -7.34
C PRO A 41 -7.90 -8.69 -8.58
N ALA A 42 -7.27 -9.80 -8.93
CA ALA A 42 -6.40 -9.86 -10.09
C ALA A 42 -7.19 -9.68 -11.38
N SER A 43 -8.51 -9.78 -11.28
CA SER A 43 -9.39 -9.64 -12.44
C SER A 43 -9.53 -8.17 -12.83
N VAL A 44 -9.60 -7.30 -11.83
CA VAL A 44 -9.75 -5.87 -12.06
C VAL A 44 -8.39 -5.18 -12.11
N VAL A 45 -7.42 -5.76 -11.40
CA VAL A 45 -6.07 -5.19 -11.36
C VAL A 45 -5.51 -5.01 -12.77
N GLY A 46 -6.01 -5.83 -13.70
CA GLY A 46 -5.54 -5.75 -15.08
C GLY A 46 -6.50 -4.97 -15.96
N SER A 47 -7.32 -4.12 -15.35
CA SER A 47 -8.28 -3.33 -16.10
C SER A 47 -8.27 -1.88 -15.64
N ILE A 48 -8.14 -1.68 -14.33
CA ILE A 48 -8.12 -0.35 -13.75
C ILE A 48 -6.89 0.42 -14.21
N ASP A 49 -5.82 -0.31 -14.54
CA ASP A 49 -4.59 0.31 -14.99
C ASP A 49 -4.77 0.96 -16.36
N GLU A 50 -5.21 2.22 -16.35
CA GLU A 50 -5.43 2.96 -17.59
C GLU A 50 -4.19 3.75 -17.99
N SER A 51 -3.40 4.14 -16.99
CA SER A 51 -2.19 4.90 -17.24
C SER A 51 -1.05 4.40 -16.35
N SER A 52 -1.22 4.52 -15.04
CA SER A 52 -0.21 4.09 -14.09
C SER A 52 -0.67 4.34 -12.66
N ARG A 53 -1.41 5.43 -12.46
CA ARG A 53 -1.91 5.79 -11.15
C ARG A 53 -3.25 5.13 -10.88
N TRP A 54 -3.83 5.42 -9.71
CA TRP A 54 -5.12 4.86 -9.34
C TRP A 54 -5.70 5.59 -8.13
N ILE A 55 -7.01 5.72 -8.10
CA ILE A 55 -7.70 6.40 -7.00
C ILE A 55 -8.88 5.58 -6.50
N CYS A 56 -9.47 6.01 -5.38
CA CYS A 56 -10.61 5.34 -4.80
C CYS A 56 -11.79 5.33 -5.77
N MET A 57 -12.14 6.51 -6.27
CA MET A 57 -13.25 6.64 -7.20
C MET A 57 -13.02 5.79 -8.45
N ASN A 58 -11.76 5.45 -8.70
CA ASN A 58 -11.40 4.64 -9.85
C ASN A 58 -11.61 3.15 -9.57
N ASN A 59 -11.86 2.83 -8.30
CA ASN A 59 -12.08 1.45 -7.89
C ASN A 59 -13.24 0.83 -8.66
N SER A 60 -13.11 -0.46 -8.98
CA SER A 60 -14.15 -1.17 -9.72
C SER A 60 -15.43 -1.25 -8.89
N ASP A 61 -15.29 -1.20 -7.58
CA ASP A 61 -16.43 -1.27 -6.68
C ASP A 61 -17.27 0.01 -6.77
N LYS A 62 -18.22 0.16 -5.85
CA LYS A 62 -19.09 1.32 -5.82
C LYS A 62 -19.18 1.90 -4.41
N ARG A 63 -19.50 1.04 -3.45
CA ARG A 63 -19.62 1.47 -2.06
C ARG A 63 -18.26 1.84 -1.48
N PHE A 64 -17.21 1.30 -2.09
CA PHE A 64 -15.85 1.57 -1.63
C PHE A 64 -15.03 2.27 -2.72
N ALA A 65 -15.73 2.85 -3.69
CA ALA A 65 -15.08 3.55 -4.79
C ALA A 65 -15.19 5.06 -4.62
N ASP A 66 -14.46 5.60 -3.64
CA ASP A 66 -14.47 7.03 -3.38
C ASP A 66 -13.54 7.38 -2.22
N CYS A 67 -12.88 8.54 -2.33
CA CYS A 67 -11.96 8.99 -1.29
C CYS A 67 -12.69 9.20 0.03
N SER A 68 -13.99 9.46 -0.05
CA SER A 68 -14.80 9.69 1.14
C SER A 68 -14.94 8.40 1.95
N LYS A 69 -14.83 7.27 1.27
CA LYS A 69 -14.94 5.97 1.92
C LYS A 69 -13.75 5.71 2.84
N SER A 70 -13.88 4.73 3.73
CA SER A 70 -12.81 4.39 4.65
C SER A 70 -11.87 3.36 4.06
N GLN A 71 -10.75 3.12 4.73
CA GLN A 71 -9.76 2.15 4.26
C GLN A 71 -10.31 0.73 4.37
N GLU A 72 -9.66 -0.19 3.67
CA GLU A 72 -10.08 -1.59 3.67
C GLU A 72 -9.40 -2.36 4.80
N MET A 73 -8.11 -2.07 5.01
CA MET A 73 -7.34 -2.74 6.06
C MET A 73 -6.44 -1.74 6.78
N SER A 74 -5.91 -2.16 7.93
CA SER A 74 -5.03 -1.29 8.72
C SER A 74 -3.60 -1.33 8.17
N ASN A 75 -2.89 -0.23 8.35
CA ASN A 75 -1.51 -0.13 7.88
C ASN A 75 -0.69 -1.34 8.35
N GLU A 76 -0.95 -1.77 9.57
CA GLU A 76 -0.23 -2.91 10.13
C GLU A 76 -0.50 -4.19 9.33
N GLU A 77 -1.78 -4.44 9.05
CA GLU A 77 -2.18 -5.61 8.28
C GLU A 77 -1.57 -5.57 6.89
N ILE A 78 -1.58 -4.40 6.27
CA ILE A 78 -1.04 -4.23 4.93
C ILE A 78 0.49 -4.39 4.93
N ASN A 79 1.14 -3.77 5.90
CA ASN A 79 2.60 -3.85 6.01
C ASN A 79 3.05 -5.30 6.17
N GLU A 80 2.37 -6.05 7.03
CA GLU A 80 2.70 -7.44 7.27
C GLU A 80 2.23 -8.32 6.12
N GLU A 81 1.16 -7.88 5.45
CA GLU A 81 0.61 -8.63 4.33
C GLU A 81 1.61 -8.70 3.18
N LEU A 82 2.11 -7.54 2.75
CA LEU A 82 3.07 -7.47 1.66
C LEU A 82 4.48 -7.75 2.17
N GLY A 83 4.73 -7.42 3.42
CA GLY A 83 6.04 -7.64 4.00
C GLY A 83 6.98 -6.48 3.78
N ILE A 84 6.44 -5.27 3.82
CA ILE A 84 7.24 -4.07 3.64
C ILE A 84 7.49 -3.35 4.95
N GLY A 85 8.12 -2.17 4.88
CA GLY A 85 8.40 -1.40 6.08
C GLY A 85 7.70 -0.07 6.08
N GLN A 86 6.37 -0.09 6.09
CA GLN A 86 5.57 1.14 6.09
C GLN A 86 6.00 2.05 7.24
N ASP A 87 5.45 3.26 7.25
CA ASP A 87 5.78 4.23 8.28
C ASP A 87 4.85 4.08 9.49
N GLU A 88 5.07 3.03 10.27
CA GLU A 88 4.25 2.77 11.44
C GLU A 88 4.68 3.66 12.62
N ALA A 89 5.97 3.91 12.71
CA ALA A 89 6.52 4.75 13.78
C ALA A 89 6.26 4.11 15.15
N ASP A 90 6.69 4.80 16.20
CA ASP A 90 6.51 4.30 17.56
C ASP A 90 5.22 4.84 18.17
N ALA A 91 5.04 6.16 18.12
CA ALA A 91 3.84 6.79 18.66
C ALA A 91 3.75 6.57 20.17
N TYR A 92 4.86 6.18 20.78
CA TYR A 92 4.89 5.93 22.21
C TYR A 92 4.41 7.16 22.99
N ASP A 93 4.02 6.94 24.24
CA ASP A 93 3.55 8.03 25.08
C ASP A 93 3.57 7.62 26.55
N CYS A 94 4.32 8.38 27.36
CA CYS A 94 4.43 8.09 28.79
C CYS A 94 3.35 8.82 29.57
N ASP A 95 2.10 8.64 29.17
CA ASP A 95 0.97 9.28 29.83
C ASP A 95 1.10 10.80 29.77
N ALA A 96 1.73 11.29 28.70
CA ALA A 96 1.91 12.72 28.51
C ALA A 96 0.63 13.39 28.05
N ALA A 97 -0.24 12.61 27.41
CA ALA A 97 -1.51 13.12 26.93
C ALA A 97 -2.47 13.40 28.08
N LYS A 98 -2.32 12.65 29.16
CA LYS A 98 -3.17 12.81 30.33
C LYS A 98 -2.90 14.15 31.01
N ARG A 99 -3.51 14.34 32.19
CA ARG A 99 -3.33 15.58 32.94
C ARG A 99 -3.78 15.39 34.39
N GLY A 100 -5.08 15.19 34.58
CA GLY A 100 -5.61 15.00 35.93
C GLY A 100 -7.12 15.05 35.96
ZN ZN B . -8.56 8.20 -2.23
N GLY A 1 21.98 48.21 9.41
CA GLY A 1 21.60 46.84 9.74
C GLY A 1 22.53 45.82 9.12
N SER A 2 22.31 44.55 9.44
CA SER A 2 23.13 43.47 8.92
C SER A 2 22.51 42.11 9.21
N ARG A 3 22.88 41.12 8.41
CA ARG A 3 22.35 39.76 8.58
C ARG A 3 23.36 38.72 8.12
N ARG A 4 23.03 37.45 8.31
CA ARG A 4 23.91 36.36 7.92
C ARG A 4 23.23 35.01 8.12
N ALA A 5 21.96 34.93 7.72
CA ALA A 5 21.19 33.70 7.84
C ALA A 5 21.85 32.55 7.08
N SER A 6 21.91 31.39 7.70
CA SER A 6 22.52 30.22 7.08
C SER A 6 21.95 28.94 7.67
N VAL A 7 21.25 28.16 6.82
CA VAL A 7 20.65 26.91 7.25
C VAL A 7 20.60 25.91 6.10
N GLY A 8 20.17 24.68 6.41
CA GLY A 8 20.07 23.66 5.40
C GLY A 8 19.45 22.38 5.93
N SER A 9 18.99 21.53 5.01
CA SER A 9 18.36 20.26 5.39
C SER A 9 18.78 19.15 4.45
N GLU A 10 18.36 17.92 4.76
CA GLU A 10 18.69 16.76 3.94
C GLU A 10 17.43 16.19 3.28
N PHE A 11 17.59 15.07 2.58
CA PHE A 11 16.48 14.43 1.91
C PHE A 11 16.84 13.01 1.48
N MET A 12 16.09 12.04 2.00
CA MET A 12 16.34 10.63 1.68
C MET A 12 15.57 10.22 0.43
N VAL A 13 15.74 8.97 0.02
CA VAL A 13 15.06 8.45 -1.16
C VAL A 13 13.54 8.44 -0.96
N VAL A 14 12.82 8.22 -2.05
CA VAL A 14 11.36 8.19 -2.01
C VAL A 14 10.81 7.13 -2.95
N ASP A 15 9.88 6.33 -2.45
CA ASP A 15 9.26 5.28 -3.26
C ASP A 15 10.30 4.24 -3.67
N VAL A 16 9.82 3.05 -4.03
CA VAL A 16 10.70 1.96 -4.45
C VAL A 16 10.06 1.13 -5.55
N THR A 17 9.54 1.80 -6.58
CA THR A 17 8.90 1.12 -7.70
C THR A 17 7.85 0.14 -7.20
N ILE A 18 7.33 -0.67 -8.12
CA ILE A 18 6.31 -1.67 -7.77
C ILE A 18 6.86 -3.08 -7.91
N GLU A 19 6.25 -4.02 -7.19
CA GLU A 19 6.68 -5.41 -7.23
C GLU A 19 5.80 -6.28 -6.34
N ASP A 20 4.66 -6.70 -6.87
CA ASP A 20 3.73 -7.54 -6.12
C ASP A 20 2.76 -8.25 -7.06
N SER A 21 1.75 -8.90 -6.48
CA SER A 21 0.76 -9.62 -7.26
C SER A 21 1.40 -10.77 -8.02
N TYR A 22 1.14 -11.99 -7.56
CA TYR A 22 1.70 -13.19 -8.19
C TYR A 22 0.79 -14.39 -7.97
N SER A 23 0.81 -14.93 -6.76
CA SER A 23 -0.02 -16.08 -6.42
C SER A 23 -1.26 -15.66 -5.64
N THR A 24 -1.13 -14.57 -4.89
CA THR A 24 -2.25 -14.06 -4.09
C THR A 24 -3.38 -13.56 -4.98
N GLU A 25 -3.08 -13.39 -6.27
CA GLU A 25 -4.07 -12.90 -7.22
C GLU A 25 -4.37 -11.43 -7.00
N SER A 26 -5.03 -11.12 -5.88
CA SER A 26 -5.38 -9.76 -5.55
C SER A 26 -4.14 -8.85 -5.57
N ALA A 27 -4.34 -7.60 -5.99
CA ALA A 27 -3.24 -6.65 -6.05
C ALA A 27 -3.53 -5.43 -5.18
N TRP A 28 -2.48 -4.69 -4.84
CA TRP A 28 -2.62 -3.50 -4.00
C TRP A 28 -2.53 -2.24 -4.85
N VAL A 29 -3.53 -1.37 -4.73
CA VAL A 29 -3.56 -0.13 -5.48
C VAL A 29 -3.61 1.08 -4.55
N ARG A 30 -2.75 2.06 -4.80
CA ARG A 30 -2.71 3.27 -3.98
C ARG A 30 -3.42 4.42 -4.68
N CYS A 31 -4.18 5.19 -3.90
CA CYS A 31 -4.91 6.33 -4.43
C CYS A 31 -3.98 7.52 -4.68
N ASP A 32 -4.16 8.18 -5.81
CA ASP A 32 -3.34 9.33 -6.16
C ASP A 32 -4.04 10.63 -5.78
N ASP A 33 -4.74 10.61 -4.66
CA ASP A 33 -5.46 11.79 -4.18
C ASP A 33 -5.45 11.86 -2.66
N CYS A 34 -5.69 10.71 -2.02
CA CYS A 34 -5.70 10.64 -0.56
C CYS A 34 -4.60 9.72 -0.05
N PHE A 35 -4.01 8.95 -0.95
CA PHE A 35 -2.94 8.03 -0.60
C PHE A 35 -3.45 6.96 0.37
N LYS A 36 -4.16 5.97 -0.16
CA LYS A 36 -4.69 4.88 0.65
C LYS A 36 -4.52 3.54 -0.05
N TRP A 37 -4.29 2.49 0.73
CA TRP A 37 -4.11 1.16 0.18
C TRP A 37 -5.46 0.48 -0.06
N ARG A 38 -5.69 0.04 -1.29
CA ARG A 38 -6.94 -0.62 -1.65
C ARG A 38 -6.67 -1.98 -2.28
N ARG A 39 -7.25 -3.02 -1.69
CA ARG A 39 -7.08 -4.38 -2.19
C ARG A 39 -8.11 -4.70 -3.27
N ILE A 40 -7.62 -4.93 -4.49
CA ILE A 40 -8.50 -5.23 -5.61
C ILE A 40 -8.15 -6.59 -6.22
N PRO A 41 -9.15 -7.24 -6.83
CA PRO A 41 -8.97 -8.55 -7.47
C PRO A 41 -8.11 -8.47 -8.73
N ALA A 42 -7.49 -9.59 -9.09
CA ALA A 42 -6.65 -9.64 -10.28
C ALA A 42 -7.47 -9.46 -11.54
N SER A 43 -8.79 -9.56 -11.41
CA SER A 43 -9.69 -9.42 -12.54
C SER A 43 -9.85 -7.95 -12.93
N VAL A 44 -9.89 -7.08 -11.92
CA VAL A 44 -10.04 -5.64 -12.15
C VAL A 44 -8.68 -4.96 -12.23
N VAL A 45 -7.69 -5.54 -11.56
CA VAL A 45 -6.34 -4.98 -11.56
C VAL A 45 -5.82 -4.81 -12.97
N GLY A 46 -6.34 -5.60 -13.90
CA GLY A 46 -5.93 -5.50 -15.29
C GLY A 46 -6.88 -4.68 -16.13
N SER A 47 -7.67 -3.84 -15.48
CA SER A 47 -8.65 -3.01 -16.18
C SER A 47 -8.61 -1.58 -15.64
N ILE A 48 -8.53 -1.46 -14.32
CA ILE A 48 -8.50 -0.14 -13.68
C ILE A 48 -7.23 0.61 -14.05
N ASP A 49 -6.16 -0.13 -14.35
CA ASP A 49 -4.89 0.47 -14.72
C ASP A 49 -4.30 1.27 -13.56
N GLU A 50 -3.62 0.59 -12.65
CA GLU A 50 -3.02 1.25 -11.50
C GLU A 50 -1.54 1.53 -11.75
N SER A 51 -1.09 1.27 -12.97
CA SER A 51 0.30 1.50 -13.33
C SER A 51 0.62 2.99 -13.35
N SER A 52 -0.09 3.73 -14.20
CA SER A 52 0.13 5.17 -14.31
C SER A 52 -0.46 5.90 -13.12
N ARG A 53 -1.68 5.52 -12.73
CA ARG A 53 -2.35 6.14 -11.59
C ARG A 53 -3.67 5.43 -11.30
N TRP A 54 -4.23 5.71 -10.13
CA TRP A 54 -5.49 5.10 -9.72
C TRP A 54 -6.07 5.81 -8.50
N ILE A 55 -7.39 5.86 -8.43
CA ILE A 55 -8.07 6.51 -7.31
C ILE A 55 -9.20 5.65 -6.78
N CYS A 56 -9.72 6.02 -5.61
CA CYS A 56 -10.82 5.27 -4.99
C CYS A 56 -12.04 5.24 -5.91
N MET A 57 -12.45 6.41 -6.38
CA MET A 57 -13.60 6.51 -7.27
C MET A 57 -13.40 5.68 -8.53
N ASN A 58 -12.14 5.38 -8.83
CA ASN A 58 -11.81 4.59 -10.01
C ASN A 58 -11.96 3.10 -9.74
N ASN A 59 -12.18 2.76 -8.47
CA ASN A 59 -12.34 1.37 -8.07
C ASN A 59 -13.54 0.74 -8.78
N SER A 60 -13.54 -0.59 -8.85
CA SER A 60 -14.63 -1.31 -9.51
C SER A 60 -15.85 -1.42 -8.61
N ASP A 61 -15.61 -1.31 -7.29
CA ASP A 61 -16.69 -1.39 -6.32
C ASP A 61 -17.62 -0.18 -6.42
N LYS A 62 -18.73 -0.22 -5.71
CA LYS A 62 -19.69 0.87 -5.72
C LYS A 62 -19.89 1.45 -4.32
N ARG A 63 -19.41 0.72 -3.32
CA ARG A 63 -19.54 1.15 -1.93
C ARG A 63 -18.19 1.59 -1.37
N PHE A 64 -17.12 1.09 -1.98
CA PHE A 64 -15.77 1.42 -1.53
C PHE A 64 -15.01 2.17 -2.64
N ALA A 65 -15.75 2.66 -3.63
CA ALA A 65 -15.14 3.39 -4.74
C ALA A 65 -15.32 4.90 -4.56
N ASP A 66 -14.58 5.46 -3.62
CA ASP A 66 -14.66 6.90 -3.35
C ASP A 66 -13.69 7.30 -2.24
N CYS A 67 -13.09 8.47 -2.38
CA CYS A 67 -12.15 8.96 -1.38
C CYS A 67 -12.85 9.23 -0.06
N SER A 68 -14.15 9.45 -0.12
CA SER A 68 -14.93 9.73 1.08
C SER A 68 -15.04 8.48 1.96
N LYS A 69 -14.91 7.31 1.34
CA LYS A 69 -14.99 6.05 2.06
C LYS A 69 -13.81 5.90 3.02
N SER A 70 -13.68 4.71 3.61
CA SER A 70 -12.60 4.45 4.55
C SER A 70 -11.57 3.49 3.95
N GLN A 71 -10.50 3.23 4.69
CA GLN A 71 -9.45 2.33 4.22
C GLN A 71 -9.90 0.88 4.31
N GLU A 72 -9.40 0.06 3.38
CA GLU A 72 -9.75 -1.36 3.36
C GLU A 72 -9.09 -2.10 4.53
N MET A 73 -7.77 -1.98 4.63
CA MET A 73 -7.03 -2.64 5.69
C MET A 73 -6.04 -1.68 6.34
N SER A 74 -5.79 -1.86 7.63
CA SER A 74 -4.87 -1.00 8.37
C SER A 74 -3.47 -1.09 7.78
N ASN A 75 -2.66 -0.09 8.08
CA ASN A 75 -1.28 -0.05 7.59
C ASN A 75 -0.50 -1.28 8.05
N GLU A 76 -0.72 -1.68 9.29
CA GLU A 76 -0.04 -2.86 9.84
C GLU A 76 -0.36 -4.10 9.04
N GLU A 77 -1.64 -4.32 8.79
CA GLU A 77 -2.08 -5.49 8.03
C GLU A 77 -1.46 -5.51 6.64
N ILE A 78 -1.46 -4.35 5.99
CA ILE A 78 -0.89 -4.22 4.65
C ILE A 78 0.61 -4.46 4.68
N ASN A 79 1.31 -3.77 5.57
CA ASN A 79 2.76 -3.90 5.68
C ASN A 79 3.15 -5.36 5.85
N GLU A 80 2.41 -6.07 6.70
CA GLU A 80 2.68 -7.48 6.95
C GLU A 80 2.20 -8.35 5.79
N GLU A 81 1.18 -7.87 5.10
CA GLU A 81 0.61 -8.60 3.96
C GLU A 81 1.65 -8.75 2.85
N LEU A 82 2.24 -7.63 2.45
CA LEU A 82 3.24 -7.63 1.39
C LEU A 82 4.62 -7.96 1.94
N GLY A 83 4.84 -7.61 3.21
CA GLY A 83 6.12 -7.87 3.84
C GLY A 83 7.09 -6.71 3.69
N ILE A 84 6.58 -5.50 3.74
CA ILE A 84 7.40 -4.31 3.61
C ILE A 84 7.62 -3.63 4.95
N GLY A 85 8.27 -2.48 4.94
CA GLY A 85 8.53 -1.74 6.17
C GLY A 85 7.88 -0.37 6.16
N GLN A 86 6.57 -0.33 6.12
CA GLN A 86 5.83 0.93 6.11
C GLN A 86 6.27 1.81 7.27
N ASP A 87 6.31 3.12 7.03
CA ASP A 87 6.71 4.08 8.06
C ASP A 87 5.52 4.44 8.94
N GLU A 88 5.17 3.54 9.87
CA GLU A 88 4.05 3.77 10.77
C GLU A 88 4.42 4.80 11.84
N ALA A 89 5.70 4.83 12.21
CA ALA A 89 6.19 5.76 13.22
C ALA A 89 5.55 5.47 14.57
N ASP A 90 6.16 6.01 15.63
CA ASP A 90 5.65 5.81 16.98
C ASP A 90 6.46 6.62 17.99
N ALA A 91 7.72 6.26 18.15
CA ALA A 91 8.61 6.96 19.09
C ALA A 91 10.05 6.52 18.90
N TYR A 92 10.83 7.36 18.22
CA TYR A 92 12.24 7.06 17.96
C TYR A 92 13.13 8.21 18.42
N ASP A 93 14.43 8.08 18.16
CA ASP A 93 15.39 9.11 18.54
C ASP A 93 16.70 8.93 17.78
N CYS A 94 17.68 9.77 18.12
CA CYS A 94 18.99 9.71 17.46
C CYS A 94 19.64 8.35 17.68
N ASP A 95 20.50 7.96 16.75
CA ASP A 95 21.20 6.68 16.85
C ASP A 95 20.20 5.52 16.85
N ALA A 96 19.05 5.74 16.24
CA ALA A 96 18.01 4.71 16.17
C ALA A 96 18.55 3.42 15.55
N ALA A 97 19.59 3.56 14.72
CA ALA A 97 20.19 2.41 14.07
C ALA A 97 20.57 1.34 15.08
N LYS A 98 20.87 1.77 16.31
CA LYS A 98 21.26 0.85 17.37
C LYS A 98 20.71 1.31 18.71
N ARG A 99 21.11 0.62 19.78
CA ARG A 99 20.65 0.95 21.12
C ARG A 99 21.20 2.31 21.56
N GLY A 100 22.43 2.61 21.13
CA GLY A 100 23.05 3.88 21.49
C GLY A 100 23.62 3.86 22.89
ZN ZN B . -8.75 8.11 -2.41
N GLY A 1 -12.18 -50.31 0.30
CA GLY A 1 -12.19 -49.81 -1.07
C GLY A 1 -11.10 -50.42 -1.91
N SER A 2 -11.08 -50.08 -3.20
CA SER A 2 -10.09 -50.60 -4.12
C SER A 2 -10.02 -49.75 -5.39
N ARG A 3 -9.05 -48.85 -5.44
CA ARG A 3 -8.88 -47.97 -6.59
C ARG A 3 -8.02 -48.64 -7.67
N ARG A 4 -8.40 -48.44 -8.93
CA ARG A 4 -7.67 -49.03 -10.04
C ARG A 4 -7.85 -48.20 -11.31
N ALA A 5 -7.89 -46.89 -11.14
CA ALA A 5 -8.05 -45.98 -12.27
C ALA A 5 -7.38 -44.63 -12.00
N SER A 6 -6.25 -44.40 -12.66
CA SER A 6 -5.51 -43.16 -12.48
C SER A 6 -4.69 -42.83 -13.73
N VAL A 7 -5.09 -41.78 -14.43
CA VAL A 7 -4.40 -41.37 -15.65
C VAL A 7 -4.49 -39.86 -15.84
N GLY A 8 -3.72 -39.34 -16.78
CA GLY A 8 -3.73 -37.91 -17.06
C GLY A 8 -2.99 -37.55 -18.33
N SER A 9 -2.45 -36.34 -18.38
CA SER A 9 -1.71 -35.88 -19.55
C SER A 9 -0.61 -34.91 -19.15
N GLU A 10 0.48 -34.91 -19.91
CA GLU A 10 1.61 -34.04 -19.64
C GLU A 10 1.75 -32.96 -20.71
N PHE A 11 1.86 -31.71 -20.29
CA PHE A 11 1.99 -30.60 -21.21
C PHE A 11 2.41 -29.33 -20.47
N MET A 12 3.04 -28.40 -21.21
CA MET A 12 3.49 -27.15 -20.63
C MET A 12 2.75 -25.97 -21.25
N VAL A 13 3.22 -24.76 -20.94
CA VAL A 13 2.60 -23.54 -21.46
C VAL A 13 3.66 -22.52 -21.86
N VAL A 14 3.20 -21.36 -22.32
CA VAL A 14 4.12 -20.30 -22.74
C VAL A 14 3.63 -18.94 -22.24
N ASP A 15 4.56 -18.13 -21.75
CA ASP A 15 4.23 -16.80 -21.24
C ASP A 15 5.42 -15.86 -21.37
N VAL A 16 5.24 -14.78 -22.11
CA VAL A 16 6.29 -13.79 -22.32
C VAL A 16 5.73 -12.39 -22.42
N THR A 17 5.17 -11.89 -21.32
CA THR A 17 4.60 -10.55 -21.29
C THR A 17 4.78 -9.91 -19.92
N ILE A 18 4.26 -8.69 -19.77
CA ILE A 18 4.37 -7.97 -18.51
C ILE A 18 3.18 -8.27 -17.60
N GLU A 19 3.38 -8.09 -16.30
CA GLU A 19 2.33 -8.35 -15.32
C GLU A 19 2.77 -7.94 -13.92
N ASP A 20 1.90 -7.22 -13.23
CA ASP A 20 2.20 -6.76 -11.88
C ASP A 20 0.92 -6.60 -11.06
N SER A 21 0.69 -7.54 -10.15
CA SER A 21 -0.50 -7.51 -9.30
C SER A 21 -0.29 -8.34 -8.04
N TYR A 22 0.95 -8.44 -7.61
CA TYR A 22 1.28 -9.21 -6.41
C TYR A 22 0.72 -10.62 -6.51
N SER A 23 0.79 -11.35 -5.39
CA SER A 23 0.28 -12.71 -5.34
C SER A 23 -1.10 -12.76 -4.68
N THR A 24 -1.58 -13.98 -4.42
CA THR A 24 -2.88 -14.16 -3.79
C THR A 24 -4.00 -13.61 -4.68
N GLU A 25 -3.72 -13.49 -5.97
CA GLU A 25 -4.70 -12.99 -6.92
C GLU A 25 -4.91 -11.49 -6.73
N SER A 26 -5.54 -11.11 -5.61
CA SER A 26 -5.81 -9.72 -5.31
C SER A 26 -4.51 -8.93 -5.24
N ALA A 27 -4.57 -7.66 -5.66
CA ALA A 27 -3.40 -6.79 -5.64
C ALA A 27 -3.65 -5.55 -4.78
N TRP A 28 -2.57 -4.87 -4.40
CA TRP A 28 -2.68 -3.68 -3.58
C TRP A 28 -2.47 -2.42 -4.42
N VAL A 29 -3.37 -1.46 -4.28
CA VAL A 29 -3.28 -0.21 -5.03
C VAL A 29 -3.44 1.00 -4.11
N ARG A 30 -2.67 2.04 -4.36
CA ARG A 30 -2.73 3.26 -3.56
C ARG A 30 -3.39 4.39 -4.33
N CYS A 31 -4.18 5.20 -3.63
CA CYS A 31 -4.88 6.32 -4.25
C CYS A 31 -3.93 7.48 -4.51
N ASP A 32 -4.04 8.08 -5.68
CA ASP A 32 -3.19 9.21 -6.05
C ASP A 32 -3.89 10.53 -5.76
N ASP A 33 -4.73 10.54 -4.73
CA ASP A 33 -5.45 11.75 -4.35
C ASP A 33 -5.47 11.93 -2.83
N CYS A 34 -5.66 10.83 -2.11
CA CYS A 34 -5.69 10.85 -0.66
C CYS A 34 -4.58 9.98 -0.08
N PHE A 35 -3.93 9.21 -0.93
CA PHE A 35 -2.86 8.33 -0.50
C PHE A 35 -3.36 7.29 0.49
N LYS A 36 -4.17 6.35 0.02
CA LYS A 36 -4.72 5.31 0.86
C LYS A 36 -4.65 3.95 0.17
N TRP A 37 -4.37 2.91 0.96
CA TRP A 37 -4.27 1.56 0.42
C TRP A 37 -5.65 1.00 0.09
N ARG A 38 -5.73 0.24 -1.00
CA ARG A 38 -6.99 -0.36 -1.41
C ARG A 38 -6.77 -1.72 -2.07
N ARG A 39 -7.42 -2.75 -1.54
CA ARG A 39 -7.28 -4.10 -2.06
C ARG A 39 -8.27 -4.33 -3.22
N ILE A 40 -7.74 -4.72 -4.37
CA ILE A 40 -8.56 -4.98 -5.54
C ILE A 40 -8.29 -6.35 -6.12
N PRO A 41 -9.29 -6.93 -6.79
CA PRO A 41 -9.17 -8.26 -7.42
C PRO A 41 -8.24 -8.25 -8.62
N ALA A 42 -7.67 -9.42 -8.92
CA ALA A 42 -6.76 -9.55 -10.06
C ALA A 42 -7.49 -9.32 -11.38
N SER A 43 -8.82 -9.32 -11.33
CA SER A 43 -9.63 -9.12 -12.52
C SER A 43 -9.64 -7.65 -12.92
N VAL A 44 -9.68 -6.76 -11.93
CA VAL A 44 -9.69 -5.33 -12.19
C VAL A 44 -8.27 -4.76 -12.19
N VAL A 45 -7.38 -5.39 -11.43
CA VAL A 45 -6.00 -4.95 -11.35
C VAL A 45 -5.36 -4.86 -12.73
N GLY A 46 -5.88 -5.66 -13.67
CA GLY A 46 -5.36 -5.65 -15.02
C GLY A 46 -6.22 -4.83 -15.98
N SER A 47 -6.99 -3.91 -15.42
CA SER A 47 -7.85 -3.05 -16.23
C SER A 47 -7.74 -1.59 -15.79
N ILE A 48 -7.67 -1.38 -14.48
CA ILE A 48 -7.55 -0.04 -13.93
C ILE A 48 -6.24 0.61 -14.31
N ASP A 49 -5.24 -0.22 -14.60
CA ASP A 49 -3.92 0.27 -14.98
C ASP A 49 -3.92 0.75 -16.43
N GLU A 50 -4.58 1.87 -16.67
CA GLU A 50 -4.66 2.44 -18.01
C GLU A 50 -3.39 3.21 -18.35
N SER A 51 -2.76 3.80 -17.34
CA SER A 51 -1.54 4.57 -17.53
C SER A 51 -0.51 4.23 -16.46
N SER A 52 -0.75 4.74 -15.25
CA SER A 52 0.16 4.49 -14.13
C SER A 52 -0.35 5.17 -12.86
N ARG A 53 -1.66 5.14 -12.67
CA ARG A 53 -2.28 5.75 -11.49
C ARG A 53 -3.59 5.05 -11.14
N TRP A 54 -4.15 5.39 -9.98
CA TRP A 54 -5.40 4.80 -9.53
C TRP A 54 -5.97 5.58 -8.35
N ILE A 55 -7.29 5.65 -8.28
CA ILE A 55 -7.97 6.36 -7.20
C ILE A 55 -9.12 5.53 -6.64
N CYS A 56 -9.65 5.97 -5.50
CA CYS A 56 -10.75 5.28 -4.85
C CYS A 56 -11.96 5.19 -5.78
N MET A 57 -12.36 6.34 -6.33
CA MET A 57 -13.49 6.39 -7.25
C MET A 57 -13.27 5.49 -8.45
N ASN A 58 -12.01 5.16 -8.72
CA ASN A 58 -11.65 4.30 -9.85
C ASN A 58 -11.72 2.83 -9.46
N ASN A 59 -11.89 2.58 -8.16
CA ASN A 59 -11.97 1.21 -7.65
C ASN A 59 -13.08 0.44 -8.36
N SER A 60 -12.86 -0.86 -8.55
CA SER A 60 -13.84 -1.71 -9.22
C SER A 60 -15.11 -1.85 -8.37
N ASP A 61 -14.94 -1.77 -7.06
CA ASP A 61 -16.06 -1.88 -6.13
C ASP A 61 -16.99 -0.67 -6.26
N LYS A 62 -17.94 -0.56 -5.33
CA LYS A 62 -18.89 0.55 -5.33
C LYS A 62 -18.96 1.21 -3.96
N ARG A 63 -19.21 0.40 -2.93
CA ARG A 63 -19.31 0.90 -1.57
C ARG A 63 -17.95 1.38 -1.06
N PHE A 64 -16.89 0.91 -1.71
CA PHE A 64 -15.53 1.28 -1.33
C PHE A 64 -14.81 1.95 -2.50
N ALA A 65 -15.58 2.53 -3.41
CA ALA A 65 -15.00 3.20 -4.57
C ALA A 65 -15.21 4.71 -4.49
N ASP A 66 -14.52 5.35 -3.55
CA ASP A 66 -14.63 6.79 -3.36
C ASP A 66 -13.66 7.26 -2.28
N CYS A 67 -13.09 8.44 -2.48
CA CYS A 67 -12.15 9.02 -1.53
C CYS A 67 -12.84 9.31 -0.19
N SER A 68 -14.15 9.50 -0.24
CA SER A 68 -14.93 9.78 0.97
C SER A 68 -15.00 8.55 1.87
N LYS A 69 -14.87 7.37 1.26
CA LYS A 69 -14.92 6.12 2.00
C LYS A 69 -13.71 5.99 2.91
N SER A 70 -13.66 4.90 3.67
CA SER A 70 -12.55 4.64 4.58
C SER A 70 -11.64 3.54 4.04
N GLN A 71 -10.62 3.20 4.82
CA GLN A 71 -9.67 2.16 4.42
C GLN A 71 -10.29 0.78 4.59
N GLU A 72 -9.66 -0.22 3.96
CA GLU A 72 -10.15 -1.59 4.04
C GLU A 72 -9.43 -2.36 5.14
N MET A 73 -8.13 -2.10 5.29
CA MET A 73 -7.34 -2.77 6.31
C MET A 73 -6.41 -1.79 7.01
N SER A 74 -5.84 -2.21 8.14
CA SER A 74 -4.94 -1.36 8.91
C SER A 74 -3.54 -1.41 8.32
N ASN A 75 -2.79 -0.31 8.49
CA ASN A 75 -1.43 -0.23 7.99
C ASN A 75 -0.61 -1.43 8.43
N GLU A 76 -0.89 -1.93 9.62
CA GLU A 76 -0.17 -3.08 10.16
C GLU A 76 -0.47 -4.33 9.35
N GLU A 77 -1.75 -4.56 9.07
CA GLU A 77 -2.17 -5.73 8.30
C GLU A 77 -1.59 -5.68 6.88
N ILE A 78 -1.56 -4.48 6.30
CA ILE A 78 -1.03 -4.31 4.95
C ILE A 78 0.48 -4.52 4.92
N ASN A 79 1.18 -3.96 5.91
CA ASN A 79 2.62 -4.10 6.00
C ASN A 79 3.03 -5.57 6.16
N GLU A 80 2.30 -6.28 7.02
CA GLU A 80 2.57 -7.69 7.27
C GLU A 80 2.08 -8.55 6.11
N GLU A 81 1.05 -8.07 5.43
CA GLU A 81 0.48 -8.81 4.31
C GLU A 81 1.46 -8.87 3.15
N LEU A 82 1.94 -7.71 2.72
CA LEU A 82 2.90 -7.64 1.62
C LEU A 82 4.31 -8.00 2.08
N GLY A 83 4.59 -7.75 3.36
CA GLY A 83 5.90 -8.06 3.90
C GLY A 83 6.87 -6.91 3.79
N ILE A 84 6.35 -5.69 3.82
CA ILE A 84 7.17 -4.49 3.71
C ILE A 84 7.35 -3.82 5.07
N GLY A 85 7.98 -2.65 5.08
CA GLY A 85 8.20 -1.94 6.31
C GLY A 85 7.61 -0.55 6.29
N GLN A 86 6.28 -0.47 6.24
CA GLN A 86 5.58 0.81 6.21
C GLN A 86 6.05 1.70 7.35
N ASP A 87 6.23 2.98 7.06
CA ASP A 87 6.68 3.95 8.06
C ASP A 87 5.48 4.61 8.74
N GLU A 88 4.30 4.04 8.54
CA GLU A 88 3.09 4.56 9.14
C GLU A 88 2.88 4.00 10.55
N ALA A 89 3.21 2.73 10.72
CA ALA A 89 3.05 2.06 12.01
C ALA A 89 4.13 2.53 12.99
N ASP A 90 3.71 3.24 14.03
CA ASP A 90 4.64 3.75 15.04
C ASP A 90 4.27 3.22 16.42
N ALA A 91 3.03 3.45 16.83
CA ALA A 91 2.56 3.00 18.14
C ALA A 91 2.05 1.56 18.06
N TYR A 92 2.21 0.93 16.90
CA TYR A 92 1.76 -0.44 16.69
C TYR A 92 2.91 -1.42 16.85
N ASP A 93 2.78 -2.35 17.79
CA ASP A 93 3.81 -3.35 18.04
C ASP A 93 3.27 -4.47 18.92
N CYS A 94 2.01 -4.82 18.73
CA CYS A 94 1.37 -5.88 19.50
C CYS A 94 1.34 -7.18 18.73
N ASP A 95 0.54 -7.22 17.66
CA ASP A 95 0.44 -8.41 16.83
C ASP A 95 0.10 -9.64 17.68
N ALA A 96 -0.67 -9.43 18.74
CA ALA A 96 -1.06 -10.51 19.63
C ALA A 96 -2.06 -11.45 18.95
N ALA A 97 -2.86 -10.89 18.05
CA ALA A 97 -3.85 -11.68 17.33
C ALA A 97 -3.18 -12.74 16.46
N LYS A 98 -2.00 -12.43 15.96
CA LYS A 98 -1.25 -13.36 15.12
C LYS A 98 -2.09 -13.79 13.91
N ARG A 99 -1.51 -14.64 13.07
CA ARG A 99 -2.20 -15.11 11.88
C ARG A 99 -1.62 -16.45 11.41
N GLY A 100 -0.29 -16.53 11.33
CA GLY A 100 0.36 -17.74 10.90
C GLY A 100 0.40 -17.88 9.40
ZN ZN B . -8.72 8.30 -2.43
N GLY A 1 -14.54 26.73 -46.05
CA GLY A 1 -14.16 26.29 -44.72
C GLY A 1 -12.67 25.99 -44.60
N SER A 2 -12.20 25.89 -43.37
CA SER A 2 -10.78 25.61 -43.12
C SER A 2 -10.62 24.51 -42.08
N ARG A 3 -9.39 24.00 -41.95
CA ARG A 3 -9.10 22.94 -40.99
C ARG A 3 -7.91 23.31 -40.12
N ARG A 4 -7.82 22.69 -38.95
CA ARG A 4 -6.72 22.95 -38.02
C ARG A 4 -6.50 21.77 -37.09
N ALA A 5 -5.33 21.70 -36.48
CA ALA A 5 -4.98 20.62 -35.57
C ALA A 5 -4.28 21.16 -34.33
N SER A 6 -4.21 20.32 -33.29
CA SER A 6 -3.56 20.71 -32.04
C SER A 6 -2.95 19.50 -31.35
N VAL A 7 -1.85 19.72 -30.64
CA VAL A 7 -1.18 18.65 -29.92
C VAL A 7 -0.51 19.17 -28.66
N GLY A 8 -0.11 18.25 -27.78
CA GLY A 8 0.53 18.63 -26.53
C GLY A 8 0.91 17.44 -25.68
N SER A 9 2.17 17.38 -25.28
CA SER A 9 2.66 16.28 -24.45
C SER A 9 4.12 16.49 -24.08
N GLU A 10 4.49 16.03 -22.88
CA GLU A 10 5.86 16.17 -22.40
C GLU A 10 6.44 14.82 -22.02
N PHE A 11 7.71 14.80 -21.62
CA PHE A 11 8.39 13.59 -21.24
C PHE A 11 7.76 12.99 -19.98
N MET A 12 8.28 11.85 -19.54
CA MET A 12 7.76 11.17 -18.36
C MET A 12 8.38 11.78 -17.09
N VAL A 13 7.75 11.50 -15.95
CA VAL A 13 8.23 12.01 -14.68
C VAL A 13 9.42 11.20 -14.17
N VAL A 14 9.94 11.58 -13.01
CA VAL A 14 11.07 10.87 -12.41
C VAL A 14 10.63 10.05 -11.21
N ASP A 15 9.54 9.31 -11.37
CA ASP A 15 9.01 8.48 -10.29
C ASP A 15 9.67 7.10 -10.31
N VAL A 16 10.32 6.74 -9.21
CA VAL A 16 10.98 5.45 -9.10
C VAL A 16 10.91 4.91 -7.68
N THR A 17 9.70 4.58 -7.23
CA THR A 17 9.49 4.05 -5.89
C THR A 17 9.38 2.53 -5.90
N ILE A 18 9.24 1.94 -4.72
CA ILE A 18 9.12 0.50 -4.60
C ILE A 18 7.69 0.04 -4.88
N GLU A 19 7.55 -1.21 -5.30
CA GLU A 19 6.24 -1.78 -5.60
C GLU A 19 6.34 -3.27 -5.88
N ASP A 20 5.29 -4.01 -5.53
CA ASP A 20 5.26 -5.46 -5.74
C ASP A 20 3.86 -6.01 -5.47
N SER A 21 3.03 -6.02 -6.50
CA SER A 21 1.67 -6.52 -6.38
C SER A 21 1.41 -7.64 -7.39
N TYR A 22 0.68 -8.67 -6.96
CA TYR A 22 0.36 -9.79 -7.82
C TYR A 22 -0.68 -9.40 -8.87
N SER A 23 -0.61 -10.05 -10.03
CA SER A 23 -1.54 -9.77 -11.12
C SER A 23 -2.53 -10.92 -11.30
N THR A 24 -2.12 -12.11 -10.88
CA THR A 24 -2.97 -13.29 -11.00
C THR A 24 -4.02 -13.32 -9.89
N GLU A 25 -3.74 -12.65 -8.79
CA GLU A 25 -4.67 -12.60 -7.67
C GLU A 25 -4.85 -11.16 -7.17
N SER A 26 -5.51 -11.02 -6.03
CA SER A 26 -5.76 -9.71 -5.45
C SER A 26 -4.46 -8.91 -5.32
N ALA A 27 -4.47 -7.68 -5.82
CA ALA A 27 -3.29 -6.82 -5.75
C ALA A 27 -3.58 -5.58 -4.92
N TRP A 28 -2.52 -4.87 -4.55
CA TRP A 28 -2.64 -3.66 -3.74
C TRP A 28 -2.51 -2.41 -4.61
N VAL A 29 -3.35 -1.43 -4.35
CA VAL A 29 -3.32 -0.18 -5.12
C VAL A 29 -3.46 1.03 -4.20
N ARG A 30 -2.68 2.07 -4.47
CA ARG A 30 -2.71 3.28 -3.67
C ARG A 30 -3.41 4.41 -4.43
N CYS A 31 -4.18 5.21 -3.70
CA CYS A 31 -4.90 6.33 -4.30
C CYS A 31 -3.97 7.50 -4.55
N ASP A 32 -4.13 8.14 -5.71
CA ASP A 32 -3.30 9.28 -6.07
C ASP A 32 -4.00 10.60 -5.73
N ASP A 33 -4.81 10.57 -4.68
CA ASP A 33 -5.54 11.76 -4.25
C ASP A 33 -5.51 11.89 -2.73
N CYS A 34 -5.70 10.77 -2.04
CA CYS A 34 -5.70 10.75 -0.59
C CYS A 34 -4.57 9.88 -0.05
N PHE A 35 -3.96 9.09 -0.93
CA PHE A 35 -2.86 8.21 -0.55
C PHE A 35 -3.32 7.18 0.47
N LYS A 36 -4.08 6.20 0.01
CA LYS A 36 -4.58 5.14 0.89
C LYS A 36 -4.52 3.78 0.19
N TRP A 37 -4.19 2.75 0.96
CA TRP A 37 -4.10 1.39 0.42
C TRP A 37 -5.49 0.84 0.10
N ARG A 38 -5.59 0.14 -1.02
CA ARG A 38 -6.86 -0.44 -1.44
C ARG A 38 -6.65 -1.81 -2.08
N ARG A 39 -7.33 -2.82 -1.54
CA ARG A 39 -7.21 -4.18 -2.05
C ARG A 39 -8.19 -4.41 -3.20
N ILE A 40 -7.67 -4.81 -4.35
CA ILE A 40 -8.50 -5.07 -5.52
C ILE A 40 -8.21 -6.45 -6.10
N PRO A 41 -9.22 -7.04 -6.77
CA PRO A 41 -9.09 -8.35 -7.40
C PRO A 41 -8.17 -8.34 -8.60
N ALA A 42 -7.62 -9.50 -8.94
CA ALA A 42 -6.71 -9.62 -10.08
C ALA A 42 -7.45 -9.39 -11.39
N SER A 43 -8.77 -9.39 -11.32
CA SER A 43 -9.60 -9.19 -12.51
C SER A 43 -9.64 -7.72 -12.91
N VAL A 44 -9.67 -6.84 -11.90
CA VAL A 44 -9.70 -5.41 -12.15
C VAL A 44 -8.29 -4.82 -12.16
N VAL A 45 -7.38 -5.45 -11.41
CA VAL A 45 -6.01 -4.99 -11.35
C VAL A 45 -5.39 -4.90 -12.74
N GLY A 46 -5.92 -5.68 -13.67
CA GLY A 46 -5.40 -5.66 -15.03
C GLY A 46 -6.27 -4.83 -15.97
N SER A 47 -7.04 -3.91 -15.40
CA SER A 47 -7.91 -3.05 -16.18
C SER A 47 -7.80 -1.60 -15.73
N ILE A 48 -7.72 -1.40 -14.42
CA ILE A 48 -7.61 -0.06 -13.85
C ILE A 48 -6.29 0.59 -14.25
N ASP A 49 -5.30 -0.24 -14.54
CA ASP A 49 -3.99 0.26 -14.95
C ASP A 49 -3.99 0.72 -16.40
N GLU A 50 -4.61 1.87 -16.65
CA GLU A 50 -4.69 2.42 -18.00
C GLU A 50 -3.42 3.19 -18.34
N SER A 51 -2.80 3.78 -17.32
CA SER A 51 -1.58 4.55 -17.52
C SER A 51 -0.55 4.22 -16.46
N SER A 52 -0.78 4.73 -15.25
CA SER A 52 0.14 4.49 -14.13
C SER A 52 -0.36 5.15 -12.86
N ARG A 53 -1.68 5.15 -12.68
CA ARG A 53 -2.30 5.76 -11.50
C ARG A 53 -3.59 5.04 -11.13
N TRP A 54 -4.15 5.40 -9.99
CA TRP A 54 -5.39 4.79 -9.52
C TRP A 54 -5.99 5.58 -8.36
N ILE A 55 -7.31 5.63 -8.29
CA ILE A 55 -8.00 6.35 -7.23
C ILE A 55 -9.14 5.52 -6.65
N CYS A 56 -9.68 5.96 -5.52
CA CYS A 56 -10.78 5.27 -4.87
C CYS A 56 -11.98 5.16 -5.80
N MET A 57 -12.39 6.28 -6.37
CA MET A 57 -13.53 6.32 -7.28
C MET A 57 -13.28 5.40 -8.47
N ASN A 58 -12.02 5.08 -8.73
CA ASN A 58 -11.65 4.22 -9.84
C ASN A 58 -11.72 2.75 -9.45
N ASN A 59 -11.91 2.51 -8.15
CA ASN A 59 -11.99 1.15 -7.62
C ASN A 59 -13.08 0.35 -8.36
N SER A 60 -12.99 -0.97 -8.27
CA SER A 60 -13.96 -1.85 -8.92
C SER A 60 -15.23 -1.97 -8.09
N ASP A 61 -15.09 -1.80 -6.78
CA ASP A 61 -16.22 -1.90 -5.87
C ASP A 61 -17.18 -0.71 -6.06
N LYS A 62 -18.17 -0.62 -5.19
CA LYS A 62 -19.15 0.46 -5.26
C LYS A 62 -19.27 1.18 -3.92
N ARG A 63 -19.19 0.42 -2.83
CA ARG A 63 -19.29 0.98 -1.49
C ARG A 63 -17.93 1.48 -1.01
N PHE A 64 -16.87 0.96 -1.62
CA PHE A 64 -15.52 1.35 -1.25
C PHE A 64 -14.80 2.01 -2.42
N ALA A 65 -15.58 2.53 -3.37
CA ALA A 65 -15.01 3.18 -4.55
C ALA A 65 -15.22 4.69 -4.49
N ASP A 66 -14.52 5.34 -3.56
CA ASP A 66 -14.64 6.79 -3.41
C ASP A 66 -13.69 7.29 -2.31
N CYS A 67 -13.11 8.45 -2.53
CA CYS A 67 -12.19 9.04 -1.57
C CYS A 67 -12.89 9.35 -0.25
N SER A 68 -14.21 9.54 -0.33
CA SER A 68 -15.00 9.85 0.86
C SER A 68 -15.02 8.66 1.82
N LYS A 69 -14.99 7.46 1.27
CA LYS A 69 -14.99 6.24 2.07
C LYS A 69 -13.75 6.16 2.94
N SER A 70 -13.55 5.01 3.57
CA SER A 70 -12.39 4.79 4.44
C SER A 70 -11.50 3.69 3.89
N GLN A 71 -10.45 3.36 4.65
CA GLN A 71 -9.51 2.33 4.24
C GLN A 71 -10.13 0.94 4.40
N GLU A 72 -9.52 -0.05 3.75
CA GLU A 72 -10.02 -1.42 3.81
C GLU A 72 -9.33 -2.19 4.93
N MET A 73 -8.04 -1.94 5.12
CA MET A 73 -7.26 -2.61 6.16
C MET A 73 -6.35 -1.62 6.87
N SER A 74 -5.84 -2.02 8.04
CA SER A 74 -4.95 -1.17 8.81
C SER A 74 -3.52 -1.27 8.31
N ASN A 75 -2.74 -0.22 8.57
CA ASN A 75 -1.35 -0.18 8.13
C ASN A 75 -0.61 -1.45 8.56
N GLU A 76 -0.86 -1.90 9.77
CA GLU A 76 -0.22 -3.10 10.29
C GLU A 76 -0.58 -4.33 9.45
N GLU A 77 -1.88 -4.47 9.17
CA GLU A 77 -2.36 -5.59 8.37
C GLU A 77 -1.70 -5.61 7.00
N ILE A 78 -1.63 -4.44 6.38
CA ILE A 78 -1.02 -4.31 5.05
C ILE A 78 0.48 -4.57 5.10
N ASN A 79 1.15 -3.92 6.05
CA ASN A 79 2.59 -4.08 6.20
C ASN A 79 2.97 -5.56 6.31
N GLU A 80 2.25 -6.27 7.17
CA GLU A 80 2.49 -7.70 7.37
C GLU A 80 1.97 -8.52 6.20
N GLU A 81 0.93 -8.00 5.55
CA GLU A 81 0.32 -8.69 4.41
C GLU A 81 1.34 -8.88 3.29
N LEU A 82 1.97 -7.78 2.89
CA LEU A 82 2.96 -7.82 1.81
C LEU A 82 4.35 -8.18 2.37
N GLY A 83 4.58 -7.81 3.62
CA GLY A 83 5.86 -8.11 4.25
C GLY A 83 6.86 -6.98 4.07
N ILE A 84 6.39 -5.74 4.15
CA ILE A 84 7.25 -4.58 3.99
C ILE A 84 7.51 -3.91 5.35
N GLY A 85 8.19 -2.77 5.31
CA GLY A 85 8.49 -2.05 6.53
C GLY A 85 7.88 -0.65 6.55
N GLN A 86 6.55 -0.60 6.50
CA GLN A 86 5.85 0.68 6.50
C GLN A 86 6.31 1.55 7.68
N ASP A 87 5.95 2.83 7.63
CA ASP A 87 6.33 3.76 8.69
C ASP A 87 5.25 3.81 9.77
N GLU A 88 4.34 2.84 9.76
CA GLU A 88 3.27 2.78 10.73
C GLU A 88 3.82 2.88 12.16
N ALA A 89 4.85 2.09 12.43
CA ALA A 89 5.46 2.09 13.75
C ALA A 89 4.44 1.77 14.83
N ASP A 90 4.23 0.49 15.09
CA ASP A 90 3.27 0.05 16.10
C ASP A 90 3.91 -0.96 17.05
N ALA A 91 4.43 -2.05 16.49
CA ALA A 91 5.06 -3.09 17.29
C ALA A 91 4.07 -3.75 18.22
N TYR A 92 2.78 -3.55 17.95
CA TYR A 92 1.72 -4.13 18.77
C TYR A 92 1.90 -3.75 20.24
N ASP A 93 1.11 -4.36 21.10
CA ASP A 93 1.17 -4.09 22.53
C ASP A 93 0.70 -5.30 23.33
N CYS A 94 1.02 -6.48 22.85
CA CYS A 94 0.63 -7.72 23.51
C CYS A 94 1.85 -8.55 23.89
N ASP A 95 1.77 -9.23 25.04
CA ASP A 95 2.87 -10.07 25.51
C ASP A 95 2.35 -11.31 26.20
N ALA A 96 1.20 -11.80 25.75
CA ALA A 96 0.59 -12.99 26.32
C ALA A 96 1.48 -14.21 26.13
N ALA A 97 2.27 -14.19 25.06
CA ALA A 97 3.17 -15.30 24.76
C ALA A 97 4.03 -15.66 25.96
N LYS A 98 4.50 -14.63 26.67
CA LYS A 98 5.33 -14.84 27.85
C LYS A 98 6.64 -15.53 27.47
N ARG A 99 7.70 -14.75 27.31
CA ARG A 99 9.00 -15.28 26.95
C ARG A 99 9.04 -15.68 25.48
N GLY A 100 8.11 -16.54 25.08
CA GLY A 100 8.06 -17.00 23.71
C GLY A 100 7.11 -18.17 23.52
ZN ZN B . -8.74 8.24 -2.41
N GLY A 1 -21.40 21.22 -31.47
CA GLY A 1 -20.60 20.85 -30.31
C GLY A 1 -19.12 21.01 -30.55
N SER A 2 -18.54 22.07 -29.99
CA SER A 2 -17.11 22.33 -30.15
C SER A 2 -16.44 22.54 -28.80
N ARG A 3 -15.51 21.65 -28.47
CA ARG A 3 -14.79 21.74 -27.20
C ARG A 3 -13.31 21.39 -27.38
N ARG A 4 -12.50 21.76 -26.40
CA ARG A 4 -11.07 21.48 -26.46
C ARG A 4 -10.47 21.46 -25.05
N ALA A 5 -9.23 20.99 -24.96
CA ALA A 5 -8.54 20.91 -23.67
C ALA A 5 -8.16 22.30 -23.17
N SER A 6 -7.67 22.36 -21.93
CA SER A 6 -7.26 23.63 -21.33
C SER A 6 -6.34 23.39 -20.15
N VAL A 7 -5.61 22.27 -20.18
CA VAL A 7 -4.68 21.93 -19.11
C VAL A 7 -3.42 22.79 -19.18
N GLY A 8 -2.75 22.94 -18.04
CA GLY A 8 -1.54 23.74 -17.99
C GLY A 8 -0.29 22.89 -17.90
N SER A 9 -0.13 22.19 -16.77
CA SER A 9 1.02 21.34 -16.56
C SER A 9 0.79 20.39 -15.40
N GLU A 10 1.73 19.46 -15.20
CA GLU A 10 1.62 18.49 -14.11
C GLU A 10 2.87 18.51 -13.24
N PHE A 11 2.67 18.31 -11.93
CA PHE A 11 3.78 18.31 -10.98
C PHE A 11 3.41 17.54 -9.72
N MET A 12 4.40 16.90 -9.12
CA MET A 12 4.19 16.13 -7.89
C MET A 12 5.49 15.96 -7.11
N VAL A 13 5.39 15.34 -5.94
CA VAL A 13 6.56 15.12 -5.10
C VAL A 13 7.53 14.14 -5.75
N VAL A 14 8.62 13.83 -5.04
CA VAL A 14 9.62 12.91 -5.55
C VAL A 14 9.38 11.50 -5.01
N ASP A 15 8.14 11.04 -5.10
CA ASP A 15 7.79 9.71 -4.62
C ASP A 15 8.38 8.63 -5.52
N VAL A 16 9.22 7.78 -4.94
CA VAL A 16 9.85 6.70 -5.70
C VAL A 16 10.04 5.46 -4.84
N THR A 17 8.93 4.83 -4.46
CA THR A 17 8.96 3.63 -3.63
C THR A 17 8.77 2.38 -4.47
N ILE A 18 8.94 1.22 -3.85
CA ILE A 18 8.80 -0.05 -4.55
C ILE A 18 7.33 -0.39 -4.75
N GLU A 19 7.05 -1.21 -5.76
CA GLU A 19 5.68 -1.61 -6.07
C GLU A 19 5.66 -2.69 -7.15
N ASP A 20 4.97 -3.79 -6.87
CA ASP A 20 4.87 -4.89 -7.82
C ASP A 20 3.62 -5.72 -7.56
N SER A 21 3.00 -6.21 -8.64
CA SER A 21 1.80 -7.01 -8.52
C SER A 21 1.93 -8.31 -9.32
N TYR A 22 1.34 -9.38 -8.81
CA TYR A 22 1.38 -10.67 -9.47
C TYR A 22 0.46 -10.71 -10.68
N SER A 23 -0.57 -9.87 -10.66
CA SER A 23 -1.52 -9.79 -11.75
C SER A 23 -2.32 -11.09 -11.86
N THR A 24 -2.23 -11.91 -10.82
CA THR A 24 -2.95 -13.18 -10.79
C THR A 24 -3.93 -13.24 -9.63
N GLU A 25 -3.61 -12.52 -8.55
CA GLU A 25 -4.46 -12.48 -7.38
C GLU A 25 -4.68 -11.04 -6.91
N SER A 26 -5.34 -10.89 -5.76
CA SER A 26 -5.61 -9.58 -5.20
C SER A 26 -4.32 -8.76 -5.08
N ALA A 27 -4.37 -7.53 -5.57
CA ALA A 27 -3.22 -6.65 -5.53
C ALA A 27 -3.53 -5.37 -4.75
N TRP A 28 -2.50 -4.77 -4.17
CA TRP A 28 -2.67 -3.54 -3.39
C TRP A 28 -2.39 -2.31 -4.25
N VAL A 29 -3.26 -1.32 -4.17
CA VAL A 29 -3.10 -0.09 -4.94
C VAL A 29 -3.27 1.13 -4.06
N ARG A 30 -2.53 2.19 -4.37
CA ARG A 30 -2.59 3.43 -3.60
C ARG A 30 -3.33 4.51 -4.38
N CYS A 31 -4.12 5.31 -3.66
CA CYS A 31 -4.88 6.38 -4.28
C CYS A 31 -3.99 7.58 -4.59
N ASP A 32 -4.24 8.20 -5.74
CA ASP A 32 -3.45 9.36 -6.16
C ASP A 32 -4.18 10.66 -5.82
N ASP A 33 -4.92 10.65 -4.72
CA ASP A 33 -5.67 11.82 -4.30
C ASP A 33 -5.61 11.98 -2.78
N CYS A 34 -5.82 10.88 -2.07
CA CYS A 34 -5.80 10.88 -0.62
C CYS A 34 -4.62 10.09 -0.08
N PHE A 35 -3.95 9.36 -0.98
CA PHE A 35 -2.80 8.56 -0.60
C PHE A 35 -3.18 7.51 0.46
N LYS A 36 -3.99 6.55 0.06
CA LYS A 36 -4.43 5.49 0.96
C LYS A 36 -4.38 4.13 0.28
N TRP A 37 -4.06 3.10 1.05
CA TRP A 37 -3.97 1.74 0.53
C TRP A 37 -5.36 1.20 0.22
N ARG A 38 -5.46 0.42 -0.86
CA ARG A 38 -6.73 -0.16 -1.26
C ARG A 38 -6.52 -1.54 -1.89
N ARG A 39 -7.19 -2.54 -1.34
CA ARG A 39 -7.09 -3.90 -1.85
C ARG A 39 -8.07 -4.15 -3.00
N ILE A 40 -7.55 -4.62 -4.11
CA ILE A 40 -8.38 -4.90 -5.28
C ILE A 40 -8.10 -6.28 -5.85
N PRO A 41 -9.11 -6.88 -6.50
CA PRO A 41 -8.99 -8.21 -7.11
C PRO A 41 -8.06 -8.21 -8.32
N ALA A 42 -7.52 -9.39 -8.64
CA ALA A 42 -6.62 -9.52 -9.77
C ALA A 42 -7.36 -9.32 -11.09
N SER A 43 -8.69 -9.31 -11.02
CA SER A 43 -9.51 -9.13 -12.21
C SER A 43 -9.55 -7.67 -12.63
N VAL A 44 -9.55 -6.77 -11.65
CA VAL A 44 -9.59 -5.34 -11.92
C VAL A 44 -8.17 -4.77 -11.98
N VAL A 45 -7.26 -5.37 -11.22
CA VAL A 45 -5.87 -4.92 -11.17
C VAL A 45 -5.25 -4.96 -12.57
N GLY A 46 -5.78 -5.81 -13.43
CA GLY A 46 -5.27 -5.92 -14.78
C GLY A 46 -6.13 -5.18 -15.80
N SER A 47 -6.91 -4.22 -15.31
CA SER A 47 -7.79 -3.44 -16.19
C SER A 47 -7.68 -1.96 -15.86
N ILE A 48 -7.60 -1.63 -14.58
CA ILE A 48 -7.49 -0.25 -14.15
C ILE A 48 -6.18 0.38 -14.61
N ASP A 49 -5.22 -0.47 -14.95
CA ASP A 49 -3.92 0.01 -15.41
C ASP A 49 -4.03 0.63 -16.80
N GLU A 50 -4.41 1.90 -16.84
CA GLU A 50 -4.56 2.61 -18.10
C GLU A 50 -3.31 3.43 -18.42
N SER A 51 -2.72 4.02 -17.39
CA SER A 51 -1.52 4.83 -17.55
C SER A 51 -0.49 4.52 -16.47
N SER A 52 -0.75 5.00 -15.25
CA SER A 52 0.15 4.76 -14.14
C SER A 52 -0.38 5.41 -12.86
N ARG A 53 -1.70 5.42 -12.72
CA ARG A 53 -2.34 6.01 -11.55
C ARG A 53 -3.63 5.26 -11.20
N TRP A 54 -4.17 5.55 -10.02
CA TRP A 54 -5.39 4.91 -9.57
C TRP A 54 -5.98 5.64 -8.35
N ILE A 55 -7.30 5.73 -8.30
CA ILE A 55 -7.97 6.40 -7.20
C ILE A 55 -9.08 5.52 -6.62
N CYS A 56 -9.65 5.96 -5.50
CA CYS A 56 -10.71 5.21 -4.85
C CYS A 56 -11.93 5.08 -5.75
N MET A 57 -12.39 6.22 -6.29
CA MET A 57 -13.55 6.24 -7.17
C MET A 57 -13.30 5.36 -8.40
N ASN A 58 -12.03 5.10 -8.69
CA ASN A 58 -11.67 4.28 -9.83
C ASN A 58 -11.77 2.79 -9.50
N ASN A 59 -11.97 2.50 -8.21
CA ASN A 59 -12.09 1.12 -7.75
C ASN A 59 -13.18 0.39 -8.52
N SER A 60 -13.14 -0.94 -8.49
CA SER A 60 -14.13 -1.76 -9.18
C SER A 60 -15.39 -1.92 -8.33
N ASP A 61 -15.23 -1.81 -7.02
CA ASP A 61 -16.35 -1.94 -6.10
C ASP A 61 -17.32 -0.77 -6.26
N LYS A 62 -18.32 -0.72 -5.38
CA LYS A 62 -19.32 0.34 -5.43
C LYS A 62 -19.42 1.04 -4.08
N ARG A 63 -19.29 0.27 -3.00
CA ARG A 63 -19.37 0.82 -1.66
C ARG A 63 -17.99 1.26 -1.16
N PHE A 64 -16.95 0.75 -1.82
CA PHE A 64 -15.58 1.08 -1.45
C PHE A 64 -14.87 1.80 -2.60
N ALA A 65 -15.64 2.35 -3.52
CA ALA A 65 -15.09 3.07 -4.66
C ALA A 65 -15.30 4.56 -4.53
N ASP A 66 -14.60 5.18 -3.60
CA ASP A 66 -14.71 6.62 -3.38
C ASP A 66 -13.75 7.08 -2.29
N CYS A 67 -13.19 8.27 -2.46
CA CYS A 67 -12.26 8.83 -1.50
C CYS A 67 -12.93 9.05 -0.14
N SER A 68 -14.25 9.24 -0.17
CA SER A 68 -15.01 9.47 1.04
C SER A 68 -15.07 8.20 1.89
N LYS A 69 -14.95 7.05 1.24
CA LYS A 69 -14.99 5.77 1.93
C LYS A 69 -13.77 5.60 2.83
N SER A 70 -13.86 4.67 3.77
CA SER A 70 -12.76 4.40 4.69
C SER A 70 -11.74 3.45 4.08
N GLN A 71 -10.63 3.24 4.78
CA GLN A 71 -9.58 2.36 4.28
C GLN A 71 -9.99 0.90 4.44
N GLU A 72 -9.36 0.03 3.65
CA GLU A 72 -9.66 -1.39 3.69
C GLU A 72 -9.08 -2.04 4.95
N MET A 73 -7.81 -1.72 5.23
CA MET A 73 -7.14 -2.27 6.41
C MET A 73 -6.15 -1.26 6.98
N SER A 74 -5.58 -1.59 8.14
CA SER A 74 -4.62 -0.70 8.79
C SER A 74 -3.23 -0.89 8.21
N ASN A 75 -2.33 0.01 8.57
CA ASN A 75 -0.95 -0.05 8.08
C ASN A 75 -0.28 -1.36 8.48
N GLU A 76 -0.49 -1.76 9.72
CA GLU A 76 0.09 -3.01 10.24
C GLU A 76 -0.41 -4.21 9.44
N GLU A 77 -1.71 -4.27 9.24
CA GLU A 77 -2.32 -5.37 8.50
C GLU A 77 -1.78 -5.43 7.07
N ILE A 78 -1.64 -4.26 6.45
CA ILE A 78 -1.13 -4.17 5.08
C ILE A 78 0.34 -4.58 5.02
N ASN A 79 1.16 -3.95 5.87
CA ASN A 79 2.59 -4.24 5.91
C ASN A 79 2.83 -5.74 6.07
N GLU A 80 2.07 -6.36 6.97
CA GLU A 80 2.21 -7.80 7.22
C GLU A 80 1.55 -8.60 6.11
N GLU A 81 0.54 -8.02 5.48
CA GLU A 81 -0.18 -8.69 4.40
C GLU A 81 0.75 -8.96 3.22
N LEU A 82 1.41 -7.92 2.74
CA LEU A 82 2.33 -8.04 1.60
C LEU A 82 3.69 -8.54 2.07
N GLY A 83 4.05 -8.22 3.32
CA GLY A 83 5.32 -8.65 3.85
C GLY A 83 6.41 -7.60 3.67
N ILE A 84 6.02 -6.33 3.72
CA ILE A 84 6.97 -5.23 3.55
C ILE A 84 7.29 -4.59 4.89
N GLY A 85 8.05 -3.49 4.84
CA GLY A 85 8.41 -2.78 6.06
C GLY A 85 7.86 -1.37 6.09
N GLN A 86 6.55 -1.24 6.25
CA GLN A 86 5.91 0.06 6.30
C GLN A 86 6.34 0.84 7.54
N ASP A 87 6.40 2.17 7.41
CA ASP A 87 6.79 3.02 8.53
C ASP A 87 8.10 2.56 9.13
N GLU A 88 9.05 2.19 8.27
CA GLU A 88 10.36 1.72 8.71
C GLU A 88 11.24 2.90 9.14
N ALA A 89 11.08 4.02 8.46
CA ALA A 89 11.86 5.22 8.77
C ALA A 89 11.41 5.84 10.09
N ASP A 90 11.91 5.30 11.20
CA ASP A 90 11.56 5.80 12.52
C ASP A 90 12.82 6.13 13.32
N ALA A 91 13.50 5.08 13.79
CA ALA A 91 14.72 5.26 14.58
C ALA A 91 15.64 4.06 14.44
N TYR A 92 15.43 3.27 13.38
CA TYR A 92 16.24 2.10 13.13
C TYR A 92 16.49 1.90 11.63
N ASP A 93 17.04 0.75 11.28
CA ASP A 93 17.31 0.44 9.88
C ASP A 93 16.78 -0.95 9.52
N CYS A 94 16.17 -1.06 8.34
CA CYS A 94 15.62 -2.33 7.88
C CYS A 94 16.68 -3.43 7.93
N ASP A 95 16.22 -4.67 8.00
CA ASP A 95 17.13 -5.81 8.05
C ASP A 95 16.38 -7.12 7.84
N ALA A 96 15.46 -7.13 6.88
CA ALA A 96 14.67 -8.31 6.59
C ALA A 96 15.56 -9.50 6.29
N ALA A 97 16.76 -9.24 5.79
CA ALA A 97 17.71 -10.29 5.47
C ALA A 97 17.91 -11.23 6.66
N LYS A 98 17.75 -10.70 7.87
CA LYS A 98 17.91 -11.50 9.08
C LYS A 98 16.57 -12.06 9.54
N ARG A 99 16.61 -13.20 10.22
CA ARG A 99 15.40 -13.83 10.72
C ARG A 99 15.74 -14.87 11.78
N GLY A 100 16.25 -16.02 11.35
CA GLY A 100 16.60 -17.07 12.28
C GLY A 100 16.23 -18.45 11.78
ZN ZN B . -8.74 8.23 -2.37
N GLY A 1 -11.96 13.97 -50.35
CA GLY A 1 -12.34 14.96 -49.37
C GLY A 1 -12.10 14.48 -47.94
N SER A 2 -10.94 13.88 -47.72
CA SER A 2 -10.58 13.36 -46.40
C SER A 2 -10.34 14.50 -45.41
N ARG A 3 -10.45 14.21 -44.13
CA ARG A 3 -10.24 15.21 -43.09
C ARG A 3 -9.86 14.55 -41.77
N ARG A 4 -8.85 15.12 -41.10
CA ARG A 4 -8.38 14.58 -39.83
C ARG A 4 -7.64 15.65 -39.03
N ALA A 5 -7.62 15.48 -37.71
CA ALA A 5 -6.94 16.44 -36.84
C ALA A 5 -6.12 15.71 -35.77
N SER A 6 -5.35 16.48 -35.01
CA SER A 6 -4.51 15.91 -33.96
C SER A 6 -3.83 17.02 -33.15
N VAL A 7 -4.04 17.00 -31.84
CA VAL A 7 -3.44 17.99 -30.96
C VAL A 7 -3.21 17.43 -29.56
N GLY A 8 -2.32 18.06 -28.81
CA GLY A 8 -2.04 17.62 -27.46
C GLY A 8 -1.46 18.71 -26.59
N SER A 9 -0.97 18.34 -25.41
CA SER A 9 -0.41 19.30 -24.48
C SER A 9 0.82 18.73 -23.78
N GLU A 10 1.33 19.46 -22.80
CA GLU A 10 2.50 19.01 -22.05
C GLU A 10 2.31 19.21 -20.55
N PHE A 11 2.54 18.15 -19.78
CA PHE A 11 2.39 18.20 -18.34
C PHE A 11 3.21 17.10 -17.66
N MET A 12 3.52 17.30 -16.39
CA MET A 12 4.30 16.33 -15.62
C MET A 12 3.67 16.07 -14.26
N VAL A 13 4.37 15.33 -13.42
CA VAL A 13 3.88 15.00 -12.09
C VAL A 13 5.03 14.85 -11.10
N VAL A 14 4.69 14.55 -9.85
CA VAL A 14 5.69 14.38 -8.81
C VAL A 14 5.32 13.24 -7.87
N ASP A 15 4.92 12.11 -8.45
CA ASP A 15 4.53 10.95 -7.66
C ASP A 15 4.50 9.70 -8.53
N VAL A 16 5.17 8.65 -8.07
CA VAL A 16 5.22 7.39 -8.80
C VAL A 16 5.60 6.22 -7.88
N THR A 17 5.33 6.39 -6.60
CA THR A 17 5.63 5.36 -5.61
C THR A 17 4.67 4.20 -5.72
N ILE A 18 5.19 3.05 -6.15
CA ILE A 18 4.37 1.85 -6.30
C ILE A 18 4.99 0.66 -5.56
N GLU A 19 4.15 -0.30 -5.20
CA GLU A 19 4.62 -1.49 -4.49
C GLU A 19 3.51 -2.53 -4.39
N ASP A 20 3.27 -3.24 -5.48
CA ASP A 20 2.23 -4.27 -5.51
C ASP A 20 2.83 -5.64 -5.81
N SER A 21 2.68 -6.58 -4.88
CA SER A 21 3.21 -7.93 -5.05
C SER A 21 2.89 -8.79 -3.84
N TYR A 22 3.55 -9.94 -3.76
CA TYR A 22 3.34 -10.86 -2.66
C TYR A 22 2.00 -11.59 -2.79
N SER A 23 0.91 -10.82 -2.72
CA SER A 23 -0.43 -11.38 -2.84
C SER A 23 -0.54 -12.27 -4.08
N THR A 24 -1.48 -13.21 -4.03
CA THR A 24 -1.68 -14.13 -5.15
C THR A 24 -2.59 -13.50 -6.21
N GLU A 25 -3.88 -13.44 -5.92
CA GLU A 25 -4.85 -12.86 -6.85
C GLU A 25 -5.03 -11.37 -6.59
N SER A 26 -5.74 -11.04 -5.52
CA SER A 26 -6.00 -9.65 -5.16
C SER A 26 -4.68 -8.87 -5.06
N ALA A 27 -4.65 -7.71 -5.71
CA ALA A 27 -3.46 -6.87 -5.69
C ALA A 27 -3.69 -5.60 -4.86
N TRP A 28 -2.60 -4.97 -4.44
CA TRP A 28 -2.69 -3.76 -3.63
C TRP A 28 -2.45 -2.52 -4.50
N VAL A 29 -3.34 -1.54 -4.36
CA VAL A 29 -3.23 -0.30 -5.13
C VAL A 29 -3.36 0.92 -4.23
N ARG A 30 -2.61 1.96 -4.54
CA ARG A 30 -2.65 3.20 -3.76
C ARG A 30 -3.37 4.30 -4.51
N CYS A 31 -4.12 5.12 -3.79
CA CYS A 31 -4.87 6.22 -4.39
C CYS A 31 -3.93 7.39 -4.73
N ASP A 32 -4.19 8.03 -5.86
CA ASP A 32 -3.37 9.16 -6.29
C ASP A 32 -4.05 10.47 -5.95
N ASP A 33 -4.68 10.52 -4.78
CA ASP A 33 -5.37 11.73 -4.33
C ASP A 33 -5.30 11.86 -2.82
N CYS A 34 -5.50 10.74 -2.12
CA CYS A 34 -5.46 10.73 -0.67
C CYS A 34 -4.33 9.83 -0.15
N PHE A 35 -3.74 9.06 -1.07
CA PHE A 35 -2.66 8.15 -0.71
C PHE A 35 -3.11 7.13 0.33
N LYS A 36 -3.96 6.20 -0.10
CA LYS A 36 -4.47 5.16 0.79
C LYS A 36 -4.44 3.80 0.10
N TRP A 37 -4.14 2.76 0.88
CA TRP A 37 -4.08 1.41 0.35
C TRP A 37 -5.49 0.89 0.03
N ARG A 38 -5.60 0.16 -1.07
CA ARG A 38 -6.88 -0.39 -1.49
C ARG A 38 -6.70 -1.78 -2.11
N ARG A 39 -7.41 -2.76 -1.57
CA ARG A 39 -7.33 -4.13 -2.06
C ARG A 39 -8.29 -4.35 -3.22
N ILE A 40 -7.75 -4.69 -4.39
CA ILE A 40 -8.57 -4.92 -5.57
C ILE A 40 -8.32 -6.31 -6.14
N PRO A 41 -9.33 -6.86 -6.83
CA PRO A 41 -9.24 -8.19 -7.44
C PRO A 41 -8.30 -8.22 -8.63
N ALA A 42 -7.80 -9.41 -8.96
CA ALA A 42 -6.89 -9.57 -10.09
C ALA A 42 -7.59 -9.32 -11.41
N SER A 43 -8.92 -9.24 -11.37
CA SER A 43 -9.71 -9.01 -12.57
C SER A 43 -9.64 -7.55 -12.99
N VAL A 44 -9.61 -6.66 -12.01
CA VAL A 44 -9.55 -5.23 -12.29
C VAL A 44 -8.10 -4.75 -12.32
N VAL A 45 -7.26 -5.36 -11.51
CA VAL A 45 -5.85 -4.99 -11.45
C VAL A 45 -5.17 -5.14 -12.81
N GLY A 46 -5.74 -6.01 -13.65
CA GLY A 46 -5.19 -6.23 -14.98
C GLY A 46 -5.83 -5.33 -16.02
N SER A 47 -6.47 -4.26 -15.57
CA SER A 47 -7.14 -3.33 -16.48
C SER A 47 -6.94 -1.89 -16.02
N ILE A 48 -7.06 -1.68 -14.71
CA ILE A 48 -6.90 -0.35 -14.14
C ILE A 48 -5.42 0.02 -14.00
N ASP A 49 -4.57 -1.01 -13.93
CA ASP A 49 -3.14 -0.80 -13.80
C ASP A 49 -2.51 -0.45 -15.15
N GLU A 50 -3.00 0.63 -15.76
CA GLU A 50 -2.49 1.07 -17.06
C GLU A 50 -1.57 2.28 -16.90
N SER A 51 -1.18 2.55 -15.67
CA SER A 51 -0.30 3.69 -15.38
C SER A 51 -1.00 5.01 -15.66
N SER A 52 -2.33 4.94 -15.86
CA SER A 52 -3.11 6.13 -16.15
C SER A 52 -3.71 6.71 -14.87
N ARG A 53 -2.95 6.62 -13.78
CA ARG A 53 -3.40 7.14 -12.49
C ARG A 53 -4.60 6.36 -11.98
N TRP A 54 -4.70 6.23 -10.66
CA TRP A 54 -5.80 5.50 -10.04
C TRP A 54 -6.31 6.24 -8.81
N ILE A 55 -7.59 6.04 -8.49
CA ILE A 55 -8.20 6.68 -7.33
C ILE A 55 -9.31 5.82 -6.75
N CYS A 56 -9.71 6.14 -5.53
CA CYS A 56 -10.77 5.40 -4.85
C CYS A 56 -12.03 5.34 -5.70
N MET A 57 -12.47 6.50 -6.16
CA MET A 57 -13.68 6.59 -6.98
C MET A 57 -13.52 5.76 -8.26
N ASN A 58 -12.28 5.48 -8.62
CA ASN A 58 -11.99 4.70 -9.83
C ASN A 58 -12.02 3.21 -9.52
N ASN A 59 -12.10 2.88 -8.24
CA ASN A 59 -12.14 1.48 -7.81
C ASN A 59 -13.28 0.73 -8.50
N SER A 60 -13.08 -0.57 -8.72
CA SER A 60 -14.09 -1.40 -9.36
C SER A 60 -15.32 -1.57 -8.46
N ASP A 61 -15.08 -1.59 -7.15
CA ASP A 61 -16.16 -1.75 -6.19
C ASP A 61 -17.06 -0.53 -6.17
N LYS A 62 -17.96 -0.47 -5.20
CA LYS A 62 -18.89 0.65 -5.08
C LYS A 62 -18.94 1.16 -3.64
N ARG A 63 -18.93 0.23 -2.68
CA ARG A 63 -18.97 0.58 -1.27
C ARG A 63 -17.63 1.13 -0.81
N PHE A 64 -16.57 0.76 -1.52
CA PHE A 64 -15.22 1.22 -1.18
C PHE A 64 -14.59 1.96 -2.35
N ALA A 65 -15.43 2.51 -3.22
CA ALA A 65 -14.95 3.25 -4.38
C ALA A 65 -15.17 4.75 -4.21
N ASP A 66 -14.42 5.34 -3.29
CA ASP A 66 -14.53 6.77 -3.03
C ASP A 66 -13.52 7.21 -1.97
N CYS A 67 -12.98 8.41 -2.13
CA CYS A 67 -12.00 8.95 -1.19
C CYS A 67 -12.64 9.19 0.18
N SER A 68 -13.95 9.37 0.18
CA SER A 68 -14.68 9.61 1.43
C SER A 68 -14.80 8.33 2.25
N LYS A 69 -14.81 7.18 1.57
CA LYS A 69 -14.91 5.90 2.23
C LYS A 69 -13.64 5.59 3.01
N SER A 70 -13.80 4.96 4.18
CA SER A 70 -12.66 4.61 5.01
C SER A 70 -11.78 3.56 4.33
N GLN A 71 -10.66 3.24 4.96
CA GLN A 71 -9.73 2.26 4.41
C GLN A 71 -10.32 0.85 4.51
N GLU A 72 -9.74 -0.07 3.75
CA GLU A 72 -10.21 -1.46 3.75
C GLU A 72 -9.53 -2.26 4.86
N MET A 73 -8.23 -2.03 5.04
CA MET A 73 -7.46 -2.72 6.07
C MET A 73 -6.54 -1.76 6.81
N SER A 74 -6.00 -2.21 7.93
CA SER A 74 -5.10 -1.38 8.73
C SER A 74 -3.68 -1.43 8.17
N ASN A 75 -2.92 -0.36 8.39
CA ASN A 75 -1.55 -0.29 7.91
C ASN A 75 -0.76 -1.52 8.33
N GLU A 76 -0.96 -1.95 9.58
CA GLU A 76 -0.26 -3.12 10.10
C GLU A 76 -0.59 -4.36 9.28
N GLU A 77 -1.87 -4.57 9.01
CA GLU A 77 -2.32 -5.72 8.23
C GLU A 77 -1.72 -5.70 6.83
N ILE A 78 -1.71 -4.52 6.21
CA ILE A 78 -1.16 -4.36 4.87
C ILE A 78 0.35 -4.59 4.87
N ASN A 79 1.04 -3.94 5.80
CA ASN A 79 2.49 -4.08 5.90
C ASN A 79 2.89 -5.54 6.06
N GLU A 80 2.16 -6.26 6.91
CA GLU A 80 2.45 -7.68 7.15
C GLU A 80 1.97 -8.53 5.98
N GLU A 81 0.93 -8.06 5.29
CA GLU A 81 0.38 -8.78 4.16
C GLU A 81 1.40 -8.88 3.02
N LEU A 82 1.95 -7.74 2.63
CA LEU A 82 2.94 -7.69 1.56
C LEU A 82 4.33 -8.02 2.09
N GLY A 83 4.56 -7.70 3.35
CA GLY A 83 5.85 -7.97 3.96
C GLY A 83 6.82 -6.81 3.80
N ILE A 84 6.30 -5.60 3.83
CA ILE A 84 7.12 -4.40 3.68
C ILE A 84 7.31 -3.70 5.02
N GLY A 85 7.98 -2.55 4.99
CA GLY A 85 8.21 -1.80 6.20
C GLY A 85 7.54 -0.43 6.18
N GLN A 86 6.22 -0.43 6.34
CA GLN A 86 5.45 0.81 6.34
C GLN A 86 5.86 1.70 7.51
N ASP A 87 5.94 3.00 7.25
CA ASP A 87 6.31 3.97 8.29
C ASP A 87 5.10 4.39 9.10
N GLU A 88 4.45 3.42 9.74
CA GLU A 88 3.28 3.70 10.55
C GLU A 88 3.67 4.30 11.90
N ALA A 89 4.74 3.77 12.49
CA ALA A 89 5.23 4.25 13.78
C ALA A 89 6.52 3.55 14.17
N ASP A 90 6.96 3.78 15.41
CA ASP A 90 8.18 3.16 15.91
C ASP A 90 7.87 2.07 16.93
N ALA A 91 7.15 2.44 17.98
CA ALA A 91 6.77 1.50 19.03
C ALA A 91 8.00 0.96 19.74
N TYR A 92 9.13 1.65 19.57
CA TYR A 92 10.38 1.25 20.20
C TYR A 92 10.26 1.29 21.72
N ASP A 93 10.53 0.16 22.37
CA ASP A 93 10.45 0.07 23.82
C ASP A 93 10.96 -1.28 24.30
N CYS A 94 11.98 -1.80 23.64
CA CYS A 94 12.55 -3.09 24.00
C CYS A 94 13.68 -2.93 25.02
N ASP A 95 14.05 -4.03 25.67
CA ASP A 95 15.11 -4.00 26.67
C ASP A 95 15.69 -5.39 26.88
N ALA A 96 15.65 -6.21 25.83
CA ALA A 96 16.17 -7.57 25.91
C ALA A 96 17.69 -7.57 25.98
N ALA A 97 18.31 -6.57 25.35
CA ALA A 97 19.76 -6.46 25.36
C ALA A 97 20.31 -6.36 26.77
N LYS A 98 19.51 -5.79 27.67
CA LYS A 98 19.92 -5.64 29.07
C LYS A 98 21.24 -4.88 29.17
N ARG A 99 21.71 -4.69 30.40
CA ARG A 99 22.96 -3.98 30.63
C ARG A 99 23.56 -4.36 31.98
N GLY A 100 22.73 -4.34 33.02
CA GLY A 100 23.19 -4.69 34.35
C GLY A 100 23.22 -6.19 34.58
ZN ZN B . -8.58 8.26 -2.40
N GLY A 1 2.12 28.57 20.84
CA GLY A 1 2.45 27.29 20.28
C GLY A 1 3.24 27.41 18.99
N SER A 2 3.68 26.27 18.44
CA SER A 2 4.45 26.26 17.21
C SER A 2 4.46 24.87 16.59
N ARG A 3 4.71 24.81 15.29
CA ARG A 3 4.74 23.55 14.58
C ARG A 3 5.28 23.73 13.15
N ARG A 4 6.02 22.73 12.68
CA ARG A 4 6.61 22.79 11.35
C ARG A 4 6.67 21.40 10.72
N ALA A 5 5.72 21.10 9.84
CA ALA A 5 5.66 19.81 9.16
C ALA A 5 6.02 19.94 7.69
N SER A 6 6.72 18.95 7.17
CA SER A 6 7.13 18.95 5.76
C SER A 6 7.62 17.57 5.34
N VAL A 7 7.67 17.34 4.03
CA VAL A 7 8.12 16.07 3.49
C VAL A 7 8.79 16.26 2.13
N GLY A 8 9.88 15.51 1.91
CA GLY A 8 10.60 15.60 0.65
C GLY A 8 9.78 15.10 -0.52
N SER A 9 10.40 15.05 -1.70
CA SER A 9 9.72 14.58 -2.91
C SER A 9 10.74 14.22 -3.98
N GLU A 10 10.52 13.07 -4.63
CA GLU A 10 11.41 12.61 -5.69
C GLU A 10 10.62 11.97 -6.81
N PHE A 11 11.34 11.38 -7.77
CA PHE A 11 10.70 10.74 -8.91
C PHE A 11 9.68 9.70 -8.45
N MET A 12 8.49 9.74 -9.07
CA MET A 12 7.42 8.81 -8.72
C MET A 12 6.47 8.62 -9.89
N VAL A 13 6.96 8.90 -11.10
CA VAL A 13 6.14 8.75 -12.30
C VAL A 13 6.78 7.78 -13.28
N VAL A 14 5.94 7.16 -14.11
CA VAL A 14 6.42 6.19 -15.09
C VAL A 14 7.32 5.15 -14.45
N ASP A 15 6.88 4.62 -13.31
CA ASP A 15 7.64 3.60 -12.60
C ASP A 15 6.72 2.65 -11.84
N VAL A 16 7.21 1.45 -11.56
CA VAL A 16 6.44 0.45 -10.86
C VAL A 16 6.70 0.50 -9.35
N THR A 17 7.24 1.63 -8.90
CA THR A 17 7.54 1.80 -7.48
C THR A 17 8.38 0.64 -6.95
N ILE A 18 8.56 0.61 -5.64
CA ILE A 18 9.34 -0.45 -5.00
C ILE A 18 8.44 -1.44 -4.29
N GLU A 19 8.93 -2.66 -4.11
CA GLU A 19 8.17 -3.71 -3.45
C GLU A 19 6.77 -3.83 -4.04
N ASP A 20 6.67 -4.46 -5.20
CA ASP A 20 5.39 -4.65 -5.87
C ASP A 20 5.24 -6.08 -6.37
N SER A 21 3.99 -6.51 -6.54
CA SER A 21 3.71 -7.86 -7.01
C SER A 21 4.24 -8.90 -6.03
N TYR A 22 3.34 -9.45 -5.22
CA TYR A 22 3.71 -10.45 -4.23
C TYR A 22 2.56 -11.42 -3.98
N SER A 23 1.35 -10.88 -3.83
CA SER A 23 0.17 -11.69 -3.56
C SER A 23 -0.08 -12.65 -4.73
N THR A 24 -1.14 -13.45 -4.62
CA THR A 24 -1.49 -14.42 -5.64
C THR A 24 -2.35 -13.77 -6.73
N GLU A 25 -3.61 -13.48 -6.40
CA GLU A 25 -4.52 -12.87 -7.35
C GLU A 25 -4.71 -11.39 -7.05
N SER A 26 -5.37 -11.10 -5.93
CA SER A 26 -5.61 -9.72 -5.53
C SER A 26 -4.30 -8.92 -5.47
N ALA A 27 -4.37 -7.67 -5.90
CA ALA A 27 -3.20 -6.81 -5.90
C ALA A 27 -3.43 -5.57 -5.03
N TRP A 28 -2.34 -4.92 -4.63
CA TRP A 28 -2.42 -3.72 -3.81
C TRP A 28 -2.25 -2.46 -4.65
N VAL A 29 -3.14 -1.49 -4.44
CA VAL A 29 -3.08 -0.24 -5.18
C VAL A 29 -3.25 0.96 -4.25
N ARG A 30 -2.56 2.05 -4.57
CA ARG A 30 -2.63 3.27 -3.76
C ARG A 30 -3.40 4.36 -4.50
N CYS A 31 -4.18 5.13 -3.74
CA CYS A 31 -4.97 6.21 -4.31
C CYS A 31 -4.09 7.42 -4.63
N ASP A 32 -4.31 8.02 -5.80
CA ASP A 32 -3.53 9.18 -6.22
C ASP A 32 -4.27 10.47 -5.88
N ASP A 33 -5.03 10.44 -4.80
CA ASP A 33 -5.79 11.61 -4.36
C ASP A 33 -5.69 11.80 -2.86
N CYS A 34 -5.83 10.71 -2.11
CA CYS A 34 -5.74 10.75 -0.66
C CYS A 34 -4.56 9.92 -0.15
N PHE A 35 -3.95 9.17 -1.07
CA PHE A 35 -2.81 8.33 -0.71
C PHE A 35 -3.19 7.29 0.34
N LYS A 36 -3.93 6.27 -0.10
CA LYS A 36 -4.37 5.20 0.79
C LYS A 36 -4.30 3.85 0.09
N TRP A 37 -4.06 2.80 0.87
CA TRP A 37 -3.97 1.45 0.33
C TRP A 37 -5.35 0.90 0.00
N ARG A 38 -5.43 0.13 -1.08
CA ARG A 38 -6.71 -0.45 -1.50
C ARG A 38 -6.48 -1.80 -2.18
N ARG A 39 -7.14 -2.83 -1.67
CA ARG A 39 -7.02 -4.17 -2.21
C ARG A 39 -8.01 -4.39 -3.36
N ILE A 40 -7.48 -4.68 -4.54
CA ILE A 40 -8.33 -4.91 -5.71
C ILE A 40 -8.05 -6.27 -6.33
N PRO A 41 -9.07 -6.83 -7.01
CA PRO A 41 -8.95 -8.13 -7.67
C PRO A 41 -8.03 -8.10 -8.87
N ALA A 42 -7.49 -9.26 -9.24
CA ALA A 42 -6.59 -9.36 -10.38
C ALA A 42 -7.33 -9.11 -11.69
N SER A 43 -8.65 -9.08 -11.61
CA SER A 43 -9.48 -8.84 -12.79
C SER A 43 -9.48 -7.37 -13.18
N VAL A 44 -9.46 -6.51 -12.17
CA VAL A 44 -9.46 -5.07 -12.40
C VAL A 44 -8.03 -4.52 -12.45
N VAL A 45 -7.14 -5.14 -11.68
CA VAL A 45 -5.75 -4.73 -11.63
C VAL A 45 -5.12 -4.75 -13.01
N GLY A 46 -5.67 -5.59 -13.89
CA GLY A 46 -5.14 -5.70 -15.24
C GLY A 46 -5.95 -4.89 -16.24
N SER A 47 -6.65 -3.88 -15.75
CA SER A 47 -7.47 -3.03 -16.61
C SER A 47 -7.33 -1.56 -16.22
N ILE A 48 -7.31 -1.30 -14.91
CA ILE A 48 -7.18 0.06 -14.41
C ILE A 48 -5.74 0.56 -14.58
N ASP A 49 -4.82 -0.36 -14.80
CA ASP A 49 -3.41 0.00 -14.98
C ASP A 49 -3.14 0.40 -16.43
N GLU A 50 -3.90 1.36 -16.92
CA GLU A 50 -3.74 1.83 -18.29
C GLU A 50 -3.02 3.18 -18.32
N SER A 51 -2.97 3.85 -17.18
CA SER A 51 -2.32 5.14 -17.06
C SER A 51 -1.45 5.21 -15.81
N SER A 52 -1.30 4.07 -15.14
CA SER A 52 -0.49 4.00 -13.93
C SER A 52 -1.11 4.85 -12.82
N ARG A 53 -2.41 5.12 -12.94
CA ARG A 53 -3.12 5.91 -11.95
C ARG A 53 -4.39 5.21 -11.50
N TRP A 54 -4.67 5.29 -10.19
CA TRP A 54 -5.85 4.66 -9.62
C TRP A 54 -6.31 5.39 -8.37
N ILE A 55 -7.62 5.43 -8.16
CA ILE A 55 -8.18 6.10 -7.00
C ILE A 55 -9.31 5.27 -6.38
N CYS A 56 -9.82 5.74 -5.25
CA CYS A 56 -10.89 5.04 -4.55
C CYS A 56 -12.16 5.00 -5.40
N MET A 57 -12.59 6.17 -5.87
CA MET A 57 -13.79 6.26 -6.70
C MET A 57 -13.64 5.41 -7.96
N ASN A 58 -12.40 5.11 -8.32
CA ASN A 58 -12.13 4.31 -9.51
C ASN A 58 -12.29 2.82 -9.22
N ASN A 59 -12.44 2.49 -7.93
CA ASN A 59 -12.59 1.11 -7.51
C ASN A 59 -13.71 0.43 -8.29
N SER A 60 -13.49 -0.83 -8.66
CA SER A 60 -14.47 -1.59 -9.42
C SER A 60 -15.76 -1.77 -8.60
N ASP A 61 -15.63 -1.76 -7.29
CA ASP A 61 -16.78 -1.93 -6.41
C ASP A 61 -17.67 -0.68 -6.44
N LYS A 62 -18.78 -0.74 -5.73
CA LYS A 62 -19.72 0.38 -5.68
C LYS A 62 -20.05 0.74 -4.23
N ARG A 63 -19.45 0.02 -3.29
CA ARG A 63 -19.68 0.27 -1.87
C ARG A 63 -18.48 0.94 -1.22
N PHE A 64 -17.29 0.61 -1.73
CA PHE A 64 -16.05 1.17 -1.20
C PHE A 64 -15.30 1.96 -2.28
N ALA A 65 -16.04 2.44 -3.27
CA ALA A 65 -15.45 3.20 -4.37
C ALA A 65 -15.59 4.70 -4.12
N ASP A 66 -14.80 5.23 -3.20
CA ASP A 66 -14.85 6.65 -2.87
C ASP A 66 -13.81 6.99 -1.80
N CYS A 67 -13.20 8.16 -1.95
CA CYS A 67 -12.18 8.60 -1.00
C CYS A 67 -12.77 8.73 0.41
N SER A 68 -14.07 8.94 0.47
CA SER A 68 -14.76 9.09 1.75
C SER A 68 -14.78 7.77 2.51
N LYS A 69 -14.53 6.67 1.79
CA LYS A 69 -14.52 5.35 2.39
C LYS A 69 -13.31 5.18 3.30
N SER A 70 -12.38 6.12 3.22
CA SER A 70 -11.17 6.07 4.04
C SER A 70 -10.32 4.85 3.68
N GLN A 71 -9.31 4.58 4.50
CA GLN A 71 -8.42 3.46 4.27
C GLN A 71 -9.17 2.14 4.42
N GLU A 72 -8.79 1.15 3.62
CA GLU A 72 -9.43 -0.16 3.66
C GLU A 72 -8.89 -0.99 4.83
N MET A 73 -7.59 -1.19 4.85
CA MET A 73 -6.95 -1.96 5.91
C MET A 73 -5.91 -1.12 6.65
N SER A 74 -5.75 -1.39 7.94
CA SER A 74 -4.79 -0.65 8.76
C SER A 74 -3.36 -0.88 8.27
N ASN A 75 -2.50 0.10 8.51
CA ASN A 75 -1.10 0.00 8.09
C ASN A 75 -0.49 -1.33 8.53
N GLU A 76 -0.80 -1.72 9.77
CA GLU A 76 -0.27 -2.97 10.31
C GLU A 76 -0.73 -4.17 9.49
N GLU A 77 -2.02 -4.20 9.16
CA GLU A 77 -2.58 -5.29 8.38
C GLU A 77 -1.88 -5.41 7.03
N ILE A 78 -1.69 -4.27 6.38
CA ILE A 78 -1.03 -4.23 5.07
C ILE A 78 0.44 -4.62 5.19
N ASN A 79 1.14 -4.00 6.14
CA ASN A 79 2.55 -4.28 6.36
C ASN A 79 2.80 -5.77 6.52
N GLU A 80 1.98 -6.41 7.35
CA GLU A 80 2.11 -7.85 7.58
C GLU A 80 1.55 -8.65 6.40
N GLU A 81 0.59 -8.06 5.71
CA GLU A 81 -0.04 -8.72 4.56
C GLU A 81 1.00 -9.03 3.48
N LEU A 82 1.76 -8.01 3.08
CA LEU A 82 2.78 -8.17 2.06
C LEU A 82 4.11 -8.60 2.69
N GLY A 83 4.33 -8.20 3.93
CA GLY A 83 5.55 -8.56 4.63
C GLY A 83 6.65 -7.52 4.46
N ILE A 84 6.25 -6.24 4.47
CA ILE A 84 7.20 -5.15 4.32
C ILE A 84 7.45 -4.44 5.65
N GLY A 85 8.22 -3.36 5.60
CA GLY A 85 8.52 -2.61 6.81
C GLY A 85 8.00 -1.19 6.76
N GLN A 86 6.69 -1.04 6.65
CA GLN A 86 6.06 0.27 6.58
C GLN A 86 6.54 1.15 7.73
N ASP A 87 6.24 2.44 7.64
CA ASP A 87 6.64 3.39 8.67
C ASP A 87 5.83 3.18 9.95
N GLU A 88 6.27 2.23 10.77
CA GLU A 88 5.58 1.93 12.02
C GLU A 88 5.89 2.97 13.09
N ALA A 89 7.16 3.37 13.16
CA ALA A 89 7.59 4.36 14.14
C ALA A 89 7.28 3.91 15.56
N ASP A 90 8.15 3.05 16.11
CA ASP A 90 7.96 2.54 17.46
C ASP A 90 9.31 2.34 18.14
N ALA A 91 10.11 1.42 17.61
CA ALA A 91 11.42 1.13 18.17
C ALA A 91 12.17 0.12 17.31
N TYR A 92 13.09 0.62 16.49
CA TYR A 92 13.88 -0.24 15.62
C TYR A 92 12.97 -1.12 14.76
N ASP A 93 13.57 -2.06 14.05
CA ASP A 93 12.82 -2.98 13.19
C ASP A 93 13.59 -4.28 12.97
N CYS A 94 12.90 -5.28 12.43
CA CYS A 94 13.52 -6.58 12.17
C CYS A 94 13.61 -6.85 10.67
N ASP A 95 14.82 -6.88 10.14
CA ASP A 95 15.03 -7.13 8.72
C ASP A 95 15.36 -8.60 8.47
N ALA A 96 15.08 -9.44 9.46
CA ALA A 96 15.33 -10.87 9.35
C ALA A 96 14.25 -11.56 8.53
N ALA A 97 13.08 -10.92 8.45
CA ALA A 97 11.97 -11.48 7.69
C ALA A 97 12.37 -11.76 6.25
N LYS A 98 13.17 -10.87 5.67
CA LYS A 98 13.63 -11.02 4.30
C LYS A 98 14.99 -11.70 4.26
N ARG A 99 15.14 -12.64 3.33
CA ARG A 99 16.39 -13.36 3.18
C ARG A 99 17.57 -12.41 2.99
N GLY A 100 17.66 -11.82 1.80
CA GLY A 100 18.74 -10.89 1.52
C GLY A 100 18.67 -10.35 0.10
ZN ZN B . -8.74 8.05 -2.24
N GLY A 1 35.34 9.14 31.26
CA GLY A 1 36.10 7.91 31.12
C GLY A 1 36.13 7.10 32.40
N SER A 2 34.96 6.91 33.01
CA SER A 2 34.85 6.15 34.25
C SER A 2 34.58 4.68 33.97
N ARG A 3 35.36 3.81 34.59
CA ARG A 3 35.20 2.37 34.40
C ARG A 3 33.75 1.95 34.65
N ARG A 4 33.18 1.21 33.71
CA ARG A 4 31.80 0.74 33.82
C ARG A 4 31.63 -0.59 33.09
N ALA A 5 30.48 -1.23 33.32
CA ALA A 5 30.18 -2.51 32.69
C ALA A 5 30.16 -2.37 31.17
N SER A 6 30.43 -3.48 30.48
CA SER A 6 30.43 -3.48 29.02
C SER A 6 29.99 -4.83 28.48
N VAL A 7 29.63 -4.87 27.20
CA VAL A 7 29.19 -6.09 26.55
C VAL A 7 29.57 -6.12 25.08
N GLY A 8 30.01 -7.27 24.60
CA GLY A 8 30.41 -7.41 23.21
C GLY A 8 29.23 -7.23 22.26
N SER A 9 28.72 -8.34 21.74
CA SER A 9 27.61 -8.31 20.82
C SER A 9 27.07 -9.72 20.56
N GLU A 10 25.85 -9.79 20.03
CA GLU A 10 25.22 -11.08 19.74
C GLU A 10 25.28 -11.38 18.24
N PHE A 11 24.58 -12.44 17.84
CA PHE A 11 24.55 -12.84 16.44
C PHE A 11 23.32 -13.69 16.14
N MET A 12 22.80 -13.57 14.92
CA MET A 12 21.64 -14.33 14.51
C MET A 12 21.54 -14.42 12.99
N VAL A 13 20.64 -15.26 12.50
CA VAL A 13 20.45 -15.44 11.07
C VAL A 13 20.14 -14.12 10.39
N VAL A 14 20.27 -14.09 9.06
CA VAL A 14 19.99 -12.88 8.30
C VAL A 14 19.22 -13.20 7.03
N ASP A 15 18.34 -12.28 6.63
CA ASP A 15 17.54 -12.47 5.43
C ASP A 15 17.32 -11.14 4.70
N VAL A 16 17.42 -11.19 3.37
CA VAL A 16 17.24 -9.99 2.56
C VAL A 16 16.62 -10.33 1.21
N THR A 17 15.92 -11.45 1.15
CA THR A 17 15.27 -11.89 -0.08
C THR A 17 14.02 -11.09 -0.36
N ILE A 18 13.68 -10.96 -1.64
CA ILE A 18 12.48 -10.21 -2.05
C ILE A 18 11.25 -11.10 -2.06
N GLU A 19 10.09 -10.49 -1.92
CA GLU A 19 8.83 -11.24 -1.90
C GLU A 19 7.63 -10.28 -1.92
N ASP A 20 7.30 -9.79 -3.11
CA ASP A 20 6.18 -8.87 -3.26
C ASP A 20 5.91 -8.57 -4.74
N SER A 21 4.69 -8.17 -5.04
CA SER A 21 4.30 -7.85 -6.41
C SER A 21 4.50 -9.07 -7.31
N TYR A 22 4.18 -10.25 -6.78
CA TYR A 22 4.33 -11.48 -7.54
C TYR A 22 3.24 -12.48 -7.17
N SER A 23 3.37 -13.08 -6.00
CA SER A 23 2.40 -14.07 -5.53
C SER A 23 1.11 -13.38 -5.09
N THR A 24 0.11 -14.18 -4.73
CA THR A 24 -1.18 -13.65 -4.29
C THR A 24 -1.91 -12.97 -5.44
N GLU A 25 -2.96 -13.61 -5.93
CA GLU A 25 -3.75 -13.07 -7.03
C GLU A 25 -4.09 -11.60 -6.78
N SER A 26 -4.83 -11.34 -5.71
CA SER A 26 -5.23 -9.98 -5.36
C SER A 26 -4.01 -9.08 -5.24
N ALA A 27 -4.11 -7.89 -5.82
CA ALA A 27 -3.02 -6.92 -5.78
C ALA A 27 -3.38 -5.71 -4.94
N TRP A 28 -2.38 -5.00 -4.45
CA TRP A 28 -2.60 -3.82 -3.63
C TRP A 28 -2.38 -2.54 -4.44
N VAL A 29 -3.37 -1.65 -4.41
CA VAL A 29 -3.28 -0.39 -5.14
C VAL A 29 -3.43 0.80 -4.20
N ARG A 30 -2.66 1.85 -4.46
CA ARG A 30 -2.69 3.05 -3.64
C ARG A 30 -3.32 4.21 -4.40
N CYS A 31 -4.08 5.04 -3.68
CA CYS A 31 -4.74 6.19 -4.30
C CYS A 31 -3.75 7.32 -4.56
N ASP A 32 -3.89 7.96 -5.71
CA ASP A 32 -3.00 9.06 -6.08
C ASP A 32 -3.64 10.40 -5.76
N ASP A 33 -4.35 10.46 -4.63
CA ASP A 33 -5.01 11.69 -4.20
C ASP A 33 -4.99 11.82 -2.68
N CYS A 34 -5.31 10.71 -2.00
CA CYS A 34 -5.33 10.71 -0.54
C CYS A 34 -4.33 9.69 0.01
N PHE A 35 -3.77 8.87 -0.88
CA PHE A 35 -2.81 7.86 -0.48
C PHE A 35 -3.45 6.83 0.44
N LYS A 36 -4.21 5.91 -0.13
CA LYS A 36 -4.89 4.87 0.64
C LYS A 36 -4.76 3.51 -0.05
N TRP A 37 -4.44 2.49 0.74
CA TRP A 37 -4.30 1.14 0.21
C TRP A 37 -5.66 0.52 -0.10
N ARG A 38 -5.73 -0.23 -1.20
CA ARG A 38 -6.97 -0.87 -1.60
C ARG A 38 -6.70 -2.25 -2.20
N ARG A 39 -7.35 -3.27 -1.63
CA ARG A 39 -7.17 -4.64 -2.10
C ARG A 39 -8.09 -4.94 -3.28
N ILE A 40 -7.50 -5.12 -4.45
CA ILE A 40 -8.28 -5.42 -5.66
C ILE A 40 -7.87 -6.75 -6.26
N PRO A 41 -8.81 -7.39 -6.98
CA PRO A 41 -8.56 -8.68 -7.63
C PRO A 41 -7.60 -8.55 -8.81
N ALA A 42 -6.93 -9.67 -9.13
CA ALA A 42 -5.97 -9.68 -10.23
C ALA A 42 -6.68 -9.51 -11.57
N SER A 43 -8.00 -9.62 -11.55
CA SER A 43 -8.80 -9.47 -12.77
C SER A 43 -8.94 -7.99 -13.15
N VAL A 44 -9.06 -7.14 -12.14
CA VAL A 44 -9.21 -5.70 -12.36
C VAL A 44 -7.85 -5.00 -12.33
N VAL A 45 -6.92 -5.56 -11.56
CA VAL A 45 -5.59 -4.99 -11.44
C VAL A 45 -4.91 -4.89 -12.81
N GLY A 46 -5.35 -5.74 -13.74
CA GLY A 46 -4.77 -5.72 -15.07
C GLY A 46 -5.63 -4.96 -16.06
N SER A 47 -6.47 -4.07 -15.55
CA SER A 47 -7.35 -3.27 -16.40
C SER A 47 -7.37 -1.82 -15.95
N ILE A 48 -7.43 -1.62 -14.63
CA ILE A 48 -7.45 -0.28 -14.07
C ILE A 48 -6.07 0.39 -14.14
N ASP A 49 -5.06 -0.41 -14.48
CA ASP A 49 -3.70 0.10 -14.60
C ASP A 49 -3.39 0.51 -16.04
N GLU A 50 -4.38 1.10 -16.71
CA GLU A 50 -4.21 1.53 -18.08
C GLU A 50 -4.01 3.04 -18.17
N SER A 51 -3.75 3.67 -17.02
CA SER A 51 -3.55 5.10 -16.96
C SER A 51 -2.34 5.45 -16.09
N SER A 52 -1.61 4.41 -15.67
CA SER A 52 -0.43 4.59 -14.82
C SER A 52 -0.80 5.26 -13.51
N ARG A 53 -2.03 5.03 -13.05
CA ARG A 53 -2.50 5.62 -11.80
C ARG A 53 -3.81 4.97 -11.35
N TRP A 54 -4.27 5.32 -10.16
CA TRP A 54 -5.50 4.76 -9.63
C TRP A 54 -5.96 5.55 -8.40
N ILE A 55 -7.27 5.59 -8.18
CA ILE A 55 -7.84 6.31 -7.05
C ILE A 55 -9.00 5.54 -6.43
N CYS A 56 -9.53 6.06 -5.33
CA CYS A 56 -10.66 5.42 -4.65
C CYS A 56 -11.89 5.41 -5.54
N MET A 57 -12.25 6.58 -6.06
CA MET A 57 -13.42 6.70 -6.94
C MET A 57 -13.28 5.80 -8.16
N ASN A 58 -12.04 5.41 -8.47
CA ASN A 58 -11.77 4.56 -9.62
C ASN A 58 -11.98 3.09 -9.27
N ASN A 59 -12.20 2.82 -7.97
CA ASN A 59 -12.41 1.46 -7.51
C ASN A 59 -13.63 0.84 -8.16
N SER A 60 -13.54 -0.44 -8.49
CA SER A 60 -14.63 -1.16 -9.15
C SER A 60 -15.83 -1.27 -8.21
N ASP A 61 -15.57 -1.19 -6.90
CA ASP A 61 -16.63 -1.28 -5.90
C ASP A 61 -17.56 -0.07 -5.98
N LYS A 62 -18.55 -0.04 -5.11
CA LYS A 62 -19.52 1.05 -5.07
C LYS A 62 -19.59 1.67 -3.68
N ARG A 63 -19.48 0.83 -2.66
CA ARG A 63 -19.53 1.29 -1.28
C ARG A 63 -18.14 1.69 -0.78
N PHE A 64 -17.12 1.29 -1.53
CA PHE A 64 -15.74 1.59 -1.17
C PHE A 64 -14.99 2.22 -2.35
N ALA A 65 -15.71 2.97 -3.17
CA ALA A 65 -15.13 3.63 -4.33
C ALA A 65 -15.21 5.14 -4.21
N ASP A 66 -14.45 5.71 -3.27
CA ASP A 66 -14.44 7.15 -3.06
C ASP A 66 -13.39 7.53 -2.03
N CYS A 67 -12.85 8.74 -2.16
CA CYS A 67 -11.82 9.22 -1.24
C CYS A 67 -12.42 9.47 0.14
N SER A 68 -13.74 9.47 0.23
CA SER A 68 -14.43 9.70 1.49
C SER A 68 -14.51 8.42 2.31
N LYS A 69 -14.86 7.32 1.64
CA LYS A 69 -14.97 6.03 2.30
C LYS A 69 -13.71 5.71 3.09
N SER A 70 -13.89 5.09 4.26
CA SER A 70 -12.77 4.73 5.11
C SER A 70 -11.95 3.61 4.49
N GLN A 71 -10.67 3.57 4.82
CA GLN A 71 -9.77 2.55 4.30
C GLN A 71 -10.37 1.15 4.50
N GLU A 72 -9.86 0.18 3.74
CA GLU A 72 -10.35 -1.19 3.84
C GLU A 72 -9.70 -1.93 5.01
N MET A 73 -8.37 -1.90 5.04
CA MET A 73 -7.62 -2.56 6.11
C MET A 73 -6.68 -1.59 6.80
N SER A 74 -6.11 -2.00 7.94
CA SER A 74 -5.20 -1.16 8.68
C SER A 74 -3.78 -1.24 8.10
N ASN A 75 -3.03 -0.16 8.26
CA ASN A 75 -1.66 -0.10 7.75
C ASN A 75 -0.86 -1.32 8.20
N GLU A 76 -1.05 -1.71 9.45
CA GLU A 76 -0.34 -2.86 10.01
C GLU A 76 -0.68 -4.13 9.22
N GLU A 77 -1.96 -4.36 8.99
CA GLU A 77 -2.41 -5.54 8.25
C GLU A 77 -1.83 -5.55 6.85
N ILE A 78 -1.84 -4.39 6.19
CA ILE A 78 -1.31 -4.26 4.84
C ILE A 78 0.20 -4.49 4.82
N ASN A 79 0.89 -3.85 5.75
CA ASN A 79 2.35 -3.97 5.84
C ASN A 79 2.75 -5.43 6.03
N GLU A 80 2.03 -6.14 6.87
CA GLU A 80 2.31 -7.54 7.14
C GLU A 80 1.84 -8.42 5.98
N GLU A 81 0.79 -7.97 5.30
CA GLU A 81 0.25 -8.72 4.17
C GLU A 81 1.26 -8.81 3.03
N LEU A 82 1.77 -7.66 2.62
CA LEU A 82 2.75 -7.60 1.53
C LEU A 82 4.15 -7.95 2.05
N GLY A 83 4.39 -7.65 3.32
CA GLY A 83 5.70 -7.95 3.90
C GLY A 83 6.66 -6.78 3.79
N ILE A 84 6.12 -5.56 3.83
CA ILE A 84 6.94 -4.36 3.72
C ILE A 84 7.11 -3.69 5.08
N GLY A 85 7.76 -2.53 5.08
CA GLY A 85 7.97 -1.80 6.32
C GLY A 85 7.33 -0.43 6.29
N GLN A 86 6.00 -0.39 6.24
CA GLN A 86 5.27 0.87 6.21
C GLN A 86 5.70 1.78 7.35
N ASP A 87 5.35 3.05 7.26
CA ASP A 87 5.70 4.03 8.29
C ASP A 87 4.68 4.01 9.41
N GLU A 88 4.79 3.02 10.29
CA GLU A 88 3.88 2.90 11.42
C GLU A 88 4.18 3.94 12.49
N ALA A 89 5.47 4.23 12.68
CA ALA A 89 5.90 5.21 13.67
C ALA A 89 7.35 5.60 13.45
N ASP A 90 7.87 6.41 14.37
CA ASP A 90 9.26 6.87 14.27
C ASP A 90 10.23 5.69 14.25
N ALA A 91 9.97 4.69 15.10
CA ALA A 91 10.81 3.52 15.17
C ALA A 91 12.22 3.87 15.62
N TYR A 92 12.38 5.07 16.18
CA TYR A 92 13.67 5.53 16.65
C TYR A 92 14.15 4.69 17.84
N ASP A 93 15.45 4.41 17.86
CA ASP A 93 16.03 3.62 18.94
C ASP A 93 17.55 3.55 18.80
N CYS A 94 18.22 3.03 19.83
CA CYS A 94 19.67 2.91 19.82
C CYS A 94 20.12 1.82 18.84
N ASP A 95 20.97 2.20 17.90
CA ASP A 95 21.47 1.27 16.90
C ASP A 95 22.69 1.84 16.18
N ALA A 96 22.64 3.13 15.87
CA ALA A 96 23.74 3.80 15.19
C ALA A 96 25.05 3.58 15.91
N ALA A 97 24.98 3.41 17.23
CA ALA A 97 26.17 3.18 18.04
C ALA A 97 26.92 1.94 17.57
N LYS A 98 26.18 0.92 17.17
CA LYS A 98 26.78 -0.33 16.70
C LYS A 98 27.57 -1.00 17.81
N ARG A 99 28.26 -2.09 17.47
CA ARG A 99 29.07 -2.82 18.43
C ARG A 99 30.19 -3.58 17.74
N GLY A 100 29.85 -4.25 16.64
CA GLY A 100 30.85 -5.02 15.91
C GLY A 100 30.37 -5.40 14.51
ZN ZN B . -8.44 8.43 -2.41
N GLY A 1 23.02 33.40 22.98
CA GLY A 1 24.00 32.35 22.82
C GLY A 1 23.93 31.70 21.45
N SER A 2 24.49 30.49 21.33
CA SER A 2 24.49 29.77 20.07
C SER A 2 24.46 28.26 20.31
N ARG A 3 23.52 27.83 21.15
CA ARG A 3 23.38 26.41 21.46
C ARG A 3 22.74 25.66 20.30
N ARG A 4 23.54 24.83 19.63
CA ARG A 4 23.06 24.06 18.50
C ARG A 4 23.88 22.78 18.32
N ALA A 5 23.19 21.67 18.04
CA ALA A 5 23.86 20.39 17.86
C ALA A 5 23.53 19.80 16.49
N SER A 6 24.34 18.84 16.06
CA SER A 6 24.12 18.19 14.77
C SER A 6 24.90 16.87 14.68
N VAL A 7 24.17 15.77 14.68
CA VAL A 7 24.78 14.45 14.60
C VAL A 7 23.88 13.47 13.85
N GLY A 8 24.49 12.63 13.01
CA GLY A 8 23.73 11.66 12.25
C GLY A 8 24.44 10.32 12.15
N SER A 9 24.01 9.49 11.21
CA SER A 9 24.59 8.16 11.02
C SER A 9 24.65 7.80 9.55
N GLU A 10 25.45 6.79 9.23
CA GLU A 10 25.59 6.35 7.84
C GLU A 10 24.91 5.00 7.63
N PHE A 11 24.04 4.94 6.62
CA PHE A 11 23.32 3.71 6.31
C PHE A 11 22.81 3.72 4.87
N MET A 12 22.27 2.59 4.43
CA MET A 12 21.76 2.47 3.06
C MET A 12 20.30 2.92 3.00
N VAL A 13 19.73 2.89 1.79
CA VAL A 13 18.34 3.30 1.60
C VAL A 13 17.39 2.23 2.09
N VAL A 14 16.10 2.57 2.14
CA VAL A 14 15.08 1.63 2.60
C VAL A 14 14.85 0.54 1.56
N ASP A 15 15.25 -0.68 1.91
CA ASP A 15 15.09 -1.82 1.01
C ASP A 15 13.79 -2.56 1.30
N VAL A 16 13.30 -3.31 0.31
CA VAL A 16 12.06 -4.06 0.47
C VAL A 16 12.13 -5.39 -0.29
N THR A 17 13.21 -6.13 -0.07
CA THR A 17 13.40 -7.42 -0.72
C THR A 17 13.22 -7.30 -2.22
N ILE A 18 13.19 -8.45 -2.91
CA ILE A 18 13.02 -8.46 -4.36
C ILE A 18 11.75 -9.19 -4.75
N GLU A 19 11.22 -8.87 -5.93
CA GLU A 19 10.00 -9.49 -6.42
C GLU A 19 8.89 -9.41 -5.38
N ASP A 20 8.26 -8.24 -5.27
CA ASP A 20 7.19 -8.03 -4.32
C ASP A 20 5.95 -7.47 -5.01
N SER A 21 4.90 -7.26 -4.23
CA SER A 21 3.65 -6.72 -4.77
C SER A 21 3.08 -7.65 -5.84
N TYR A 22 3.40 -8.93 -5.75
CA TYR A 22 2.93 -9.92 -6.70
C TYR A 22 1.63 -10.54 -6.24
N SER A 23 1.67 -11.20 -5.09
CA SER A 23 0.50 -11.85 -4.53
C SER A 23 0.00 -12.97 -5.45
N THR A 24 -0.82 -13.86 -4.89
CA THR A 24 -1.35 -14.97 -5.66
C THR A 24 -2.43 -14.50 -6.64
N GLU A 25 -3.28 -13.60 -6.17
CA GLU A 25 -4.36 -13.06 -7.00
C GLU A 25 -4.63 -11.60 -6.67
N SER A 26 -5.25 -11.35 -5.53
CA SER A 26 -5.57 -9.99 -5.10
C SER A 26 -4.32 -9.13 -5.09
N ALA A 27 -4.46 -7.88 -5.54
CA ALA A 27 -3.35 -6.95 -5.58
C ALA A 27 -3.64 -5.70 -4.75
N TRP A 28 -2.59 -5.00 -4.37
CA TRP A 28 -2.73 -3.79 -3.57
C TRP A 28 -2.57 -2.53 -4.43
N VAL A 29 -3.47 -1.57 -4.24
CA VAL A 29 -3.44 -0.33 -5.00
C VAL A 29 -3.50 0.88 -4.06
N ARG A 30 -2.67 1.88 -4.35
CA ARG A 30 -2.64 3.09 -3.54
C ARG A 30 -3.27 4.26 -4.30
N CYS A 31 -4.04 5.07 -3.57
CA CYS A 31 -4.70 6.23 -4.17
C CYS A 31 -3.72 7.37 -4.38
N ASP A 32 -3.86 8.07 -5.50
CA ASP A 32 -2.99 9.19 -5.82
C ASP A 32 -3.66 10.52 -5.48
N ASP A 33 -4.41 10.54 -4.39
CA ASP A 33 -5.10 11.75 -3.95
C ASP A 33 -5.15 11.83 -2.43
N CYS A 34 -5.45 10.69 -1.79
CA CYS A 34 -5.53 10.63 -0.34
C CYS A 34 -4.47 9.69 0.23
N PHE A 35 -3.86 8.90 -0.65
CA PHE A 35 -2.83 7.95 -0.23
C PHE A 35 -3.39 6.91 0.72
N LYS A 36 -4.16 5.97 0.17
CA LYS A 36 -4.76 4.91 0.97
C LYS A 36 -4.69 3.57 0.24
N TRP A 37 -4.33 2.52 0.97
CA TRP A 37 -4.23 1.19 0.40
C TRP A 37 -5.61 0.61 0.10
N ARG A 38 -5.72 -0.10 -1.02
CA ARG A 38 -6.98 -0.70 -1.42
C ARG A 38 -6.77 -2.08 -2.02
N ARG A 39 -7.44 -3.08 -1.44
CA ARG A 39 -7.31 -4.45 -1.92
C ARG A 39 -8.29 -4.72 -3.06
N ILE A 40 -7.74 -5.07 -4.22
CA ILE A 40 -8.57 -5.36 -5.39
C ILE A 40 -8.23 -6.71 -5.99
N PRO A 41 -9.21 -7.33 -6.66
CA PRO A 41 -9.03 -8.64 -7.30
C PRO A 41 -8.11 -8.58 -8.51
N ALA A 42 -7.51 -9.70 -8.85
CA ALA A 42 -6.60 -9.78 -10.00
C ALA A 42 -7.36 -9.57 -11.30
N SER A 43 -8.69 -9.64 -11.23
CA SER A 43 -9.53 -9.46 -12.41
C SER A 43 -9.63 -7.99 -12.79
N VAL A 44 -9.69 -7.12 -11.79
CA VAL A 44 -9.79 -5.68 -12.01
C VAL A 44 -8.41 -5.04 -12.02
N VAL A 45 -7.47 -5.63 -11.29
CA VAL A 45 -6.11 -5.12 -11.21
C VAL A 45 -5.51 -4.96 -12.61
N GLY A 46 -6.01 -5.75 -13.56
CA GLY A 46 -5.50 -5.68 -14.91
C GLY A 46 -6.42 -4.90 -15.83
N SER A 47 -7.24 -4.04 -15.25
CA SER A 47 -8.18 -3.22 -16.03
C SER A 47 -8.13 -1.76 -15.56
N ILE A 48 -8.01 -1.57 -14.26
CA ILE A 48 -7.96 -0.23 -13.69
C ILE A 48 -6.71 0.52 -14.15
N ASP A 49 -5.68 -0.24 -14.52
CA ASP A 49 -4.43 0.34 -14.98
C ASP A 49 -4.57 0.90 -16.40
N GLU A 50 -4.99 2.16 -16.50
CA GLU A 50 -5.17 2.80 -17.79
C GLU A 50 -3.95 3.63 -18.16
N SER A 51 -3.23 4.10 -17.14
CA SER A 51 -2.03 4.92 -17.36
C SER A 51 -0.91 4.47 -16.44
N SER A 52 -1.11 4.63 -15.13
CA SER A 52 -0.11 4.25 -14.15
C SER A 52 -0.60 4.53 -12.74
N ARG A 53 -1.37 5.61 -12.60
CA ARG A 53 -1.90 6.00 -11.30
C ARG A 53 -3.25 5.31 -11.03
N TRP A 54 -3.84 5.60 -9.88
CA TRP A 54 -5.12 5.02 -9.50
C TRP A 54 -5.72 5.74 -8.30
N ILE A 55 -7.04 5.86 -8.29
CA ILE A 55 -7.74 6.53 -7.19
C ILE A 55 -8.89 5.68 -6.68
N CYS A 56 -9.44 6.06 -5.54
CA CYS A 56 -10.56 5.35 -4.93
C CYS A 56 -11.76 5.31 -5.89
N MET A 57 -12.15 6.48 -6.38
CA MET A 57 -13.27 6.58 -7.29
C MET A 57 -13.03 5.73 -8.55
N ASN A 58 -11.78 5.43 -8.82
CA ASN A 58 -11.41 4.63 -9.98
C ASN A 58 -11.59 3.14 -9.69
N ASN A 59 -11.82 2.81 -8.43
CA ASN A 59 -12.01 1.42 -8.02
C ASN A 59 -13.22 0.80 -8.71
N SER A 60 -13.16 -0.50 -8.95
CA SER A 60 -14.25 -1.21 -9.62
C SER A 60 -15.45 -1.35 -8.69
N ASP A 61 -15.19 -1.33 -7.39
CA ASP A 61 -16.25 -1.45 -6.39
C ASP A 61 -17.16 -0.22 -6.41
N LYS A 62 -18.04 -0.13 -5.42
CA LYS A 62 -18.96 0.99 -5.32
C LYS A 62 -18.92 1.61 -3.92
N ARG A 63 -19.05 0.77 -2.90
CA ARG A 63 -19.02 1.24 -1.52
C ARG A 63 -17.60 1.63 -1.10
N PHE A 64 -16.61 1.07 -1.78
CA PHE A 64 -15.22 1.35 -1.49
C PHE A 64 -14.54 2.02 -2.67
N ALA A 65 -15.33 2.65 -3.53
CA ALA A 65 -14.81 3.33 -4.71
C ALA A 65 -14.99 4.85 -4.59
N ASP A 66 -14.28 5.44 -3.65
CA ASP A 66 -14.36 6.89 -3.43
C ASP A 66 -13.43 7.32 -2.30
N CYS A 67 -12.83 8.51 -2.46
CA CYS A 67 -11.93 9.03 -1.45
C CYS A 67 -12.65 9.31 -0.14
N SER A 68 -13.96 9.52 -0.23
CA SER A 68 -14.78 9.79 0.94
C SER A 68 -14.97 8.53 1.78
N LYS A 69 -14.88 7.38 1.12
CA LYS A 69 -15.04 6.10 1.80
C LYS A 69 -13.91 5.87 2.82
N SER A 70 -13.87 4.67 3.38
CA SER A 70 -12.84 4.33 4.36
C SER A 70 -11.91 3.26 3.81
N GLN A 71 -10.87 2.95 4.57
CA GLN A 71 -9.89 1.94 4.16
C GLN A 71 -10.47 0.53 4.33
N GLU A 72 -9.82 -0.44 3.70
CA GLU A 72 -10.27 -1.83 3.77
C GLU A 72 -9.55 -2.57 4.89
N MET A 73 -8.26 -2.29 5.05
CA MET A 73 -7.46 -2.93 6.09
C MET A 73 -6.56 -1.91 6.79
N SER A 74 -5.99 -2.30 7.92
CA SER A 74 -5.11 -1.43 8.68
C SER A 74 -3.70 -1.45 8.11
N ASN A 75 -2.98 -0.34 8.29
CA ASN A 75 -1.62 -0.23 7.79
C ASN A 75 -0.78 -1.42 8.24
N GLU A 76 -0.95 -1.82 9.50
CA GLU A 76 -0.20 -2.94 10.06
C GLU A 76 -0.48 -4.22 9.27
N GLU A 77 -1.75 -4.49 9.01
CA GLU A 77 -2.14 -5.67 8.26
C GLU A 77 -1.54 -5.66 6.86
N ILE A 78 -1.60 -4.51 6.21
CA ILE A 78 -1.06 -4.36 4.86
C ILE A 78 0.46 -4.52 4.86
N ASN A 79 1.12 -3.87 5.81
CA ASN A 79 2.57 -3.93 5.92
C ASN A 79 3.04 -5.37 6.10
N GLU A 80 2.32 -6.12 6.95
CA GLU A 80 2.66 -7.51 7.21
C GLU A 80 2.25 -8.41 6.04
N GLU A 81 1.19 -7.99 5.34
CA GLU A 81 0.69 -8.75 4.20
C GLU A 81 1.71 -8.79 3.07
N LEU A 82 2.19 -7.61 2.68
CA LEU A 82 3.18 -7.52 1.61
C LEU A 82 4.59 -7.75 2.14
N GLY A 83 4.80 -7.42 3.40
CA GLY A 83 6.11 -7.61 4.01
C GLY A 83 6.97 -6.37 3.93
N ILE A 84 6.33 -5.21 3.77
CA ILE A 84 7.05 -3.95 3.67
C ILE A 84 7.06 -3.21 5.01
N GLY A 85 7.57 -1.99 5.01
CA GLY A 85 7.63 -1.20 6.22
C GLY A 85 7.06 0.19 6.03
N GLN A 86 5.75 0.33 6.20
CA GLN A 86 5.10 1.62 6.04
C GLN A 86 5.25 2.47 7.29
N ASP A 87 5.70 1.84 8.37
CA ASP A 87 5.90 2.54 9.64
C ASP A 87 7.32 3.08 9.75
N GLU A 88 8.02 3.12 8.63
CA GLU A 88 9.39 3.61 8.60
C GLU A 88 9.45 5.07 9.01
N ALA A 89 8.53 5.87 8.49
CA ALA A 89 8.46 7.29 8.80
C ALA A 89 9.82 7.95 8.58
N ASP A 90 10.08 8.35 7.35
CA ASP A 90 11.35 9.01 7.01
C ASP A 90 11.12 10.13 6.00
N ALA A 91 10.88 9.76 4.75
CA ALA A 91 10.66 10.74 3.69
C ALA A 91 9.78 10.15 2.59
N TYR A 92 9.06 9.09 2.91
CA TYR A 92 8.18 8.44 1.95
C TYR A 92 7.24 9.45 1.30
N ASP A 93 7.19 9.43 -0.03
CA ASP A 93 6.33 10.35 -0.78
C ASP A 93 6.46 10.10 -2.28
N CYS A 94 5.59 9.25 -2.81
CA CYS A 94 5.60 8.92 -4.23
C CYS A 94 5.47 10.20 -5.08
N ASP A 95 5.65 10.05 -6.38
CA ASP A 95 5.55 11.18 -7.30
C ASP A 95 6.60 12.24 -6.98
N ALA A 96 7.77 11.78 -6.54
CA ALA A 96 8.86 12.69 -6.19
C ALA A 96 9.57 13.19 -7.45
N ALA A 97 9.61 12.35 -8.47
CA ALA A 97 10.25 12.71 -9.74
C ALA A 97 9.56 13.91 -10.38
N LYS A 98 8.25 14.01 -10.18
CA LYS A 98 7.47 15.11 -10.74
C LYS A 98 7.57 15.12 -12.26
N ARG A 99 6.92 16.10 -12.88
CA ARG A 99 6.93 16.22 -14.34
C ARG A 99 6.39 17.57 -14.77
N GLY A 100 5.07 17.73 -14.69
CA GLY A 100 4.44 18.98 -15.08
C GLY A 100 3.36 19.42 -14.11
ZN ZN B . -8.53 8.22 -2.37
N GLY A 1 -1.75 27.92 4.62
CA GLY A 1 -0.31 27.79 4.74
C GLY A 1 0.09 26.94 5.94
N SER A 2 0.59 25.75 5.67
CA SER A 2 1.01 24.83 6.74
C SER A 2 2.08 25.49 7.61
N ARG A 3 2.23 24.97 8.83
CA ARG A 3 3.22 25.50 9.77
C ARG A 3 4.01 24.37 10.42
N ARG A 4 5.32 24.54 10.49
CA ARG A 4 6.20 23.54 11.09
C ARG A 4 7.48 24.17 11.63
N ALA A 5 8.13 23.47 12.55
CA ALA A 5 9.37 23.97 13.14
C ALA A 5 10.19 22.83 13.74
N SER A 6 11.38 23.16 14.24
CA SER A 6 12.26 22.16 14.83
C SER A 6 13.25 22.82 15.79
N VAL A 7 13.88 22.00 16.64
CA VAL A 7 14.84 22.50 17.60
C VAL A 7 15.93 21.46 17.88
N GLY A 8 16.96 21.87 18.59
CA GLY A 8 18.05 20.96 18.92
C GLY A 8 18.94 20.68 17.73
N SER A 9 19.20 19.40 17.48
CA SER A 9 20.06 19.00 16.36
C SER A 9 19.43 17.86 15.58
N GLU A 10 20.19 17.31 14.64
CA GLU A 10 19.70 16.20 13.81
C GLU A 10 20.77 15.12 13.67
N PHE A 11 20.47 14.11 12.87
CA PHE A 11 21.40 13.01 12.65
C PHE A 11 21.09 12.28 11.36
N MET A 12 22.12 11.93 10.61
CA MET A 12 21.96 11.22 9.33
C MET A 12 21.74 9.74 9.57
N VAL A 13 21.15 9.07 8.58
CA VAL A 13 20.90 7.63 8.68
C VAL A 13 20.86 6.99 7.30
N VAL A 14 20.68 5.67 7.27
CA VAL A 14 20.63 4.93 6.01
C VAL A 14 19.22 4.46 5.71
N ASP A 15 19.08 3.66 4.66
CA ASP A 15 17.78 3.14 4.26
C ASP A 15 17.91 1.79 3.56
N VAL A 16 17.29 0.77 4.13
CA VAL A 16 17.35 -0.57 3.55
C VAL A 16 16.03 -1.32 3.78
N THR A 17 14.98 -0.85 3.13
CA THR A 17 13.67 -1.47 3.26
C THR A 17 13.35 -2.34 2.06
N ILE A 18 12.42 -3.28 2.22
CA ILE A 18 12.02 -4.17 1.14
C ILE A 18 10.59 -3.89 0.68
N GLU A 19 10.29 -4.25 -0.55
CA GLU A 19 8.97 -4.03 -1.11
C GLU A 19 8.85 -4.64 -2.51
N ASP A 20 7.72 -5.27 -2.78
CA ASP A 20 7.50 -5.90 -4.08
C ASP A 20 6.00 -6.05 -4.36
N SER A 21 5.60 -5.69 -5.58
CA SER A 21 4.19 -5.77 -5.96
C SER A 21 3.88 -7.13 -6.58
N TYR A 22 3.64 -8.12 -5.72
CA TYR A 22 3.33 -9.47 -6.17
C TYR A 22 2.48 -10.20 -5.14
N SER A 23 1.81 -11.27 -5.58
CA SER A 23 0.96 -12.07 -4.70
C SER A 23 0.36 -13.24 -5.45
N THR A 24 -0.55 -13.95 -4.78
CA THR A 24 -1.21 -15.10 -5.39
C THR A 24 -2.16 -14.69 -6.50
N GLU A 25 -3.05 -13.75 -6.18
CA GLU A 25 -4.02 -13.27 -7.15
C GLU A 25 -4.30 -11.78 -6.95
N SER A 26 -5.04 -11.46 -5.89
CA SER A 26 -5.38 -10.08 -5.59
C SER A 26 -4.12 -9.21 -5.48
N ALA A 27 -4.25 -7.94 -5.82
CA ALA A 27 -3.13 -7.02 -5.77
C ALA A 27 -3.47 -5.80 -4.92
N TRP A 28 -2.43 -5.08 -4.47
CA TRP A 28 -2.62 -3.90 -3.65
C TRP A 28 -2.45 -2.62 -4.47
N VAL A 29 -3.37 -1.69 -4.32
CA VAL A 29 -3.33 -0.43 -5.04
C VAL A 29 -3.50 0.76 -4.10
N ARG A 30 -2.70 1.80 -4.30
CA ARG A 30 -2.77 2.99 -3.49
C ARG A 30 -3.40 4.15 -4.25
N CYS A 31 -4.19 4.97 -3.55
CA CYS A 31 -4.84 6.11 -4.16
C CYS A 31 -3.86 7.25 -4.38
N ASP A 32 -3.95 7.90 -5.53
CA ASP A 32 -3.07 9.00 -5.87
C ASP A 32 -3.74 10.35 -5.57
N ASP A 33 -4.56 10.36 -4.53
CA ASP A 33 -5.26 11.58 -4.13
C ASP A 33 -5.27 11.72 -2.61
N CYS A 34 -5.54 10.63 -1.91
CA CYS A 34 -5.59 10.64 -0.45
C CYS A 34 -4.58 9.66 0.12
N PHE A 35 -3.95 8.87 -0.75
CA PHE A 35 -2.96 7.89 -0.32
C PHE A 35 -3.59 6.85 0.59
N LYS A 36 -4.33 5.92 0.01
CA LYS A 36 -4.99 4.87 0.77
C LYS A 36 -4.84 3.52 0.08
N TRP A 37 -4.52 2.49 0.86
CA TRP A 37 -4.36 1.14 0.32
C TRP A 37 -5.71 0.50 0.03
N ARG A 38 -5.78 -0.23 -1.07
CA ARG A 38 -7.02 -0.91 -1.46
C ARG A 38 -6.73 -2.25 -2.12
N ARG A 39 -7.33 -3.31 -1.60
CA ARG A 39 -7.13 -4.65 -2.14
C ARG A 39 -8.09 -4.92 -3.29
N ILE A 40 -7.54 -5.08 -4.48
CA ILE A 40 -8.35 -5.35 -5.68
C ILE A 40 -7.99 -6.70 -6.29
N PRO A 41 -8.96 -7.30 -6.99
CA PRO A 41 -8.78 -8.60 -7.65
C PRO A 41 -7.83 -8.51 -8.84
N ALA A 42 -7.22 -9.64 -9.19
CA ALA A 42 -6.29 -9.69 -10.32
C ALA A 42 -7.02 -9.46 -11.63
N SER A 43 -8.35 -9.51 -11.59
CA SER A 43 -9.16 -9.32 -12.79
C SER A 43 -9.23 -7.84 -13.16
N VAL A 44 -9.30 -6.99 -12.14
CA VAL A 44 -9.37 -5.54 -12.35
C VAL A 44 -7.98 -4.91 -12.34
N VAL A 45 -7.07 -5.52 -11.58
CA VAL A 45 -5.71 -5.02 -11.48
C VAL A 45 -5.06 -4.89 -12.86
N GLY A 46 -5.55 -5.68 -13.81
CA GLY A 46 -5.01 -5.65 -15.15
C GLY A 46 -5.87 -4.82 -16.09
N SER A 47 -6.67 -3.92 -15.54
CA SER A 47 -7.55 -3.07 -16.33
C SER A 47 -7.49 -1.63 -15.85
N ILE A 48 -7.46 -1.45 -14.53
CA ILE A 48 -7.40 -0.11 -13.95
C ILE A 48 -6.04 0.53 -14.18
N ASP A 49 -5.06 -0.28 -14.55
CA ASP A 49 -3.71 0.20 -14.80
C ASP A 49 -3.55 0.63 -16.26
N GLU A 50 -4.49 1.45 -16.73
CA GLU A 50 -4.46 1.94 -18.10
C GLU A 50 -3.97 3.38 -18.16
N SER A 51 -3.66 3.94 -16.99
CA SER A 51 -3.19 5.32 -16.90
C SER A 51 -1.99 5.42 -15.95
N SER A 52 -1.49 4.28 -15.52
CA SER A 52 -0.35 4.23 -14.61
C SER A 52 -0.71 4.87 -13.27
N ARG A 53 -1.99 4.86 -12.94
CA ARG A 53 -2.46 5.44 -11.69
C ARG A 53 -3.75 4.76 -11.21
N TRP A 54 -4.22 5.14 -10.03
CA TRP A 54 -5.43 4.55 -9.47
C TRP A 54 -5.92 5.38 -8.28
N ILE A 55 -7.24 5.39 -8.09
CA ILE A 55 -7.84 6.13 -6.99
C ILE A 55 -9.04 5.40 -6.42
N CYS A 56 -9.61 5.94 -5.35
CA CYS A 56 -10.76 5.33 -4.70
C CYS A 56 -11.96 5.31 -5.64
N MET A 57 -12.30 6.47 -6.19
CA MET A 57 -13.43 6.58 -7.11
C MET A 57 -13.23 5.69 -8.32
N ASN A 58 -11.99 5.28 -8.57
CA ASN A 58 -11.67 4.41 -9.70
C ASN A 58 -11.87 2.95 -9.34
N ASN A 59 -12.10 2.69 -8.05
CA ASN A 59 -12.32 1.32 -7.58
C ASN A 59 -13.52 0.69 -8.27
N SER A 60 -13.39 -0.58 -8.62
CA SER A 60 -14.46 -1.31 -9.29
C SER A 60 -15.70 -1.39 -8.40
N ASP A 61 -15.49 -1.28 -7.09
CA ASP A 61 -16.60 -1.33 -6.14
C ASP A 61 -17.48 -0.10 -6.25
N LYS A 62 -18.46 0.01 -5.36
CA LYS A 62 -19.37 1.14 -5.35
C LYS A 62 -19.48 1.74 -3.97
N ARG A 63 -19.48 0.89 -2.95
CA ARG A 63 -19.58 1.33 -1.57
C ARG A 63 -18.22 1.77 -1.04
N PHE A 64 -17.16 1.26 -1.67
CA PHE A 64 -15.80 1.59 -1.25
C PHE A 64 -15.02 2.23 -2.40
N ALA A 65 -15.76 2.83 -3.33
CA ALA A 65 -15.14 3.49 -4.48
C ALA A 65 -15.26 5.00 -4.39
N ASP A 66 -14.55 5.59 -3.43
CA ASP A 66 -14.58 7.03 -3.23
C ASP A 66 -13.61 7.45 -2.13
N CYS A 67 -12.98 8.61 -2.32
CA CYS A 67 -12.02 9.12 -1.35
C CYS A 67 -12.70 9.40 -0.01
N SER A 68 -14.00 9.66 -0.06
CA SER A 68 -14.77 9.95 1.15
C SER A 68 -14.84 8.73 2.06
N LYS A 69 -14.68 7.54 1.46
CA LYS A 69 -14.72 6.29 2.21
C LYS A 69 -13.57 6.22 3.21
N SER A 70 -13.38 5.04 3.80
CA SER A 70 -12.32 4.85 4.77
C SER A 70 -11.28 3.84 4.27
N GLN A 71 -10.30 3.55 5.09
CA GLN A 71 -9.25 2.60 4.73
C GLN A 71 -9.76 1.16 4.78
N GLU A 72 -9.43 0.38 3.75
CA GLU A 72 -9.86 -1.01 3.68
C GLU A 72 -9.28 -1.82 4.83
N MET A 73 -7.95 -1.81 4.93
CA MET A 73 -7.26 -2.55 5.98
C MET A 73 -6.24 -1.66 6.68
N SER A 74 -6.06 -1.89 7.98
CA SER A 74 -5.11 -1.10 8.76
C SER A 74 -3.69 -1.23 8.21
N ASN A 75 -2.92 -0.16 8.31
CA ASN A 75 -1.55 -0.16 7.82
C ASN A 75 -0.78 -1.37 8.33
N GLU A 76 -1.09 -1.79 9.55
CA GLU A 76 -0.43 -2.95 10.17
C GLU A 76 -0.70 -4.21 9.37
N GLU A 77 -1.98 -4.44 9.06
CA GLU A 77 -2.38 -5.62 8.30
C GLU A 77 -1.78 -5.60 6.89
N ILE A 78 -1.77 -4.42 6.28
CA ILE A 78 -1.21 -4.26 4.94
C ILE A 78 0.30 -4.46 4.94
N ASN A 79 0.96 -3.89 5.94
CA ASN A 79 2.42 -4.00 6.07
C ASN A 79 2.83 -5.46 6.26
N GLU A 80 2.10 -6.17 7.11
CA GLU A 80 2.40 -7.57 7.38
C GLU A 80 1.95 -8.45 6.22
N GLU A 81 0.93 -8.01 5.50
CA GLU A 81 0.40 -8.76 4.37
C GLU A 81 1.42 -8.81 3.23
N LEU A 82 1.90 -7.64 2.82
CA LEU A 82 2.88 -7.55 1.74
C LEU A 82 4.28 -7.84 2.25
N GLY A 83 4.52 -7.53 3.53
CA GLY A 83 5.82 -7.77 4.12
C GLY A 83 6.80 -6.63 3.87
N ILE A 84 6.27 -5.40 3.87
CA ILE A 84 7.10 -4.22 3.63
C ILE A 84 7.41 -3.49 4.93
N GLY A 85 8.07 -2.35 4.83
CA GLY A 85 8.41 -1.57 5.99
C GLY A 85 7.28 -0.66 6.44
N GLN A 86 6.80 0.17 5.50
CA GLN A 86 5.72 1.10 5.80
C GLN A 86 6.03 1.92 7.04
N ASP A 87 5.03 2.66 7.52
CA ASP A 87 5.20 3.50 8.70
C ASP A 87 6.28 4.54 8.49
N GLU A 88 6.13 5.35 7.44
CA GLU A 88 7.10 6.39 7.12
C GLU A 88 7.12 7.46 8.21
N ALA A 89 5.96 7.69 8.83
CA ALA A 89 5.85 8.69 9.88
C ALA A 89 6.10 10.09 9.34
N ASP A 90 6.23 11.06 10.24
CA ASP A 90 6.48 12.44 9.86
C ASP A 90 7.94 12.82 10.14
N ALA A 91 8.61 12.02 10.95
CA ALA A 91 10.00 12.28 11.30
C ALA A 91 10.94 11.68 10.26
N TYR A 92 10.37 11.15 9.19
CA TYR A 92 11.16 10.54 8.12
C TYR A 92 12.25 11.50 7.64
N ASP A 93 13.26 10.94 6.98
CA ASP A 93 14.37 11.74 6.47
C ASP A 93 15.37 10.86 5.71
N CYS A 94 16.29 11.50 5.01
CA CYS A 94 17.31 10.79 4.24
C CYS A 94 16.66 9.95 3.14
N ASP A 95 16.69 10.46 1.92
CA ASP A 95 16.12 9.76 0.77
C ASP A 95 16.84 10.14 -0.51
N ALA A 96 18.10 10.54 -0.39
CA ALA A 96 18.90 10.93 -1.54
C ALA A 96 19.40 9.70 -2.30
N ALA A 97 19.52 8.58 -1.59
CA ALA A 97 19.98 7.34 -2.20
C ALA A 97 19.16 6.99 -3.43
N LYS A 98 17.90 7.41 -3.43
CA LYS A 98 17.00 7.15 -4.56
C LYS A 98 17.05 8.28 -5.57
N ARG A 99 16.70 7.96 -6.82
CA ARG A 99 16.70 8.95 -7.89
C ARG A 99 16.03 8.41 -9.14
N GLY A 100 16.73 7.52 -9.85
CA GLY A 100 16.18 6.95 -11.06
C GLY A 100 16.44 7.79 -12.29
ZN ZN B . -8.59 8.31 -2.40
N GLY A 1 18.22 51.80 -9.33
CA GLY A 1 17.81 50.42 -9.46
C GLY A 1 18.71 49.46 -8.69
N SER A 2 18.09 48.55 -7.94
CA SER A 2 18.83 47.59 -7.14
C SER A 2 19.20 46.36 -7.96
N ARG A 3 18.28 45.96 -8.85
CA ARG A 3 18.50 44.79 -9.70
C ARG A 3 18.89 43.57 -8.85
N ARG A 4 17.90 42.97 -8.20
CA ARG A 4 18.13 41.79 -7.37
C ARG A 4 16.91 40.88 -7.37
N ALA A 5 17.01 39.76 -8.09
CA ALA A 5 15.92 38.81 -8.17
C ALA A 5 16.39 37.49 -8.78
N SER A 6 16.58 36.48 -7.93
CA SER A 6 17.04 35.17 -8.39
C SER A 6 16.42 34.06 -7.55
N VAL A 7 16.63 32.81 -7.97
CA VAL A 7 16.10 31.66 -7.26
C VAL A 7 17.02 30.46 -7.40
N GLY A 8 16.60 29.33 -6.84
CA GLY A 8 17.39 28.12 -6.92
C GLY A 8 17.06 27.28 -8.14
N SER A 9 16.84 25.99 -7.93
CA SER A 9 16.52 25.08 -9.02
C SER A 9 15.48 24.05 -8.58
N GLU A 10 14.79 23.47 -9.56
CA GLU A 10 13.76 22.47 -9.28
C GLU A 10 14.07 21.16 -9.98
N PHE A 11 13.93 20.05 -9.26
CA PHE A 11 14.20 18.74 -9.81
C PHE A 11 13.49 17.65 -8.99
N MET A 12 13.47 16.44 -9.54
CA MET A 12 12.84 15.31 -8.85
C MET A 12 13.88 14.34 -8.31
N VAL A 13 13.42 13.23 -7.75
CA VAL A 13 14.32 12.23 -7.20
C VAL A 13 14.54 11.09 -8.17
N VAL A 14 15.56 10.27 -7.92
CA VAL A 14 15.88 9.14 -8.78
C VAL A 14 15.51 7.83 -8.12
N ASP A 15 14.22 7.60 -7.93
CA ASP A 15 13.73 6.37 -7.31
C ASP A 15 12.35 6.01 -7.83
N VAL A 16 11.79 4.92 -7.31
CA VAL A 16 10.46 4.47 -7.72
C VAL A 16 9.76 3.74 -6.58
N THR A 17 10.17 4.04 -5.35
CA THR A 17 9.58 3.41 -4.17
C THR A 17 9.57 1.89 -4.30
N ILE A 18 8.89 1.23 -3.37
CA ILE A 18 8.81 -0.22 -3.39
C ILE A 18 7.46 -0.70 -3.93
N GLU A 19 7.46 -1.87 -4.55
CA GLU A 19 6.23 -2.43 -5.12
C GLU A 19 6.45 -3.87 -5.56
N ASP A 20 5.62 -4.77 -5.05
CA ASP A 20 5.72 -6.19 -5.40
C ASP A 20 4.39 -6.90 -5.18
N SER A 21 4.19 -7.98 -5.92
CA SER A 21 2.95 -8.75 -5.81
C SER A 21 3.20 -10.10 -5.13
N TYR A 22 2.95 -10.14 -3.82
CA TYR A 22 3.15 -11.35 -3.05
C TYR A 22 1.88 -12.19 -3.03
N SER A 23 0.74 -11.53 -3.16
CA SER A 23 -0.55 -12.22 -3.14
C SER A 23 -0.67 -13.16 -4.33
N THR A 24 -1.83 -13.80 -4.46
CA THR A 24 -2.08 -14.73 -5.55
C THR A 24 -2.95 -14.09 -6.63
N GLU A 25 -3.94 -13.32 -6.20
CA GLU A 25 -4.85 -12.65 -7.13
C GLU A 25 -5.00 -11.18 -6.77
N SER A 26 -5.62 -10.91 -5.63
CA SER A 26 -5.84 -9.55 -5.17
C SER A 26 -4.53 -8.78 -5.13
N ALA A 27 -4.56 -7.55 -5.65
CA ALA A 27 -3.37 -6.70 -5.68
C ALA A 27 -3.57 -5.44 -4.85
N TRP A 28 -2.47 -4.85 -4.42
CA TRP A 28 -2.53 -3.62 -3.61
C TRP A 28 -2.31 -2.39 -4.47
N VAL A 29 -3.20 -1.42 -4.33
CA VAL A 29 -3.12 -0.18 -5.10
C VAL A 29 -3.28 1.04 -4.20
N ARG A 30 -2.56 2.10 -4.53
CA ARG A 30 -2.62 3.34 -3.75
C ARG A 30 -3.36 4.43 -4.50
N CYS A 31 -4.15 5.22 -3.77
CA CYS A 31 -4.92 6.29 -4.38
C CYS A 31 -4.03 7.48 -4.71
N ASP A 32 -4.22 8.06 -5.89
CA ASP A 32 -3.43 9.21 -6.32
C ASP A 32 -4.16 10.51 -6.02
N ASP A 33 -4.94 10.52 -4.95
CA ASP A 33 -5.69 11.70 -4.55
C ASP A 33 -5.65 11.89 -3.05
N CYS A 34 -5.78 10.81 -2.30
CA CYS A 34 -5.75 10.85 -0.84
C CYS A 34 -4.58 10.06 -0.29
N PHE A 35 -3.92 9.30 -1.17
CA PHE A 35 -2.78 8.48 -0.77
C PHE A 35 -3.19 7.46 0.29
N LYS A 36 -3.94 6.46 -0.12
CA LYS A 36 -4.40 5.41 0.78
C LYS A 36 -4.36 4.05 0.11
N TRP A 37 -4.08 3.01 0.89
CA TRP A 37 -4.02 1.65 0.36
C TRP A 37 -5.42 1.13 0.03
N ARG A 38 -5.52 0.35 -1.03
CA ARG A 38 -6.80 -0.21 -1.46
C ARG A 38 -6.61 -1.58 -2.11
N ARG A 39 -7.30 -2.58 -1.58
CA ARG A 39 -7.22 -3.94 -2.11
C ARG A 39 -8.18 -4.13 -3.28
N ILE A 40 -7.64 -4.52 -4.42
CA ILE A 40 -8.46 -4.75 -5.61
C ILE A 40 -8.20 -6.13 -6.20
N PRO A 41 -9.21 -6.68 -6.89
CA PRO A 41 -9.12 -8.00 -7.52
C PRO A 41 -8.16 -8.00 -8.72
N ALA A 42 -7.64 -9.18 -9.04
CA ALA A 42 -6.71 -9.33 -10.16
C ALA A 42 -7.42 -9.07 -11.49
N SER A 43 -8.75 -9.02 -11.45
CA SER A 43 -9.54 -8.78 -12.65
C SER A 43 -9.48 -7.32 -13.06
N VAL A 44 -9.47 -6.43 -12.07
CA VAL A 44 -9.42 -5.00 -12.33
C VAL A 44 -7.98 -4.49 -12.35
N VAL A 45 -7.13 -5.13 -11.54
CA VAL A 45 -5.73 -4.75 -11.46
C VAL A 45 -5.06 -4.82 -12.84
N GLY A 46 -5.61 -5.66 -13.71
CA GLY A 46 -5.05 -5.81 -15.04
C GLY A 46 -5.83 -5.03 -16.09
N SER A 47 -6.53 -3.99 -15.64
CA SER A 47 -7.31 -3.15 -16.55
C SER A 47 -7.14 -1.68 -16.21
N ILE A 48 -7.13 -1.37 -14.91
CA ILE A 48 -6.98 0.01 -14.46
C ILE A 48 -5.55 0.51 -14.69
N ASP A 49 -4.64 -0.42 -14.93
CA ASP A 49 -3.24 -0.08 -15.18
C ASP A 49 -3.04 0.38 -16.62
N GLU A 50 -3.78 1.41 -17.02
CA GLU A 50 -3.68 1.93 -18.38
C GLU A 50 -2.88 3.23 -18.40
N SER A 51 -2.83 3.90 -17.25
CA SER A 51 -2.10 5.16 -17.13
C SER A 51 -1.27 5.19 -15.86
N SER A 52 -1.18 4.05 -15.18
CA SER A 52 -0.41 3.95 -13.95
C SER A 52 -1.03 4.82 -12.86
N ARG A 53 -2.30 5.17 -13.03
CA ARG A 53 -3.01 5.99 -12.07
C ARG A 53 -4.28 5.30 -11.59
N TRP A 54 -4.49 5.28 -10.28
CA TRP A 54 -5.68 4.66 -9.71
C TRP A 54 -6.18 5.46 -8.50
N ILE A 55 -7.50 5.43 -8.29
CA ILE A 55 -8.11 6.14 -7.18
C ILE A 55 -9.24 5.34 -6.56
N CYS A 56 -9.77 5.84 -5.45
CA CYS A 56 -10.85 5.16 -4.76
C CYS A 56 -12.10 5.08 -5.64
N MET A 57 -12.51 6.23 -6.18
CA MET A 57 -13.68 6.29 -7.04
C MET A 57 -13.51 5.38 -8.26
N ASN A 58 -12.26 5.06 -8.58
CA ASN A 58 -11.96 4.21 -9.72
C ASN A 58 -12.13 2.74 -9.36
N ASN A 59 -12.32 2.46 -8.07
CA ASN A 59 -12.51 1.10 -7.59
C ASN A 59 -13.69 0.43 -8.28
N SER A 60 -13.60 -0.87 -8.47
CA SER A 60 -14.67 -1.63 -9.12
C SER A 60 -15.88 -1.75 -8.22
N ASP A 61 -15.65 -1.65 -6.90
CA ASP A 61 -16.73 -1.74 -5.93
C ASP A 61 -17.66 -0.54 -6.04
N LYS A 62 -18.60 -0.45 -5.10
CA LYS A 62 -19.56 0.66 -5.09
C LYS A 62 -19.60 1.33 -3.71
N ARG A 63 -19.49 0.52 -2.67
CA ARG A 63 -19.52 1.04 -1.30
C ARG A 63 -18.12 1.49 -0.87
N PHE A 64 -17.10 0.95 -1.53
CA PHE A 64 -15.72 1.29 -1.21
C PHE A 64 -15.03 1.95 -2.40
N ALA A 65 -15.84 2.51 -3.30
CA ALA A 65 -15.31 3.18 -4.48
C ALA A 65 -15.47 4.69 -4.38
N ASP A 66 -14.71 5.30 -3.47
CA ASP A 66 -14.77 6.74 -3.28
C ASP A 66 -13.77 7.18 -2.20
N CYS A 67 -13.18 8.35 -2.41
CA CYS A 67 -12.20 8.89 -1.47
C CYS A 67 -12.84 9.16 -0.11
N SER A 68 -14.15 9.38 -0.12
CA SER A 68 -14.89 9.66 1.12
C SER A 68 -14.94 8.41 2.00
N LYS A 69 -14.85 7.24 1.37
CA LYS A 69 -14.89 5.98 2.10
C LYS A 69 -13.65 5.82 2.97
N SER A 70 -13.63 4.75 3.77
CA SER A 70 -12.50 4.49 4.65
C SER A 70 -11.53 3.50 4.02
N GLN A 71 -10.45 3.20 4.72
CA GLN A 71 -9.44 2.28 4.23
C GLN A 71 -9.92 0.83 4.34
N GLU A 72 -9.30 -0.06 3.57
CA GLU A 72 -9.68 -1.46 3.58
C GLU A 72 -9.08 -2.18 4.79
N MET A 73 -7.82 -1.89 5.07
CA MET A 73 -7.13 -2.51 6.20
C MET A 73 -6.17 -1.53 6.86
N SER A 74 -5.67 -1.88 8.04
CA SER A 74 -4.74 -1.02 8.77
C SER A 74 -3.32 -1.19 8.25
N ASN A 75 -2.46 -0.22 8.55
CA ASN A 75 -1.07 -0.25 8.11
C ASN A 75 -0.39 -1.54 8.58
N GLU A 76 -0.71 -1.96 9.80
CA GLU A 76 -0.12 -3.17 10.37
C GLU A 76 -0.48 -4.39 9.52
N GLU A 77 -1.77 -4.52 9.20
CA GLU A 77 -2.23 -5.64 8.39
C GLU A 77 -1.60 -5.62 7.00
N ILE A 78 -1.46 -4.42 6.44
CA ILE A 78 -0.87 -4.26 5.11
C ILE A 78 0.63 -4.59 5.14
N ASN A 79 1.32 -4.09 6.16
CA ASN A 79 2.74 -4.33 6.29
C ASN A 79 3.04 -5.81 6.45
N GLU A 80 2.24 -6.48 7.28
CA GLU A 80 2.42 -7.91 7.52
C GLU A 80 1.91 -8.73 6.34
N GLU A 81 0.92 -8.17 5.62
CA GLU A 81 0.34 -8.85 4.47
C GLU A 81 1.37 -8.97 3.34
N LEU A 82 1.95 -7.85 2.96
CA LEU A 82 2.95 -7.83 1.89
C LEU A 82 4.32 -8.29 2.41
N GLY A 83 4.56 -8.04 3.69
CA GLY A 83 5.83 -8.42 4.29
C GLY A 83 6.87 -7.33 4.20
N ILE A 84 6.42 -6.08 4.20
CA ILE A 84 7.33 -4.94 4.11
C ILE A 84 7.53 -4.30 5.49
N GLY A 85 8.24 -3.18 5.51
CA GLY A 85 8.50 -2.48 6.76
C GLY A 85 7.93 -1.08 6.76
N GLN A 86 6.62 -0.97 6.57
CA GLN A 86 5.95 0.33 6.55
C GLN A 86 6.31 1.13 7.80
N ASP A 87 6.15 2.45 7.71
CA ASP A 87 6.45 3.32 8.84
C ASP A 87 5.29 3.34 9.84
N GLU A 88 5.30 2.38 10.74
CA GLU A 88 4.26 2.28 11.76
C GLU A 88 4.59 3.14 12.97
N ALA A 89 5.86 3.17 13.35
CA ALA A 89 6.32 3.95 14.48
C ALA A 89 5.65 3.48 15.77
N ASP A 90 6.17 3.94 16.90
CA ASP A 90 5.62 3.57 18.21
C ASP A 90 5.06 4.78 18.93
N ALA A 91 5.61 5.96 18.62
CA ALA A 91 5.15 7.19 19.24
C ALA A 91 5.42 7.19 20.74
N TYR A 92 6.27 6.28 21.18
CA TYR A 92 6.60 6.16 22.60
C TYR A 92 7.22 7.45 23.11
N ASP A 93 7.42 7.52 24.43
CA ASP A 93 8.01 8.71 25.05
C ASP A 93 8.17 8.49 26.56
N CYS A 94 8.93 9.39 27.19
CA CYS A 94 9.17 9.30 28.62
C CYS A 94 8.06 10.00 29.40
N ASP A 95 6.83 9.55 29.20
CA ASP A 95 5.67 10.12 29.88
C ASP A 95 4.68 9.03 30.28
N ALA A 96 5.18 7.82 30.47
CA ALA A 96 4.33 6.70 30.86
C ALA A 96 3.55 7.01 32.12
N ALA A 97 4.08 7.90 32.95
CA ALA A 97 3.42 8.29 34.19
C ALA A 97 2.12 9.03 33.91
N LYS A 98 2.07 9.71 32.76
CA LYS A 98 0.88 10.46 32.38
C LYS A 98 0.61 11.59 33.36
N ARG A 99 1.02 12.81 32.99
CA ARG A 99 0.82 13.97 33.84
C ARG A 99 1.09 15.26 33.08
N GLY A 100 2.38 15.54 32.85
CA GLY A 100 2.75 16.74 32.13
C GLY A 100 3.33 17.81 33.04
ZN ZN B . -8.74 8.17 -2.42
N GLY A 1 34.06 1.09 45.71
CA GLY A 1 33.92 0.38 44.45
C GLY A 1 34.27 1.24 43.26
N SER A 2 34.39 0.63 42.09
CA SER A 2 34.72 1.35 40.86
C SER A 2 34.12 0.65 39.64
N ARG A 3 32.97 1.15 39.20
CA ARG A 3 32.29 0.57 38.05
C ARG A 3 33.23 0.51 36.84
N ARG A 4 32.94 -0.40 35.93
CA ARG A 4 33.76 -0.57 34.74
C ARG A 4 32.94 -1.14 33.58
N ALA A 5 33.29 -0.74 32.36
CA ALA A 5 32.58 -1.21 31.17
C ALA A 5 33.24 -0.70 29.90
N SER A 6 32.68 -1.07 28.76
CA SER A 6 33.22 -0.65 27.46
C SER A 6 32.30 -1.06 26.32
N VAL A 7 32.75 -0.86 25.10
CA VAL A 7 31.97 -1.21 23.92
C VAL A 7 30.52 -0.80 24.08
N GLY A 8 29.64 -1.34 23.24
CA GLY A 8 28.24 -1.01 23.30
C GLY A 8 27.38 -1.94 22.47
N SER A 9 27.06 -1.50 21.25
CA SER A 9 26.24 -2.30 20.34
C SER A 9 26.57 -1.98 18.89
N GLU A 10 25.87 -2.65 17.98
CA GLU A 10 26.10 -2.44 16.55
C GLU A 10 24.78 -2.43 15.79
N PHE A 11 24.85 -2.20 14.48
CA PHE A 11 23.66 -2.16 13.65
C PHE A 11 24.04 -2.07 12.17
N MET A 12 23.05 -2.25 11.29
CA MET A 12 23.28 -2.17 9.85
C MET A 12 21.96 -2.12 9.10
N VAL A 13 22.03 -1.84 7.80
CA VAL A 13 20.84 -1.75 6.96
C VAL A 13 20.18 -3.12 6.80
N VAL A 14 19.08 -3.15 6.07
CA VAL A 14 18.35 -4.40 5.84
C VAL A 14 17.79 -4.45 4.42
N ASP A 15 17.95 -5.60 3.77
CA ASP A 15 17.45 -5.78 2.41
C ASP A 15 18.14 -4.81 1.45
N VAL A 16 18.01 -5.08 0.15
CA VAL A 16 18.62 -4.23 -0.87
C VAL A 16 17.83 -4.31 -2.18
N THR A 17 16.56 -4.68 -2.08
CA THR A 17 15.71 -4.79 -3.25
C THR A 17 14.25 -4.47 -2.92
N ILE A 18 13.39 -4.56 -3.91
CA ILE A 18 11.97 -4.27 -3.71
C ILE A 18 11.13 -5.54 -3.87
N GLU A 19 9.95 -5.54 -3.26
CA GLU A 19 9.05 -6.69 -3.33
C GLU A 19 7.74 -6.41 -2.60
N ASP A 20 6.81 -5.78 -3.29
CA ASP A 20 5.51 -5.45 -2.71
C ASP A 20 4.39 -6.20 -3.42
N SER A 21 4.33 -7.51 -3.21
CA SER A 21 3.31 -8.34 -3.84
C SER A 21 3.45 -9.79 -3.41
N TYR A 22 2.93 -10.10 -2.22
CA TYR A 22 3.00 -11.46 -1.70
C TYR A 22 1.81 -12.29 -2.16
N SER A 23 0.65 -11.66 -2.24
CA SER A 23 -0.57 -12.34 -2.67
C SER A 23 -0.36 -13.02 -4.01
N THR A 24 -1.31 -13.88 -4.39
CA THR A 24 -1.22 -14.61 -5.64
C THR A 24 -2.21 -14.04 -6.67
N GLU A 25 -3.37 -13.62 -6.19
CA GLU A 25 -4.40 -13.05 -7.07
C GLU A 25 -4.66 -11.59 -6.73
N SER A 26 -5.30 -11.36 -5.58
CA SER A 26 -5.62 -10.01 -5.15
C SER A 26 -4.37 -9.15 -5.12
N ALA A 27 -4.50 -7.90 -5.60
CA ALA A 27 -3.39 -6.97 -5.62
C ALA A 27 -3.68 -5.73 -4.78
N TRP A 28 -2.64 -4.99 -4.44
CA TRP A 28 -2.78 -3.78 -3.64
C TRP A 28 -2.65 -2.53 -4.51
N VAL A 29 -3.55 -1.58 -4.31
CA VAL A 29 -3.54 -0.33 -5.07
C VAL A 29 -3.61 0.87 -4.15
N ARG A 30 -2.77 1.86 -4.41
CA ARG A 30 -2.74 3.08 -3.59
C ARG A 30 -3.38 4.24 -4.34
N CYS A 31 -4.16 5.05 -3.62
CA CYS A 31 -4.83 6.19 -4.20
C CYS A 31 -3.86 7.35 -4.42
N ASP A 32 -4.04 8.07 -5.53
CA ASP A 32 -3.17 9.20 -5.85
C ASP A 32 -3.85 10.51 -5.48
N ASP A 33 -4.59 10.50 -4.37
CA ASP A 33 -5.28 11.70 -3.90
C ASP A 33 -5.29 11.76 -2.38
N CYS A 34 -5.58 10.62 -1.74
CA CYS A 34 -5.64 10.54 -0.30
C CYS A 34 -4.55 9.60 0.24
N PHE A 35 -3.97 8.81 -0.66
CA PHE A 35 -2.93 7.87 -0.28
C PHE A 35 -3.47 6.81 0.67
N LYS A 36 -4.25 5.88 0.13
CA LYS A 36 -4.83 4.81 0.94
C LYS A 36 -4.76 3.47 0.20
N TRP A 37 -4.37 2.43 0.92
CA TRP A 37 -4.26 1.10 0.34
C TRP A 37 -5.64 0.51 0.06
N ARG A 38 -5.77 -0.15 -1.08
CA ARG A 38 -7.05 -0.76 -1.48
C ARG A 38 -6.82 -2.15 -2.07
N ARG A 39 -7.48 -3.15 -1.50
CA ARG A 39 -7.36 -4.51 -1.98
C ARG A 39 -8.34 -4.78 -3.12
N ILE A 40 -7.79 -5.11 -4.29
CA ILE A 40 -8.62 -5.40 -5.46
C ILE A 40 -8.26 -6.76 -6.06
N PRO A 41 -9.25 -7.37 -6.73
CA PRO A 41 -9.06 -8.68 -7.38
C PRO A 41 -8.14 -8.61 -8.58
N ALA A 42 -7.54 -9.74 -8.93
CA ALA A 42 -6.63 -9.81 -10.06
C ALA A 42 -7.39 -9.60 -11.38
N SER A 43 -8.71 -9.66 -11.30
CA SER A 43 -9.54 -9.48 -12.48
C SER A 43 -9.64 -8.00 -12.87
N VAL A 44 -9.71 -7.14 -11.86
CA VAL A 44 -9.80 -5.71 -12.08
C VAL A 44 -8.42 -5.06 -12.09
N VAL A 45 -7.49 -5.66 -11.36
CA VAL A 45 -6.13 -5.15 -11.27
C VAL A 45 -5.52 -4.99 -12.66
N GLY A 46 -6.02 -5.76 -13.61
CA GLY A 46 -5.51 -5.69 -14.98
C GLY A 46 -6.40 -4.86 -15.88
N SER A 47 -7.21 -4.00 -15.28
CA SER A 47 -8.13 -3.15 -16.05
C SER A 47 -8.09 -1.72 -15.53
N ILE A 48 -8.04 -1.57 -14.21
CA ILE A 48 -8.01 -0.25 -13.59
C ILE A 48 -6.71 0.48 -13.93
N ASP A 49 -5.66 -0.28 -14.19
CA ASP A 49 -4.36 0.29 -14.54
C ASP A 49 -4.39 0.90 -15.93
N GLU A 50 -4.92 2.12 -16.03
CA GLU A 50 -5.01 2.81 -17.31
C GLU A 50 -3.64 3.35 -17.73
N SER A 51 -2.77 3.58 -16.74
CA SER A 51 -1.44 4.10 -17.01
C SER A 51 -0.52 3.85 -15.83
N SER A 52 -0.93 4.33 -14.65
CA SER A 52 -0.14 4.17 -13.43
C SER A 52 -0.84 4.81 -12.25
N ARG A 53 -1.55 5.90 -12.50
CA ARG A 53 -2.27 6.60 -11.44
C ARG A 53 -3.63 5.97 -11.20
N TRP A 54 -3.93 5.70 -9.93
CA TRP A 54 -5.20 5.09 -9.57
C TRP A 54 -5.81 5.79 -8.35
N ILE A 55 -7.13 5.95 -8.36
CA ILE A 55 -7.83 6.60 -7.27
C ILE A 55 -8.97 5.73 -6.75
N CYS A 56 -9.55 6.13 -5.61
CA CYS A 56 -10.64 5.39 -5.01
C CYS A 56 -11.84 5.33 -5.96
N MET A 57 -12.25 6.48 -6.46
CA MET A 57 -13.38 6.56 -7.38
C MET A 57 -13.13 5.72 -8.62
N ASN A 58 -11.86 5.44 -8.90
CA ASN A 58 -11.48 4.64 -10.05
C ASN A 58 -11.63 3.16 -9.77
N ASN A 59 -11.87 2.82 -8.50
CA ASN A 59 -12.04 1.43 -8.09
C ASN A 59 -13.23 0.80 -8.81
N SER A 60 -13.18 -0.53 -8.96
CA SER A 60 -14.25 -1.26 -9.62
C SER A 60 -15.46 -1.40 -8.70
N ASP A 61 -15.21 -1.37 -7.40
CA ASP A 61 -16.27 -1.49 -6.41
C ASP A 61 -17.20 -0.28 -6.44
N LYS A 62 -18.09 -0.20 -5.47
CA LYS A 62 -19.03 0.92 -5.38
C LYS A 62 -18.99 1.56 -4.00
N ARG A 63 -19.09 0.74 -2.96
CA ARG A 63 -19.06 1.23 -1.59
C ARG A 63 -17.64 1.63 -1.19
N PHE A 64 -16.65 1.04 -1.85
CA PHE A 64 -15.26 1.32 -1.55
C PHE A 64 -14.58 2.02 -2.74
N ALA A 65 -15.39 2.62 -3.61
CA ALA A 65 -14.87 3.32 -4.77
C ALA A 65 -15.07 4.82 -4.66
N ASP A 66 -14.36 5.43 -3.71
CA ASP A 66 -14.47 6.87 -3.50
C ASP A 66 -13.55 7.31 -2.36
N CYS A 67 -12.98 8.52 -2.50
CA CYS A 67 -12.08 9.05 -1.49
C CYS A 67 -12.83 9.37 -0.20
N SER A 68 -14.14 9.56 -0.32
CA SER A 68 -14.98 9.87 0.83
C SER A 68 -15.08 8.68 1.77
N LYS A 69 -14.94 7.48 1.21
CA LYS A 69 -15.01 6.25 2.00
C LYS A 69 -13.78 6.10 2.89
N SER A 70 -13.67 4.96 3.55
CA SER A 70 -12.56 4.69 4.44
C SER A 70 -11.66 3.59 3.86
N GLN A 71 -10.61 3.26 4.61
CA GLN A 71 -9.68 2.22 4.18
C GLN A 71 -10.28 0.84 4.35
N GLU A 72 -9.68 -0.16 3.69
CA GLU A 72 -10.16 -1.53 3.77
C GLU A 72 -9.49 -2.27 4.93
N MET A 73 -8.19 -2.05 5.08
CA MET A 73 -7.42 -2.70 6.14
C MET A 73 -6.48 -1.71 6.82
N SER A 74 -5.92 -2.11 7.95
CA SER A 74 -5.01 -1.26 8.70
C SER A 74 -3.60 -1.33 8.12
N ASN A 75 -2.82 -0.27 8.33
CA ASN A 75 -1.45 -0.22 7.82
C ASN A 75 -0.67 -1.45 8.24
N GLU A 76 -0.79 -1.83 9.50
CA GLU A 76 -0.09 -2.99 10.02
C GLU A 76 -0.40 -4.23 9.19
N GLU A 77 -1.68 -4.45 8.92
CA GLU A 77 -2.11 -5.60 8.13
C GLU A 77 -1.45 -5.59 6.76
N ILE A 78 -1.61 -4.49 6.03
CA ILE A 78 -1.03 -4.36 4.71
C ILE A 78 0.48 -4.51 4.75
N ASN A 79 1.09 -4.00 5.82
CA ASN A 79 2.54 -4.09 5.98
C ASN A 79 2.99 -5.54 6.08
N GLU A 80 2.29 -6.32 6.89
CA GLU A 80 2.63 -7.73 7.07
C GLU A 80 2.25 -8.54 5.84
N GLU A 81 1.26 -8.06 5.10
CA GLU A 81 0.80 -8.74 3.89
C GLU A 81 1.86 -8.67 2.79
N LEU A 82 2.31 -7.46 2.50
CA LEU A 82 3.33 -7.24 1.46
C LEU A 82 4.72 -7.57 2.00
N GLY A 83 4.91 -7.38 3.30
CA GLY A 83 6.20 -7.66 3.91
C GLY A 83 7.13 -6.46 3.87
N ILE A 84 6.57 -5.27 3.93
CA ILE A 84 7.35 -4.04 3.89
C ILE A 84 7.43 -3.40 5.27
N GLY A 85 8.05 -2.22 5.34
CA GLY A 85 8.17 -1.52 6.61
C GLY A 85 7.44 -0.20 6.61
N GLN A 86 6.10 -0.26 6.53
CA GLN A 86 5.28 0.94 6.52
C GLN A 86 5.55 1.79 7.77
N ASP A 87 4.87 2.92 7.86
CA ASP A 87 5.03 3.83 8.99
C ASP A 87 4.15 3.38 10.16
N GLU A 88 4.30 2.13 10.58
CA GLU A 88 3.52 1.60 11.68
C GLU A 88 4.19 1.88 13.02
N ALA A 89 5.52 1.85 13.04
CA ALA A 89 6.29 2.11 14.25
C ALA A 89 6.47 3.61 14.46
N ASP A 90 7.32 3.96 15.41
CA ASP A 90 7.59 5.36 15.72
C ASP A 90 8.61 5.49 16.84
N ALA A 91 8.19 5.22 18.07
CA ALA A 91 9.07 5.30 19.23
C ALA A 91 9.84 4.00 19.42
N TYR A 92 11.05 3.94 18.90
CA TYR A 92 11.89 2.75 19.02
C TYR A 92 13.35 3.13 19.22
N ASP A 93 14.19 2.12 19.43
CA ASP A 93 15.62 2.35 19.63
C ASP A 93 15.86 3.35 20.75
N CYS A 94 15.98 2.84 21.98
CA CYS A 94 16.20 3.70 23.13
C CYS A 94 17.51 4.48 22.98
N ASP A 95 17.81 5.31 23.98
CA ASP A 95 19.02 6.11 23.96
C ASP A 95 19.63 6.21 25.36
N ALA A 96 18.78 6.42 26.35
CA ALA A 96 19.22 6.54 27.74
C ALA A 96 19.97 5.29 28.18
N ALA A 97 19.67 4.17 27.53
CA ALA A 97 20.32 2.90 27.86
C ALA A 97 21.82 2.97 27.57
N LYS A 98 22.18 3.68 26.52
CA LYS A 98 23.59 3.82 26.14
C LYS A 98 23.79 5.02 25.24
N ARG A 99 24.86 5.77 25.48
CA ARG A 99 25.16 6.95 24.69
C ARG A 99 25.56 6.57 23.26
N GLY A 100 26.58 5.73 23.15
CA GLY A 100 27.04 5.30 21.84
C GLY A 100 28.46 4.75 21.87
ZN ZN B . -8.63 8.20 -2.33
N GLY A 1 21.52 27.99 16.98
CA GLY A 1 22.31 26.81 16.72
C GLY A 1 21.54 25.75 15.95
N SER A 2 22.26 24.90 15.23
CA SER A 2 21.62 23.85 14.44
C SER A 2 21.66 22.52 15.20
N ARG A 3 20.61 21.72 15.01
CA ARG A 3 20.51 20.42 15.67
C ARG A 3 19.53 19.51 14.94
N ARG A 4 19.82 18.20 14.96
CA ARG A 4 18.97 17.24 14.29
C ARG A 4 19.20 15.84 14.86
N ALA A 5 18.19 14.99 14.76
CA ALA A 5 18.29 13.62 15.27
C ALA A 5 17.16 12.75 14.71
N SER A 6 17.54 11.79 13.86
CA SER A 6 16.56 10.89 13.25
C SER A 6 17.26 9.72 12.56
N VAL A 7 16.71 8.52 12.74
CA VAL A 7 17.27 7.32 12.15
C VAL A 7 17.11 7.33 10.63
N GLY A 8 17.86 6.47 9.96
CA GLY A 8 17.78 6.39 8.51
C GLY A 8 18.57 5.22 7.94
N SER A 9 19.48 5.51 7.03
CA SER A 9 20.30 4.47 6.41
C SER A 9 21.65 5.03 5.97
N GLU A 10 22.65 4.16 5.92
CA GLU A 10 24.00 4.56 5.52
C GLU A 10 24.66 3.47 4.68
N PHE A 11 25.71 3.85 3.96
CA PHE A 11 26.45 2.91 3.11
C PHE A 11 25.49 2.16 2.19
N MET A 12 26.01 1.13 1.52
CA MET A 12 25.20 0.33 0.61
C MET A 12 24.98 -1.07 1.17
N VAL A 13 25.09 -1.20 2.48
CA VAL A 13 24.89 -2.50 3.14
C VAL A 13 23.43 -2.92 3.09
N VAL A 14 23.18 -4.18 3.41
CA VAL A 14 21.82 -4.71 3.42
C VAL A 14 21.11 -4.40 2.10
N ASP A 15 21.28 -5.28 1.12
CA ASP A 15 20.65 -5.09 -0.18
C ASP A 15 20.23 -6.44 -0.77
N VAL A 16 19.10 -6.44 -1.47
CA VAL A 16 18.58 -7.65 -2.09
C VAL A 16 17.65 -7.33 -3.26
N THR A 17 17.83 -6.15 -3.84
CA THR A 17 17.01 -5.71 -4.96
C THR A 17 15.54 -5.86 -4.65
N ILE A 18 14.70 -5.67 -5.67
CA ILE A 18 13.25 -5.79 -5.51
C ILE A 18 12.72 -7.02 -6.22
N GLU A 19 11.57 -7.50 -5.76
CA GLU A 19 10.95 -8.68 -6.35
C GLU A 19 9.63 -9.02 -5.65
N ASP A 20 8.58 -8.31 -6.02
CA ASP A 20 7.26 -8.53 -5.43
C ASP A 20 6.18 -8.58 -6.51
N SER A 21 4.92 -8.57 -6.07
CA SER A 21 3.79 -8.62 -7.00
C SER A 21 3.81 -9.92 -7.80
N TYR A 22 4.52 -10.92 -7.29
CA TYR A 22 4.62 -12.21 -7.96
C TYR A 22 3.42 -13.09 -7.62
N SER A 23 3.41 -13.63 -6.41
CA SER A 23 2.32 -14.49 -5.96
C SER A 23 1.13 -13.66 -5.48
N THR A 24 0.11 -14.35 -4.98
CA THR A 24 -1.09 -13.68 -4.48
C THR A 24 -1.84 -13.00 -5.61
N GLU A 25 -2.95 -13.62 -6.03
CA GLU A 25 -3.76 -13.07 -7.12
C GLU A 25 -4.06 -11.58 -6.87
N SER A 26 -4.79 -11.31 -5.79
CA SER A 26 -5.15 -9.93 -5.45
C SER A 26 -3.91 -9.05 -5.38
N ALA A 27 -4.01 -7.85 -5.96
CA ALA A 27 -2.90 -6.91 -5.96
C ALA A 27 -3.22 -5.69 -5.10
N TRP A 28 -2.18 -5.00 -4.66
CA TRP A 28 -2.35 -3.80 -3.83
C TRP A 28 -2.11 -2.54 -4.65
N VAL A 29 -3.08 -1.62 -4.59
CA VAL A 29 -2.98 -0.36 -5.33
C VAL A 29 -3.15 0.83 -4.40
N ARG A 30 -2.44 1.92 -4.70
CA ARG A 30 -2.52 3.13 -3.89
C ARG A 30 -3.24 4.24 -4.64
N CYS A 31 -4.01 5.03 -3.90
CA CYS A 31 -4.77 6.13 -4.50
C CYS A 31 -3.84 7.30 -4.82
N ASP A 32 -4.10 7.95 -5.95
CA ASP A 32 -3.29 9.10 -6.37
C ASP A 32 -3.93 10.41 -5.93
N ASP A 33 -4.53 10.40 -4.74
CA ASP A 33 -5.17 11.59 -4.20
C ASP A 33 -5.01 11.66 -2.68
N CYS A 34 -5.18 10.52 -2.02
CA CYS A 34 -5.05 10.46 -0.57
C CYS A 34 -3.94 9.50 -0.17
N PHE A 35 -3.45 8.73 -1.13
CA PHE A 35 -2.39 7.76 -0.89
C PHE A 35 -2.85 6.69 0.10
N LYS A 36 -3.93 6.00 -0.25
CA LYS A 36 -4.48 4.95 0.60
C LYS A 36 -4.36 3.59 -0.07
N TRP A 37 -4.14 2.56 0.73
CA TRP A 37 -4.00 1.20 0.21
C TRP A 37 -5.37 0.61 -0.15
N ARG A 38 -5.43 -0.09 -1.28
CA ARG A 38 -6.68 -0.70 -1.73
C ARG A 38 -6.41 -2.09 -2.31
N ARG A 39 -7.11 -3.09 -1.77
CA ARG A 39 -6.96 -4.47 -2.23
C ARG A 39 -7.90 -4.75 -3.38
N ILE A 40 -7.34 -5.01 -4.56
CA ILE A 40 -8.14 -5.30 -5.74
C ILE A 40 -7.74 -6.65 -6.34
N PRO A 41 -8.70 -7.29 -7.04
CA PRO A 41 -8.48 -8.59 -7.68
C PRO A 41 -7.54 -8.50 -8.87
N ALA A 42 -6.88 -9.61 -9.19
CA ALA A 42 -5.95 -9.66 -10.31
C ALA A 42 -6.68 -9.47 -11.63
N SER A 43 -8.00 -9.58 -11.60
CA SER A 43 -8.82 -9.43 -12.80
C SER A 43 -8.95 -7.96 -13.18
N VAL A 44 -9.07 -7.10 -12.17
CA VAL A 44 -9.20 -5.67 -12.40
C VAL A 44 -7.85 -4.98 -12.39
N VAL A 45 -6.91 -5.53 -11.63
CA VAL A 45 -5.56 -4.98 -11.55
C VAL A 45 -4.93 -4.84 -12.92
N GLY A 46 -5.39 -5.67 -13.86
CA GLY A 46 -4.85 -5.63 -15.21
C GLY A 46 -5.73 -4.86 -16.16
N SER A 47 -6.57 -3.98 -15.61
CA SER A 47 -7.48 -3.18 -16.43
C SER A 47 -7.50 -1.74 -15.95
N ILE A 48 -7.50 -1.55 -14.64
CA ILE A 48 -7.51 -0.21 -14.06
C ILE A 48 -6.15 0.46 -14.19
N ASP A 49 -5.13 -0.33 -14.51
CA ASP A 49 -3.78 0.18 -14.66
C ASP A 49 -3.49 0.54 -16.12
N GLU A 50 -4.49 1.10 -16.80
CA GLU A 50 -4.35 1.48 -18.19
C GLU A 50 -4.17 2.99 -18.33
N SER A 51 -4.47 3.72 -17.26
CA SER A 51 -4.34 5.16 -17.25
C SER A 51 -3.06 5.60 -16.54
N SER A 52 -2.23 4.62 -16.17
CA SER A 52 -0.99 4.90 -15.47
C SER A 52 -1.26 5.53 -14.10
N ARG A 53 -2.46 5.29 -13.58
CA ARG A 53 -2.84 5.84 -12.27
C ARG A 53 -4.08 5.13 -11.73
N TRP A 54 -4.46 5.47 -10.50
CA TRP A 54 -5.62 4.87 -9.87
C TRP A 54 -6.03 5.66 -8.63
N ILE A 55 -7.33 5.65 -8.34
CA ILE A 55 -7.85 6.36 -7.17
C ILE A 55 -8.99 5.58 -6.53
N CYS A 56 -9.52 6.13 -5.43
CA CYS A 56 -10.61 5.50 -4.71
C CYS A 56 -11.87 5.46 -5.57
N MET A 57 -12.27 6.62 -6.07
CA MET A 57 -13.47 6.72 -6.90
C MET A 57 -13.33 5.85 -8.15
N ASN A 58 -12.10 5.48 -8.48
CA ASN A 58 -11.85 4.64 -9.65
C ASN A 58 -12.01 3.16 -9.31
N ASN A 59 -12.17 2.87 -8.02
CA ASN A 59 -12.34 1.50 -7.56
C ASN A 59 -13.49 0.82 -8.28
N SER A 60 -13.47 -0.51 -8.29
CA SER A 60 -14.51 -1.29 -8.95
C SER A 60 -15.75 -1.39 -8.07
N ASP A 61 -15.55 -1.36 -6.77
CA ASP A 61 -16.65 -1.44 -5.81
C ASP A 61 -17.52 -0.19 -5.87
N LYS A 62 -18.53 -0.14 -5.02
CA LYS A 62 -19.43 1.00 -4.97
C LYS A 62 -19.47 1.62 -3.58
N ARG A 63 -19.35 0.77 -2.55
CA ARG A 63 -19.36 1.23 -1.18
C ARG A 63 -17.95 1.60 -0.70
N PHE A 64 -16.95 1.20 -1.50
CA PHE A 64 -15.57 1.47 -1.17
C PHE A 64 -14.85 2.14 -2.34
N ALA A 65 -15.59 2.93 -3.11
CA ALA A 65 -15.03 3.62 -4.27
C ALA A 65 -15.12 5.13 -4.09
N ASP A 66 -14.33 5.67 -3.17
CA ASP A 66 -14.32 7.10 -2.91
C ASP A 66 -13.26 7.45 -1.86
N CYS A 67 -12.72 8.67 -1.97
CA CYS A 67 -11.71 9.12 -1.03
C CYS A 67 -12.30 9.36 0.36
N SER A 68 -13.62 9.37 0.43
CA SER A 68 -14.32 9.58 1.70
C SER A 68 -14.45 8.27 2.47
N LYS A 69 -14.84 7.21 1.77
CA LYS A 69 -15.00 5.90 2.39
C LYS A 69 -13.79 5.55 3.25
N SER A 70 -14.03 4.85 4.35
CA SER A 70 -12.96 4.45 5.25
C SER A 70 -12.09 3.37 4.61
N GLN A 71 -10.78 3.47 4.85
CA GLN A 71 -9.83 2.51 4.31
C GLN A 71 -10.30 1.08 4.57
N GLU A 72 -9.96 0.17 3.64
CA GLU A 72 -10.34 -1.22 3.77
C GLU A 72 -9.71 -1.85 5.01
N MET A 73 -8.38 -1.87 5.05
CA MET A 73 -7.65 -2.44 6.18
C MET A 73 -6.69 -1.41 6.78
N SER A 74 -6.20 -1.71 7.97
CA SER A 74 -5.26 -0.81 8.66
C SER A 74 -3.84 -1.00 8.14
N ASN A 75 -3.01 0.00 8.36
CA ASN A 75 -1.62 -0.05 7.91
C ASN A 75 -0.94 -1.34 8.38
N GLU A 76 -1.15 -1.69 9.65
CA GLU A 76 -0.57 -2.89 10.22
C GLU A 76 -0.91 -4.11 9.38
N GLU A 77 -2.20 -4.25 9.05
CA GLU A 77 -2.67 -5.38 8.26
C GLU A 77 -1.96 -5.43 6.91
N ILE A 78 -2.03 -4.33 6.17
CA ILE A 78 -1.38 -4.24 4.87
C ILE A 78 0.12 -4.51 4.97
N ASN A 79 0.72 -4.04 6.07
CA ASN A 79 2.14 -4.24 6.28
C ASN A 79 2.49 -5.72 6.42
N GLU A 80 1.69 -6.43 7.20
CA GLU A 80 1.91 -7.86 7.41
C GLU A 80 1.55 -8.66 6.16
N GLU A 81 0.64 -8.11 5.37
CA GLU A 81 0.19 -8.77 4.14
C GLU A 81 1.30 -8.77 3.09
N LEU A 82 1.84 -7.58 2.82
CA LEU A 82 2.90 -7.45 1.83
C LEU A 82 4.25 -7.87 2.42
N GLY A 83 4.39 -7.70 3.73
CA GLY A 83 5.63 -8.08 4.40
C GLY A 83 6.65 -6.96 4.40
N ILE A 84 6.17 -5.72 4.44
CA ILE A 84 7.04 -4.56 4.45
C ILE A 84 7.11 -3.93 5.84
N GLY A 85 7.81 -2.80 5.94
CA GLY A 85 7.93 -2.11 7.21
C GLY A 85 7.29 -0.74 7.20
N GLN A 86 5.97 -0.70 6.99
CA GLN A 86 5.25 0.57 6.95
C GLN A 86 5.54 1.39 8.19
N ASP A 87 5.09 2.65 8.18
CA ASP A 87 5.29 3.55 9.30
C ASP A 87 4.26 3.29 10.40
N GLU A 88 4.25 2.07 10.92
CA GLU A 88 3.31 1.70 11.97
C GLU A 88 3.80 2.18 13.34
N ALA A 89 5.12 2.23 13.51
CA ALA A 89 5.71 2.67 14.76
C ALA A 89 5.31 1.75 15.92
N ASP A 90 6.09 0.71 16.14
CA ASP A 90 5.82 -0.24 17.21
C ASP A 90 6.97 -1.22 17.38
N ALA A 91 7.09 -2.15 16.44
CA ALA A 91 8.16 -3.15 16.50
C ALA A 91 9.43 -2.62 15.83
N TYR A 92 10.31 -2.04 16.63
CA TYR A 92 11.57 -1.51 16.13
C TYR A 92 12.71 -1.77 17.10
N ASP A 93 13.94 -1.59 16.62
CA ASP A 93 15.12 -1.82 17.44
C ASP A 93 15.10 -3.21 18.07
N CYS A 94 15.26 -4.23 17.25
CA CYS A 94 15.25 -5.61 17.71
C CYS A 94 15.87 -6.54 16.69
N ASP A 95 16.37 -7.68 17.16
CA ASP A 95 17.00 -8.66 16.27
C ASP A 95 16.83 -10.07 16.82
N ALA A 96 15.71 -10.30 17.51
CA ALA A 96 15.43 -11.61 18.09
C ALA A 96 15.05 -12.61 17.01
N ALA A 97 14.52 -12.11 15.91
CA ALA A 97 14.10 -12.96 14.80
C ALA A 97 15.30 -13.54 14.07
N LYS A 98 16.42 -12.82 14.11
CA LYS A 98 17.64 -13.27 13.46
C LYS A 98 17.41 -13.53 11.98
N ARG A 99 18.45 -13.95 11.28
CA ARG A 99 18.35 -14.23 9.85
C ARG A 99 17.57 -15.52 9.61
N GLY A 100 18.01 -16.60 10.24
CA GLY A 100 17.34 -17.88 10.08
C GLY A 100 18.23 -19.06 10.44
ZN ZN B . -8.31 8.39 -2.37
N GLY A 1 -3.09 16.17 -46.87
CA GLY A 1 -2.76 15.01 -46.06
C GLY A 1 -1.75 15.32 -44.98
N SER A 2 -0.96 14.32 -44.61
CA SER A 2 0.05 14.48 -43.57
C SER A 2 1.18 15.38 -44.05
N ARG A 3 2.06 15.76 -43.13
CA ARG A 3 3.19 16.62 -43.46
C ARG A 3 4.20 16.65 -42.32
N ARG A 4 5.32 17.33 -42.55
CA ARG A 4 6.38 17.43 -41.54
C ARG A 4 6.80 16.05 -41.06
N ALA A 5 7.65 16.02 -40.04
CA ALA A 5 8.15 14.76 -39.48
C ALA A 5 8.50 14.92 -38.01
N SER A 6 9.15 16.02 -37.67
CA SER A 6 9.56 16.29 -36.29
C SER A 6 10.53 15.23 -35.80
N VAL A 7 11.21 15.52 -34.70
CA VAL A 7 12.18 14.59 -34.12
C VAL A 7 12.23 14.72 -32.61
N GLY A 8 12.94 13.80 -31.96
CA GLY A 8 13.06 13.83 -30.52
C GLY A 8 13.98 12.76 -29.99
N SER A 9 13.98 12.58 -28.67
CA SER A 9 14.83 11.57 -28.04
C SER A 9 14.17 11.02 -26.77
N GLU A 10 14.17 9.70 -26.64
CA GLU A 10 13.57 9.05 -25.49
C GLU A 10 14.58 8.16 -24.77
N PHE A 11 14.15 7.54 -23.68
CA PHE A 11 15.02 6.65 -22.91
C PHE A 11 16.33 7.36 -22.56
N MET A 12 16.29 8.20 -21.53
CA MET A 12 17.48 8.94 -21.10
C MET A 12 18.54 7.98 -20.55
N VAL A 13 19.69 8.53 -20.19
CA VAL A 13 20.78 7.73 -19.65
C VAL A 13 20.44 7.18 -18.27
N VAL A 14 20.98 6.01 -17.95
CA VAL A 14 20.73 5.38 -16.66
C VAL A 14 19.27 4.99 -16.52
N ASP A 15 19.00 4.00 -15.68
CA ASP A 15 17.64 3.54 -15.44
C ASP A 15 17.48 3.00 -14.03
N VAL A 16 16.57 3.60 -13.27
CA VAL A 16 16.33 3.18 -11.89
C VAL A 16 14.85 3.34 -11.53
N THR A 17 14.00 2.54 -12.16
CA THR A 17 12.57 2.60 -11.91
C THR A 17 12.14 1.47 -10.97
N ILE A 18 10.90 1.54 -10.50
CA ILE A 18 10.36 0.53 -9.60
C ILE A 18 9.07 -0.07 -10.15
N GLU A 19 8.77 -1.30 -9.72
CA GLU A 19 7.57 -1.99 -10.17
C GLU A 19 7.35 -3.28 -9.39
N ASP A 20 6.17 -3.44 -8.83
CA ASP A 20 5.84 -4.63 -8.06
C ASP A 20 4.33 -4.74 -7.84
N SER A 21 3.58 -4.74 -8.94
CA SER A 21 2.13 -4.84 -8.88
C SER A 21 1.66 -6.26 -9.16
N TYR A 22 0.35 -6.43 -9.32
CA TYR A 22 -0.22 -7.74 -9.60
C TYR A 22 0.10 -8.72 -8.47
N SER A 23 -0.37 -9.96 -8.63
CA SER A 23 -0.13 -10.99 -7.62
C SER A 23 -0.71 -12.33 -8.07
N THR A 24 -2.04 -12.43 -8.06
CA THR A 24 -2.72 -13.65 -8.46
C THR A 24 -4.22 -13.42 -8.61
N GLU A 25 -4.90 -13.21 -7.49
CA GLU A 25 -6.34 -12.97 -7.49
C GLU A 25 -6.67 -11.62 -6.87
N SER A 26 -5.66 -10.97 -6.29
CA SER A 26 -5.85 -9.67 -5.68
C SER A 26 -4.52 -8.94 -5.52
N ALA A 27 -4.53 -7.63 -5.79
CA ALA A 27 -3.33 -6.82 -5.69
C ALA A 27 -3.58 -5.57 -4.86
N TRP A 28 -2.50 -4.94 -4.39
CA TRP A 28 -2.61 -3.74 -3.58
C TRP A 28 -2.39 -2.50 -4.43
N VAL A 29 -3.28 -1.51 -4.29
CA VAL A 29 -3.18 -0.27 -5.04
C VAL A 29 -3.34 0.94 -4.13
N ARG A 30 -2.62 2.01 -4.43
CA ARG A 30 -2.69 3.23 -3.64
C ARG A 30 -3.41 4.33 -4.40
N CYS A 31 -4.19 5.12 -3.68
CA CYS A 31 -4.94 6.22 -4.28
C CYS A 31 -4.03 7.40 -4.60
N ASP A 32 -4.29 8.06 -5.73
CA ASP A 32 -3.49 9.20 -6.14
C ASP A 32 -4.19 10.51 -5.78
N ASP A 33 -4.95 10.49 -4.69
CA ASP A 33 -5.67 11.67 -4.24
C ASP A 33 -5.61 11.81 -2.72
N CYS A 34 -5.83 10.69 -2.02
CA CYS A 34 -5.80 10.68 -0.57
C CYS A 34 -4.62 9.86 -0.05
N PHE A 35 -3.98 9.13 -0.97
CA PHE A 35 -2.84 8.30 -0.60
C PHE A 35 -3.23 7.26 0.45
N LYS A 36 -4.00 6.26 0.03
CA LYS A 36 -4.44 5.21 0.93
C LYS A 36 -4.41 3.85 0.24
N TRP A 37 -4.11 2.81 1.00
CA TRP A 37 -4.05 1.45 0.47
C TRP A 37 -5.44 0.93 0.15
N ARG A 38 -5.55 0.19 -0.95
CA ARG A 38 -6.83 -0.37 -1.36
C ARG A 38 -6.64 -1.74 -2.02
N ARG A 39 -7.33 -2.74 -1.49
CA ARG A 39 -7.23 -4.10 -2.02
C ARG A 39 -8.20 -4.29 -3.19
N ILE A 40 -7.67 -4.70 -4.33
CA ILE A 40 -8.49 -4.93 -5.52
C ILE A 40 -8.22 -6.30 -6.11
N PRO A 41 -9.23 -6.85 -6.81
CA PRO A 41 -9.14 -8.18 -7.45
C PRO A 41 -8.18 -8.18 -8.63
N ALA A 42 -7.63 -9.35 -8.94
CA ALA A 42 -6.70 -9.49 -10.05
C ALA A 42 -7.40 -9.25 -11.39
N SER A 43 -8.73 -9.22 -11.35
CA SER A 43 -9.52 -9.00 -12.56
C SER A 43 -9.51 -7.53 -12.95
N VAL A 44 -9.54 -6.65 -11.95
CA VAL A 44 -9.54 -5.21 -12.20
C VAL A 44 -8.12 -4.66 -12.19
N VAL A 45 -7.25 -5.29 -11.40
CA VAL A 45 -5.85 -4.86 -11.31
C VAL A 45 -5.19 -4.82 -12.69
N GLY A 46 -5.72 -5.62 -13.61
CA GLY A 46 -5.17 -5.66 -14.96
C GLY A 46 -5.98 -4.84 -15.94
N SER A 47 -6.75 -3.90 -15.42
CA SER A 47 -7.60 -3.05 -16.27
C SER A 47 -7.48 -1.58 -15.84
N ILE A 48 -7.44 -1.35 -14.54
CA ILE A 48 -7.32 0.01 -14.02
C ILE A 48 -5.97 0.63 -14.39
N ASP A 49 -5.01 -0.22 -14.71
CA ASP A 49 -3.68 0.25 -15.09
C ASP A 49 -3.67 0.78 -16.52
N GLU A 50 -4.48 1.82 -16.76
CA GLU A 50 -4.55 2.41 -18.09
C GLU A 50 -3.30 3.21 -18.41
N SER A 51 -2.70 3.81 -17.38
CA SER A 51 -1.49 4.61 -17.56
C SER A 51 -0.48 4.29 -16.46
N SER A 52 -0.74 4.80 -15.26
CA SER A 52 0.15 4.59 -14.13
C SER A 52 -0.39 5.28 -12.87
N ARG A 53 -1.68 5.11 -12.62
CA ARG A 53 -2.31 5.71 -11.45
C ARG A 53 -3.61 4.99 -11.10
N TRP A 54 -4.18 5.34 -9.95
CA TRP A 54 -5.41 4.71 -9.50
C TRP A 54 -6.03 5.50 -8.34
N ILE A 55 -7.35 5.55 -8.31
CA ILE A 55 -8.06 6.27 -7.24
C ILE A 55 -9.18 5.43 -6.66
N CYS A 56 -9.72 5.87 -5.54
CA CYS A 56 -10.82 5.15 -4.88
C CYS A 56 -12.01 5.01 -5.81
N MET A 57 -12.45 6.13 -6.39
CA MET A 57 -13.58 6.14 -7.29
C MET A 57 -13.33 5.22 -8.48
N ASN A 58 -12.06 4.93 -8.73
CA ASN A 58 -11.69 4.06 -9.85
C ASN A 58 -11.77 2.59 -9.45
N ASN A 59 -11.98 2.35 -8.16
CA ASN A 59 -12.08 0.99 -7.64
C ASN A 59 -13.21 0.23 -8.32
N SER A 60 -13.04 -1.07 -8.49
CA SER A 60 -14.04 -1.91 -9.13
C SER A 60 -15.28 -2.04 -8.25
N ASP A 61 -15.08 -1.91 -6.95
CA ASP A 61 -16.19 -2.01 -5.99
C ASP A 61 -17.13 -0.81 -6.13
N LYS A 62 -18.04 -0.68 -5.17
CA LYS A 62 -19.01 0.42 -5.19
C LYS A 62 -19.05 1.11 -3.82
N ARG A 63 -19.24 0.31 -2.78
CA ARG A 63 -19.31 0.85 -1.43
C ARG A 63 -17.93 1.33 -0.96
N PHE A 64 -16.89 0.81 -1.59
CA PHE A 64 -15.52 1.18 -1.24
C PHE A 64 -14.82 1.83 -2.43
N ALA A 65 -15.61 2.37 -3.36
CA ALA A 65 -15.05 3.02 -4.54
C ALA A 65 -15.28 4.53 -4.49
N ASP A 66 -14.58 5.19 -3.56
CA ASP A 66 -14.69 6.63 -3.41
C ASP A 66 -13.75 7.14 -2.31
N CYS A 67 -13.17 8.31 -2.54
CA CYS A 67 -12.24 8.90 -1.58
C CYS A 67 -12.96 9.22 -0.27
N SER A 68 -14.26 9.40 -0.34
CA SER A 68 -15.07 9.71 0.84
C SER A 68 -15.03 8.56 1.83
N LYS A 69 -14.91 7.35 1.32
CA LYS A 69 -14.86 6.16 2.16
C LYS A 69 -13.53 6.07 2.91
N SER A 70 -13.50 5.28 3.97
CA SER A 70 -12.29 5.11 4.77
C SER A 70 -11.48 3.92 4.28
N GLN A 71 -10.27 3.77 4.81
CA GLN A 71 -9.39 2.67 4.43
C GLN A 71 -10.09 1.33 4.63
N GLU A 72 -9.55 0.29 3.99
CA GLU A 72 -10.12 -1.05 4.09
C GLU A 72 -9.46 -1.84 5.22
N MET A 73 -8.15 -1.70 5.33
CA MET A 73 -7.39 -2.40 6.36
C MET A 73 -6.40 -1.46 7.04
N SER A 74 -5.85 -1.90 8.17
CA SER A 74 -4.89 -1.09 8.91
C SER A 74 -3.49 -1.22 8.33
N ASN A 75 -2.65 -0.23 8.59
CA ASN A 75 -1.27 -0.24 8.08
C ASN A 75 -0.56 -1.52 8.47
N GLU A 76 -0.70 -1.91 9.73
CA GLU A 76 -0.06 -3.13 10.22
C GLU A 76 -0.43 -4.33 9.37
N GLU A 77 -1.73 -4.48 9.09
CA GLU A 77 -2.22 -5.58 8.29
C GLU A 77 -1.56 -5.57 6.91
N ILE A 78 -1.67 -4.45 6.21
CA ILE A 78 -1.09 -4.32 4.88
C ILE A 78 0.42 -4.55 4.91
N ASN A 79 1.06 -4.11 5.99
CA ASN A 79 2.49 -4.28 6.15
C ASN A 79 2.87 -5.75 6.21
N GLU A 80 2.14 -6.51 7.01
CA GLU A 80 2.39 -7.94 7.17
C GLU A 80 1.96 -8.71 5.92
N GLU A 81 1.00 -8.15 5.20
CA GLU A 81 0.50 -8.79 3.97
C GLU A 81 1.55 -8.74 2.87
N LEU A 82 2.06 -7.55 2.59
CA LEU A 82 3.08 -7.36 1.56
C LEU A 82 4.46 -7.78 2.08
N GLY A 83 4.66 -7.62 3.38
CA GLY A 83 5.94 -7.99 3.98
C GLY A 83 6.93 -6.84 3.96
N ILE A 84 6.42 -5.61 4.04
CA ILE A 84 7.27 -4.43 4.03
C ILE A 84 7.38 -3.82 5.43
N GLY A 85 8.06 -2.67 5.52
CA GLY A 85 8.23 -2.01 6.79
C GLY A 85 7.54 -0.66 6.83
N GLN A 86 6.23 -0.66 6.64
CA GLN A 86 5.46 0.58 6.67
C GLN A 86 5.74 1.38 7.93
N ASP A 87 5.45 2.68 7.89
CA ASP A 87 5.67 3.56 9.03
C ASP A 87 4.46 3.55 9.96
N GLU A 88 4.02 2.36 10.35
CA GLU A 88 2.88 2.23 11.24
C GLU A 88 3.14 2.93 12.57
N ALA A 89 4.37 2.84 13.04
CA ALA A 89 4.75 3.46 14.31
C ALA A 89 3.79 3.07 15.42
N ASP A 90 3.23 1.87 15.33
CA ASP A 90 2.29 1.36 16.32
C ASP A 90 3.00 0.42 17.30
N ALA A 91 4.05 -0.23 16.82
CA ALA A 91 4.82 -1.16 17.64
C ALA A 91 3.96 -2.36 18.06
N TYR A 92 2.84 -2.54 17.38
CA TYR A 92 1.93 -3.63 17.66
C TYR A 92 1.50 -3.61 19.13
N ASP A 93 0.76 -4.63 19.55
CA ASP A 93 0.29 -4.73 20.93
C ASP A 93 -0.50 -6.01 21.13
N CYS A 94 -0.17 -6.74 22.20
CA CYS A 94 -0.86 -7.99 22.51
C CYS A 94 -0.47 -8.48 23.91
N ASP A 95 -1.13 -9.55 24.35
CA ASP A 95 -0.86 -10.12 25.66
C ASP A 95 0.19 -11.21 25.58
N ALA A 96 0.23 -11.90 24.44
CA ALA A 96 1.20 -12.97 24.23
C ALA A 96 2.62 -12.48 24.42
N ALA A 97 2.82 -11.18 24.24
CA ALA A 97 4.14 -10.58 24.39
C ALA A 97 4.75 -10.94 25.74
N LYS A 98 3.89 -11.16 26.73
CA LYS A 98 4.35 -11.51 28.08
C LYS A 98 3.39 -12.52 28.73
N ARG A 99 3.73 -12.96 29.93
CA ARG A 99 2.92 -13.92 30.65
C ARG A 99 1.66 -13.26 31.20
N GLY A 100 1.84 -12.09 31.82
CA GLY A 100 0.71 -11.37 32.40
C GLY A 100 0.04 -12.14 33.52
ZN ZN B . -8.78 8.11 -2.37
N GLY A 1 4.14 25.28 35.00
CA GLY A 1 4.07 23.87 34.66
C GLY A 1 5.21 23.42 33.79
N SER A 2 5.34 22.12 33.60
CA SER A 2 6.41 21.56 32.79
C SER A 2 6.29 20.04 32.68
N ARG A 3 5.55 19.58 31.68
CA ARG A 3 5.35 18.15 31.47
C ARG A 3 5.83 17.73 30.09
N ARG A 4 6.92 16.98 30.06
CA ARG A 4 7.49 16.51 28.80
C ARG A 4 8.15 15.15 28.97
N ALA A 5 7.78 14.20 28.11
CA ALA A 5 8.33 12.85 28.17
C ALA A 5 7.89 12.03 26.98
N SER A 6 8.63 10.96 26.69
CA SER A 6 8.32 10.09 25.56
C SER A 6 9.04 8.75 25.70
N VAL A 7 8.36 7.68 25.33
CA VAL A 7 8.93 6.34 25.41
C VAL A 7 8.35 5.43 24.33
N GLY A 8 8.91 4.23 24.21
CA GLY A 8 8.46 3.29 23.21
C GLY A 8 8.98 1.89 23.45
N SER A 9 8.65 0.98 22.53
CA SER A 9 9.09 -0.41 22.65
C SER A 9 9.59 -0.93 21.31
N GLU A 10 10.63 -1.78 21.37
CA GLU A 10 11.20 -2.35 20.17
C GLU A 10 10.67 -3.75 19.91
N PHE A 11 10.01 -3.93 18.77
CA PHE A 11 9.44 -5.23 18.41
C PHE A 11 8.82 -5.19 17.01
N MET A 12 8.96 -6.27 16.27
CA MET A 12 8.41 -6.35 14.92
C MET A 12 7.97 -7.79 14.60
N VAL A 13 7.25 -7.94 13.49
CA VAL A 13 6.77 -9.24 13.08
C VAL A 13 7.84 -10.01 12.30
N VAL A 14 7.49 -11.20 11.82
CA VAL A 14 8.42 -12.02 11.06
C VAL A 14 7.76 -12.53 9.77
N ASP A 15 8.21 -12.00 8.64
CA ASP A 15 7.67 -12.39 7.35
C ASP A 15 8.77 -12.37 6.28
N VAL A 16 8.80 -13.41 5.46
CA VAL A 16 9.79 -13.53 4.40
C VAL A 16 9.22 -14.21 3.16
N THR A 17 8.18 -13.59 2.58
CA THR A 17 7.53 -14.13 1.40
C THR A 17 6.88 -13.03 0.57
N ILE A 18 7.41 -12.80 -0.62
CA ILE A 18 6.89 -11.78 -1.51
C ILE A 18 5.58 -12.24 -2.16
N GLU A 19 4.76 -11.27 -2.56
CA GLU A 19 3.48 -11.58 -3.20
C GLU A 19 2.75 -10.30 -3.59
N ASP A 20 3.16 -9.69 -4.70
CA ASP A 20 2.54 -8.47 -5.18
C ASP A 20 2.71 -8.32 -6.68
N SER A 21 2.23 -7.20 -7.23
CA SER A 21 2.33 -6.94 -8.66
C SER A 21 1.66 -8.06 -9.45
N TYR A 22 1.73 -7.96 -10.78
CA TYR A 22 1.13 -8.95 -11.66
C TYR A 22 -0.35 -9.15 -11.33
N SER A 23 -0.96 -10.13 -11.99
CA SER A 23 -2.38 -10.42 -11.76
C SER A 23 -2.58 -11.90 -11.47
N THR A 24 -3.01 -12.21 -10.26
CA THR A 24 -3.25 -13.58 -9.85
C THR A 24 -4.63 -13.74 -9.21
N GLU A 25 -4.82 -13.13 -8.05
CA GLU A 25 -6.08 -13.20 -7.35
C GLU A 25 -6.48 -11.84 -6.78
N SER A 26 -5.49 -11.12 -6.25
CA SER A 26 -5.73 -9.80 -5.67
C SER A 26 -4.42 -9.03 -5.53
N ALA A 27 -4.49 -7.73 -5.76
CA ALA A 27 -3.32 -6.86 -5.66
C ALA A 27 -3.62 -5.62 -4.84
N TRP A 28 -2.57 -4.89 -4.47
CA TRP A 28 -2.72 -3.68 -3.68
C TRP A 28 -2.56 -2.43 -4.55
N VAL A 29 -3.41 -1.44 -4.31
CA VAL A 29 -3.36 -0.20 -5.08
C VAL A 29 -3.46 1.01 -4.16
N ARG A 30 -2.66 2.04 -4.45
CA ARG A 30 -2.66 3.26 -3.65
C ARG A 30 -3.35 4.39 -4.40
N CYS A 31 -4.11 5.21 -3.66
CA CYS A 31 -4.83 6.33 -4.25
C CYS A 31 -3.87 7.49 -4.52
N ASP A 32 -4.05 8.13 -5.67
CA ASP A 32 -3.21 9.27 -6.04
C ASP A 32 -3.91 10.59 -5.73
N ASP A 33 -4.64 10.61 -4.62
CA ASP A 33 -5.35 11.81 -4.20
C ASP A 33 -5.36 11.93 -2.67
N CYS A 34 -5.59 10.82 -1.99
CA CYS A 34 -5.62 10.79 -0.54
C CYS A 34 -4.53 9.89 0.02
N PHE A 35 -3.92 9.09 -0.86
CA PHE A 35 -2.85 8.19 -0.45
C PHE A 35 -3.36 7.16 0.56
N LYS A 36 -4.07 6.15 0.05
CA LYS A 36 -4.61 5.11 0.92
C LYS A 36 -4.56 3.75 0.21
N TRP A 37 -4.22 2.71 0.97
CA TRP A 37 -4.13 1.36 0.42
C TRP A 37 -5.51 0.81 0.12
N ARG A 38 -5.64 0.12 -1.02
CA ARG A 38 -6.90 -0.45 -1.43
C ARG A 38 -6.70 -1.84 -2.05
N ARG A 39 -7.38 -2.84 -1.49
CA ARG A 39 -7.26 -4.20 -1.99
C ARG A 39 -8.25 -4.45 -3.14
N ILE A 40 -7.71 -4.86 -4.29
CA ILE A 40 -8.53 -5.13 -5.45
C ILE A 40 -8.24 -6.51 -6.03
N PRO A 41 -9.23 -7.10 -6.70
CA PRO A 41 -9.10 -8.42 -7.33
C PRO A 41 -8.17 -8.42 -8.52
N ALA A 42 -7.58 -9.57 -8.81
CA ALA A 42 -6.66 -9.70 -9.95
C ALA A 42 -7.39 -9.49 -11.27
N SER A 43 -8.72 -9.51 -11.22
CA SER A 43 -9.53 -9.32 -12.41
C SER A 43 -9.57 -7.85 -12.82
N VAL A 44 -9.63 -6.97 -11.83
CA VAL A 44 -9.67 -5.53 -12.09
C VAL A 44 -8.27 -4.93 -12.09
N VAL A 45 -7.37 -5.55 -11.34
CA VAL A 45 -5.99 -5.08 -11.26
C VAL A 45 -5.35 -4.97 -12.64
N GLY A 46 -5.87 -5.76 -13.57
CA GLY A 46 -5.34 -5.74 -14.93
C GLY A 46 -6.21 -4.94 -15.87
N SER A 47 -7.00 -4.02 -15.31
CA SER A 47 -7.89 -3.19 -16.11
C SER A 47 -7.81 -1.73 -15.66
N ILE A 48 -7.74 -1.53 -14.35
CA ILE A 48 -7.66 -0.18 -13.79
C ILE A 48 -6.35 0.50 -14.18
N ASP A 49 -5.35 -0.31 -14.48
CA ASP A 49 -4.04 0.22 -14.88
C ASP A 49 -4.04 0.65 -16.34
N GLU A 50 -4.31 1.93 -16.57
CA GLU A 50 -4.34 2.46 -17.93
C GLU A 50 -3.07 3.25 -18.23
N SER A 51 -2.48 3.83 -17.20
CA SER A 51 -1.25 4.62 -17.36
C SER A 51 -0.25 4.29 -16.26
N SER A 52 -0.52 4.79 -15.06
CA SER A 52 0.36 4.55 -13.92
C SER A 52 -0.18 5.23 -12.66
N ARG A 53 -1.51 5.26 -12.54
CA ARG A 53 -2.15 5.87 -11.39
C ARG A 53 -3.46 5.17 -11.06
N TRP A 54 -4.04 5.51 -9.91
CA TRP A 54 -5.30 4.90 -9.48
C TRP A 54 -5.89 5.67 -8.31
N ILE A 55 -7.23 5.72 -8.26
CA ILE A 55 -7.93 6.42 -7.19
C ILE A 55 -9.07 5.58 -6.64
N CYS A 56 -9.57 5.98 -5.47
CA CYS A 56 -10.67 5.27 -4.83
C CYS A 56 -11.88 5.17 -5.76
N MET A 57 -12.29 6.31 -6.31
CA MET A 57 -13.43 6.35 -7.22
C MET A 57 -13.20 5.46 -8.43
N ASN A 58 -11.93 5.15 -8.70
CA ASN A 58 -11.57 4.29 -9.82
C ASN A 58 -11.67 2.82 -9.44
N ASN A 59 -11.84 2.56 -8.15
CA ASN A 59 -11.95 1.19 -7.66
C ASN A 59 -13.08 0.45 -8.37
N SER A 60 -12.99 -0.88 -8.38
CA SER A 60 -13.99 -1.72 -9.02
C SER A 60 -15.23 -1.85 -8.13
N ASP A 61 -15.02 -1.71 -6.83
CA ASP A 61 -16.12 -1.82 -5.88
C ASP A 61 -17.10 -0.65 -6.04
N LYS A 62 -18.07 -0.58 -5.12
CA LYS A 62 -19.06 0.49 -5.17
C LYS A 62 -19.16 1.20 -3.81
N ARG A 63 -19.04 0.42 -2.74
CA ARG A 63 -19.12 0.97 -1.39
C ARG A 63 -17.76 1.46 -0.93
N PHE A 64 -16.70 0.94 -1.55
CA PHE A 64 -15.34 1.33 -1.21
C PHE A 64 -14.63 1.99 -2.39
N ALA A 65 -15.43 2.51 -3.31
CA ALA A 65 -14.89 3.17 -4.50
C ALA A 65 -15.10 4.68 -4.44
N ASP A 66 -14.40 5.33 -3.52
CA ASP A 66 -14.51 6.78 -3.35
C ASP A 66 -13.58 7.27 -2.25
N CYS A 67 -13.00 8.45 -2.46
CA CYS A 67 -12.09 9.03 -1.48
C CYS A 67 -12.81 9.35 -0.18
N SER A 68 -14.13 9.53 -0.27
CA SER A 68 -14.93 9.84 0.91
C SER A 68 -15.06 8.62 1.82
N LYS A 69 -14.94 7.44 1.23
CA LYS A 69 -15.04 6.19 1.98
C LYS A 69 -13.84 6.01 2.90
N SER A 70 -13.79 4.88 3.59
CA SER A 70 -12.69 4.59 4.51
C SER A 70 -11.77 3.51 3.94
N GLN A 71 -10.74 3.15 4.69
CA GLN A 71 -9.79 2.14 4.27
C GLN A 71 -10.40 0.74 4.39
N GLU A 72 -9.76 -0.23 3.75
CA GLU A 72 -10.24 -1.61 3.78
C GLU A 72 -9.53 -2.40 4.88
N MET A 73 -8.24 -2.13 5.05
CA MET A 73 -7.44 -2.82 6.07
C MET A 73 -6.55 -1.83 6.81
N SER A 74 -6.00 -2.28 7.94
CA SER A 74 -5.14 -1.43 8.75
C SER A 74 -3.71 -1.43 8.20
N ASN A 75 -2.99 -0.34 8.44
CA ASN A 75 -1.63 -0.21 7.97
C ASN A 75 -0.78 -1.40 8.38
N GLU A 76 -1.00 -1.89 9.59
CA GLU A 76 -0.27 -3.03 10.11
C GLU A 76 -0.56 -4.28 9.28
N GLU A 77 -1.84 -4.54 9.03
CA GLU A 77 -2.24 -5.70 8.25
C GLU A 77 -1.63 -5.66 6.85
N ILE A 78 -1.65 -4.48 6.24
CA ILE A 78 -1.09 -4.30 4.90
C ILE A 78 0.42 -4.50 4.90
N ASN A 79 1.10 -3.80 5.81
CA ASN A 79 2.55 -3.89 5.92
C ASN A 79 2.99 -5.35 6.06
N GLU A 80 2.28 -6.09 6.91
CA GLU A 80 2.60 -7.50 7.14
C GLU A 80 2.14 -8.36 5.97
N GLU A 81 1.07 -7.91 5.30
CA GLU A 81 0.53 -8.64 4.16
C GLU A 81 1.55 -8.74 3.03
N LEU A 82 2.10 -7.59 2.64
CA LEU A 82 3.09 -7.54 1.57
C LEU A 82 4.49 -7.83 2.10
N GLY A 83 4.71 -7.48 3.37
CA GLY A 83 6.01 -7.71 3.98
C GLY A 83 6.94 -6.53 3.82
N ILE A 84 6.38 -5.32 3.82
CA ILE A 84 7.17 -4.11 3.67
C ILE A 84 7.34 -3.39 5.01
N GLY A 85 7.97 -2.22 4.97
CA GLY A 85 8.18 -1.45 6.18
C GLY A 85 7.45 -0.12 6.15
N GLN A 86 6.13 -0.17 6.03
CA GLN A 86 5.32 1.04 5.99
C GLN A 86 5.62 1.94 7.19
N ASP A 87 5.08 3.16 7.16
CA ASP A 87 5.29 4.10 8.24
C ASP A 87 4.33 3.85 9.40
N GLU A 88 4.49 2.69 10.04
CA GLU A 88 3.63 2.33 11.16
C GLU A 88 3.76 3.33 12.30
N ALA A 89 4.93 3.95 12.40
CA ALA A 89 5.19 4.93 13.45
C ALA A 89 5.09 4.30 14.84
N ASP A 90 5.23 5.13 15.87
CA ASP A 90 5.15 4.65 17.25
C ASP A 90 3.75 4.11 17.56
N ALA A 91 2.78 5.03 17.61
CA ALA A 91 1.41 4.65 17.91
C ALA A 91 0.49 5.87 17.89
N TYR A 92 1.03 7.01 18.31
CA TYR A 92 0.26 8.25 18.35
C TYR A 92 -1.00 8.08 19.20
N ASP A 93 -1.84 9.10 19.20
CA ASP A 93 -3.09 9.08 19.96
C ASP A 93 -2.80 8.89 21.45
N CYS A 94 -3.86 8.74 22.24
CA CYS A 94 -3.73 8.56 23.68
C CYS A 94 -4.29 7.19 24.10
N ASP A 95 -3.57 6.52 24.99
CA ASP A 95 -4.00 5.21 25.47
C ASP A 95 -4.23 4.25 24.32
N ALA A 96 -3.33 4.27 23.33
CA ALA A 96 -3.45 3.41 22.17
C ALA A 96 -3.16 1.96 22.54
N ALA A 97 -2.40 1.76 23.62
CA ALA A 97 -2.07 0.42 24.08
C ALA A 97 -3.32 -0.42 24.28
N LYS A 98 -4.37 0.19 24.82
CA LYS A 98 -5.63 -0.49 25.07
C LYS A 98 -6.29 -0.91 23.76
N ARG A 99 -7.20 -1.87 23.84
CA ARG A 99 -7.90 -2.36 22.65
C ARG A 99 -7.00 -3.26 21.82
N GLY A 100 -5.85 -2.72 21.43
CA GLY A 100 -4.90 -3.49 20.62
C GLY A 100 -4.79 -2.97 19.20
ZN ZN B . -8.65 8.24 -2.36
#